data_1UV6
#
_entry.id   1UV6
#
_cell.length_a   140.900
_cell.length_b   140.900
_cell.length_c   240.412
_cell.angle_alpha   90.00
_cell.angle_beta   90.00
_cell.angle_gamma   90.00
#
_symmetry.space_group_name_H-M   'P 43 21 2'
#
loop_
_entity.id
_entity.type
_entity.pdbx_description
1 polymer 'ACETYLCHOLINE-BINDING PROTEIN'
2 non-polymer 2-[(AMINOCARBONYL)OXY]-N,N,N-TRIMETHYLETHANAMINIUM
3 water water
#
_entity_poly.entity_id   1
_entity_poly.type   'polypeptide(L)'
_entity_poly.pdbx_seq_one_letter_code
;LDRADILYNIRQTSRPDVIPTQRDRPVAVSVSLKFINILEVNEITNEVDVVFWQQTTWSDRTLAWNSSHSPDQVSVPISS
LWVPDLAAYNAISKPEVLTPQLARVVSDGEVLYMPSIRQRFSCDVSGVDTESGATCRIKIGSWTHHSREISVDPTTENSD
DSEYFSQYSRFEILDVTQKKNSVTYSCCPEAYEDVEVSLNFRKKGRSEIL
;
_entity_poly.pdbx_strand_id   A,B,C,D,E,F,G,H,I,J
#
loop_
_chem_comp.id
_chem_comp.type
_chem_comp.name
_chem_comp.formula
CCE non-polymer 2-[(AMINOCARBONYL)OXY]-N,N,N-TRIMETHYLETHANAMINIUM 'C6 H15 N2 O2 1'
#
# COMPACT_ATOMS: atom_id res chain seq x y z
N LEU A 1 15.34 23.46 -5.73
CA LEU A 1 14.13 22.65 -5.55
C LEU A 1 12.95 23.54 -5.80
N ASP A 2 11.88 23.01 -6.35
CA ASP A 2 10.65 23.78 -6.43
C ASP A 2 9.73 23.40 -5.27
N ARG A 3 8.61 24.10 -5.15
CA ARG A 3 7.65 23.91 -4.07
C ARG A 3 7.17 22.46 -4.01
N ALA A 4 6.90 21.85 -5.16
CA ALA A 4 6.37 20.48 -5.18
C ALA A 4 7.37 19.47 -4.58
N ASP A 5 8.65 19.66 -4.91
CA ASP A 5 9.72 18.79 -4.43
C ASP A 5 9.89 18.91 -2.94
N ILE A 6 9.87 20.15 -2.45
CA ILE A 6 10.04 20.39 -1.02
C ILE A 6 8.91 19.73 -0.24
N LEU A 7 7.68 19.86 -0.72
CA LEU A 7 6.51 19.31 0.00
C LEU A 7 6.42 17.79 -0.09
N TYR A 8 6.88 17.23 -1.22
CA TYR A 8 7.03 15.79 -1.39
C TYR A 8 8.03 15.25 -0.35
N ASN A 9 9.20 15.88 -0.28
CA ASN A 9 10.24 15.44 0.62
C ASN A 9 9.78 15.46 2.07
N ILE A 10 9.11 16.54 2.44
CA ILE A 10 8.59 16.69 3.78
C ILE A 10 7.55 15.60 4.06
N ARG A 11 6.60 15.43 3.17
CA ARG A 11 5.55 14.44 3.34
C ARG A 11 6.11 13.03 3.47
N GLN A 12 7.13 12.73 2.68
CA GLN A 12 7.73 11.40 2.63
C GLN A 12 8.59 11.06 3.83
N THR A 13 9.17 12.06 4.45
CA THR A 13 10.19 11.83 5.50
C THR A 13 9.85 12.47 6.81
N SER A 14 8.81 13.28 6.85
CA SER A 14 8.52 13.92 8.10
C SER A 14 7.99 12.79 9.01
N ARG A 15 8.29 12.91 10.32
CA ARG A 15 7.94 11.92 11.31
C ARG A 15 7.08 12.65 12.34
N PRO A 16 5.77 12.75 12.10
CA PRO A 16 4.89 13.56 12.98
C PRO A 16 4.84 13.10 14.43
N ASP A 17 5.10 11.84 14.67
CA ASP A 17 5.15 11.26 16.00
C ASP A 17 6.50 11.59 16.75
N VAL A 18 7.43 12.19 16.05
CA VAL A 18 8.76 12.34 16.59
C VAL A 18 9.13 13.81 16.93
N ILE A 19 9.17 14.08 18.23
CA ILE A 19 9.63 15.37 18.73
C ILE A 19 11.05 15.63 18.21
N PRO A 20 11.26 16.75 17.49
CA PRO A 20 12.55 17.04 16.83
C PRO A 20 13.54 17.59 17.84
N THR A 21 13.85 16.74 18.78
CA THR A 21 14.86 17.01 19.79
C THR A 21 16.25 17.02 19.12
N GLN A 22 17.09 18.00 19.45
CA GLN A 22 18.51 18.03 19.05
C GLN A 22 19.38 17.93 20.29
N ARG A 23 20.31 16.97 20.34
CA ARG A 23 21.10 16.68 21.56
C ARG A 23 20.14 16.16 22.66
N ASP A 24 20.56 16.27 23.91
CA ASP A 24 19.63 16.21 25.07
C ASP A 24 18.82 17.53 25.27
N ARG A 25 18.85 18.45 24.31
CA ARG A 25 18.22 19.75 24.48
C ARG A 25 16.70 19.68 24.22
N PRO A 26 15.94 20.43 25.00
CA PRO A 26 14.50 20.52 24.80
C PRO A 26 14.22 21.26 23.52
N VAL A 27 13.09 20.96 22.91
CA VAL A 27 12.60 21.75 21.78
C VAL A 27 11.98 23.03 22.33
N ALA A 28 12.56 24.14 21.90
CA ALA A 28 12.10 25.47 22.35
C ALA A 28 10.84 25.85 21.57
N VAL A 29 9.70 25.74 22.22
CA VAL A 29 8.42 26.16 21.63
C VAL A 29 7.97 27.51 22.18
N SER A 30 7.76 28.49 21.31
CA SER A 30 7.29 29.78 21.79
C SER A 30 5.79 29.88 21.51
N VAL A 31 5.08 30.46 22.46
CA VAL A 31 3.64 30.56 22.43
C VAL A 31 3.23 32.00 22.73
N SER A 32 2.28 32.49 21.98
CA SER A 32 1.79 33.84 22.17
C SER A 32 0.37 33.93 21.65
N LEU A 33 -0.56 34.34 22.52
CA LEU A 33 -1.98 34.49 22.17
C LEU A 33 -2.27 35.93 21.78
N LYS A 34 -2.88 36.10 20.61
CA LYS A 34 -3.37 37.40 20.17
C LYS A 34 -4.88 37.31 20.18
N PHE A 35 -5.52 38.07 21.04
CA PHE A 35 -6.95 37.98 21.19
C PHE A 35 -7.66 38.73 20.07
N ILE A 36 -8.65 38.07 19.50
CA ILE A 36 -9.46 38.59 18.43
C ILE A 36 -10.83 38.99 18.95
N ASN A 37 -11.39 38.17 19.83
CA ASN A 37 -12.73 38.42 20.33
C ASN A 37 -12.99 37.81 21.69
N ILE A 38 -13.93 38.42 22.40
CA ILE A 38 -14.47 37.89 23.65
C ILE A 38 -15.97 37.87 23.43
N LEU A 39 -16.53 36.68 23.32
CA LEU A 39 -17.88 36.48 22.81
C LEU A 39 -18.95 36.31 23.88
N GLU A 40 -18.56 35.71 24.98
CA GLU A 40 -19.51 35.45 26.04
C GLU A 40 -18.76 35.36 27.35
N VAL A 41 -19.37 35.94 28.34
CA VAL A 41 -18.80 36.05 29.66
C VAL A 41 -19.91 35.80 30.68
N ASN A 42 -19.55 35.11 31.76
CA ASN A 42 -20.46 34.81 32.85
C ASN A 42 -19.72 35.00 34.18
N GLU A 43 -20.07 36.06 34.89
CA GLU A 43 -19.41 36.39 36.16
C GLU A 43 -19.80 35.41 37.28
N ILE A 44 -21.00 34.84 37.16
CA ILE A 44 -21.53 33.88 38.12
C ILE A 44 -20.80 32.55 38.01
N THR A 45 -20.70 31.98 36.81
CA THR A 45 -20.01 30.68 36.59
C THR A 45 -18.49 30.78 36.38
N ASN A 46 -17.98 32.00 36.27
CA ASN A 46 -16.56 32.23 36.01
C ASN A 46 -16.12 31.48 34.74
N GLU A 47 -16.88 31.70 33.68
CA GLU A 47 -16.62 31.08 32.40
C GLU A 47 -16.53 32.15 31.33
N VAL A 48 -15.65 31.91 30.38
CA VAL A 48 -15.35 32.87 29.34
C VAL A 48 -15.26 32.14 28.01
N ASP A 49 -15.68 32.81 26.96
CA ASP A 49 -15.70 32.26 25.61
C ASP A 49 -14.97 33.27 24.72
N VAL A 50 -13.97 32.77 24.03
CA VAL A 50 -12.92 33.64 23.54
C VAL A 50 -12.41 33.12 22.17
N VAL A 51 -12.01 34.05 21.31
CA VAL A 51 -11.37 33.71 20.05
C VAL A 51 -9.99 34.37 20.03
N PHE A 52 -8.97 33.58 19.79
CA PHE A 52 -7.60 34.04 19.76
C PHE A 52 -6.76 33.31 18.70
N TRP A 53 -5.71 33.97 18.21
CA TRP A 53 -4.73 33.35 17.36
C TRP A 53 -3.67 32.80 18.25
N GLN A 54 -3.36 31.51 18.14
CA GLN A 54 -2.39 30.88 19.03
C GLN A 54 -1.09 30.74 18.28
N GLN A 55 -0.30 31.79 18.30
CA GLN A 55 0.92 31.83 17.52
C GLN A 55 1.99 30.93 18.19
N THR A 56 2.30 29.86 17.48
CA THR A 56 3.17 28.82 17.97
C THR A 56 4.34 28.70 17.04
N THR A 57 5.52 28.69 17.61
CA THR A 57 6.76 28.71 16.83
C THR A 57 7.76 27.72 17.39
N TRP A 58 8.45 27.00 16.53
CA TRP A 58 9.47 26.05 16.96
C TRP A 58 10.37 25.63 15.80
N SER A 59 11.40 24.89 16.11
CA SER A 59 12.38 24.42 15.15
C SER A 59 12.31 22.92 14.94
N ASP A 60 12.31 22.51 13.68
CA ASP A 60 12.47 21.11 13.28
C ASP A 60 13.48 21.02 12.12
N ARG A 61 14.74 20.72 12.45
CA ARG A 61 15.84 20.72 11.49
C ARG A 61 15.64 19.70 10.35
N THR A 62 14.81 18.68 10.58
CA THR A 62 14.61 17.61 9.58
C THR A 62 13.80 18.09 8.42
N LEU A 63 13.16 19.23 8.57
CA LEU A 63 12.33 19.79 7.50
C LEU A 63 13.13 20.67 6.57
N ALA A 64 14.36 20.99 6.96
CA ALA A 64 15.18 21.99 6.29
C ALA A 64 15.58 21.56 4.90
N TRP A 65 15.73 22.54 4.02
CA TRP A 65 16.22 22.30 2.68
C TRP A 65 17.17 23.43 2.30
N ASN A 66 18.01 23.15 1.30
CA ASN A 66 18.87 24.14 0.69
C ASN A 66 18.03 25.15 -0.14
N SER A 67 18.01 26.40 0.30
CA SER A 67 17.23 27.46 -0.37
C SER A 67 18.03 28.28 -1.38
N SER A 68 19.00 27.68 -2.04
CA SER A 68 19.87 28.40 -2.97
C SER A 68 19.05 28.98 -4.12
N HIS A 69 18.42 28.10 -4.89
CA HIS A 69 17.56 28.51 -6.00
C HIS A 69 16.18 27.93 -5.75
N SER A 70 15.64 28.27 -4.60
CA SER A 70 14.42 27.63 -4.13
C SER A 70 13.64 28.59 -3.28
N PRO A 71 12.34 28.34 -3.13
CA PRO A 71 11.53 29.16 -2.23
C PRO A 71 12.04 29.12 -0.77
N ASP A 72 11.92 30.26 -0.09
CA ASP A 72 12.35 30.42 1.28
C ASP A 72 11.38 29.68 2.23
N GLN A 73 10.12 29.56 1.80
CA GLN A 73 9.04 29.09 2.66
C GLN A 73 7.98 28.33 1.90
N VAL A 74 7.38 27.36 2.58
CA VAL A 74 6.20 26.70 2.05
C VAL A 74 5.17 26.54 3.15
N SER A 75 3.90 26.39 2.73
CA SER A 75 2.79 26.05 3.60
C SER A 75 2.57 24.56 3.54
N VAL A 76 2.41 23.94 4.69
CA VAL A 76 2.38 22.49 4.85
C VAL A 76 1.24 22.09 5.79
N PRO A 77 0.45 21.09 5.44
CA PRO A 77 -0.59 20.58 6.36
C PRO A 77 0.06 20.09 7.64
N ILE A 78 -0.52 20.41 8.79
CA ILE A 78 0.07 20.03 10.06
C ILE A 78 0.06 18.53 10.30
N SER A 79 -0.82 17.82 9.63
CA SER A 79 -0.77 16.38 9.64
C SER A 79 0.55 15.81 9.11
N SER A 80 1.29 16.56 8.29
CA SER A 80 2.63 16.11 7.81
C SER A 80 3.81 16.57 8.69
N LEU A 81 3.51 17.23 9.81
CA LEU A 81 4.55 17.74 10.68
C LEU A 81 4.36 17.26 12.09
N TRP A 82 5.44 17.17 12.84
CA TRP A 82 5.34 17.12 14.27
C TRP A 82 4.92 18.49 14.75
N VAL A 83 3.98 18.50 15.68
CA VAL A 83 3.40 19.67 16.30
C VAL A 83 3.47 19.49 17.83
N PRO A 84 3.83 20.51 18.58
CA PRO A 84 3.86 20.36 20.03
C PRO A 84 2.43 20.05 20.53
N ASP A 85 2.36 19.16 21.52
CA ASP A 85 1.11 18.76 22.14
C ASP A 85 0.64 19.76 23.22
N LEU A 86 0.50 21.02 22.83
CA LEU A 86 0.06 22.07 23.73
C LEU A 86 -1.40 21.88 24.07
N ALA A 87 -1.72 22.15 25.33
CA ALA A 87 -3.10 22.23 25.81
C ALA A 87 -3.26 23.40 26.78
N ALA A 88 -4.41 24.03 26.74
CA ALA A 88 -4.76 25.01 27.75
C ALA A 88 -5.34 24.29 28.96
N TYR A 89 -4.65 24.34 30.09
CA TYR A 89 -5.04 23.62 31.31
C TYR A 89 -6.40 23.93 31.87
N ASN A 90 -6.79 25.17 31.75
CA ASN A 90 -8.07 25.63 32.32
C ASN A 90 -9.17 25.74 31.27
N ALA A 91 -8.98 25.06 30.14
CA ALA A 91 -10.02 24.94 29.12
C ALA A 91 -11.14 24.01 29.57
N ILE A 92 -12.35 24.35 29.19
CA ILE A 92 -13.53 23.55 29.50
C ILE A 92 -14.26 23.15 28.23
N SER A 93 -13.67 23.45 27.08
CA SER A 93 -14.15 22.90 25.82
C SER A 93 -12.96 22.58 24.93
N LYS A 94 -13.17 21.72 23.97
CA LYS A 94 -12.04 21.43 23.07
C LYS A 94 -11.86 22.60 22.09
N PRO A 95 -10.62 22.87 21.72
CA PRO A 95 -10.32 23.99 20.85
C PRO A 95 -11.07 23.81 19.54
N GLU A 96 -11.88 24.79 19.18
CA GLU A 96 -12.55 24.85 17.88
C GLU A 96 -11.58 25.61 16.97
N VAL A 97 -10.93 24.89 16.07
CA VAL A 97 -10.00 25.51 15.14
C VAL A 97 -10.76 26.07 13.98
N LEU A 98 -10.71 27.39 13.78
CA LEU A 98 -11.52 28.10 12.79
C LEU A 98 -10.85 28.21 11.44
N THR A 99 -9.54 28.07 11.41
CA THR A 99 -8.77 28.35 10.22
C THR A 99 -8.24 27.06 9.60
N PRO A 100 -7.77 27.15 8.35
CA PRO A 100 -7.11 26.00 7.71
C PRO A 100 -5.86 25.55 8.45
N GLN A 101 -5.71 24.24 8.54
CA GLN A 101 -4.74 23.63 9.40
C GLN A 101 -3.44 23.46 8.64
N LEU A 102 -2.82 24.60 8.38
CA LEU A 102 -1.61 24.66 7.56
C LEU A 102 -0.61 25.44 8.39
N ALA A 103 0.63 24.96 8.42
CA ALA A 103 1.72 25.66 9.06
C ALA A 103 2.62 26.20 7.98
N ARG A 104 3.38 27.21 8.35
CA ARG A 104 4.35 27.80 7.49
C ARG A 104 5.73 27.26 7.89
N VAL A 105 6.45 26.69 6.95
CA VAL A 105 7.78 26.13 7.20
C VAL A 105 8.77 26.92 6.38
N VAL A 106 9.83 27.40 7.04
CA VAL A 106 10.94 28.15 6.45
C VAL A 106 12.06 27.18 6.14
N SER A 107 12.89 27.52 5.17
CA SER A 107 13.93 26.62 4.66
C SER A 107 14.96 26.17 5.70
N ASP A 108 15.15 26.95 6.75
CA ASP A 108 16.07 26.56 7.85
C ASP A 108 15.44 25.60 8.88
N GLY A 109 14.14 25.33 8.72
CA GLY A 109 13.41 24.44 9.60
C GLY A 109 12.47 25.08 10.61
N GLU A 110 12.31 26.40 10.59
CA GLU A 110 11.40 27.09 11.50
C GLU A 110 9.95 26.85 11.05
N VAL A 111 9.08 26.64 12.01
CA VAL A 111 7.71 26.31 11.73
C VAL A 111 6.86 27.28 12.50
N LEU A 112 6.00 27.97 11.78
CA LEU A 112 5.13 29.00 12.31
C LEU A 112 3.75 28.41 12.10
N TYR A 113 3.01 28.14 13.17
CA TYR A 113 1.60 27.64 13.05
C TYR A 113 0.73 28.56 13.90
N MET A 114 -0.14 29.30 13.23
CA MET A 114 -1.02 30.26 13.86
C MET A 114 -2.52 29.99 13.57
N PRO A 115 -3.08 28.97 14.20
CA PRO A 115 -4.50 28.77 14.07
C PRO A 115 -5.30 29.82 14.87
N SER A 116 -6.48 30.13 14.35
CA SER A 116 -7.48 30.91 15.11
C SER A 116 -8.36 29.90 15.83
N ILE A 117 -8.49 30.06 17.13
CA ILE A 117 -9.18 29.12 17.97
C ILE A 117 -10.28 29.83 18.75
N ARG A 118 -11.47 29.24 18.77
CA ARG A 118 -12.51 29.59 19.70
C ARG A 118 -12.52 28.52 20.78
N GLN A 119 -12.51 28.94 22.02
CA GLN A 119 -12.46 28.02 23.13
C GLN A 119 -13.02 28.70 24.38
N ARG A 120 -13.68 27.93 25.24
CA ARG A 120 -14.17 28.41 26.53
C ARG A 120 -13.18 28.02 27.63
N PHE A 121 -13.11 28.87 28.66
CA PHE A 121 -12.18 28.71 29.78
C PHE A 121 -12.88 28.96 31.09
N SER A 122 -12.31 28.37 32.14
CA SER A 122 -12.69 28.62 33.50
C SER A 122 -11.61 29.52 34.03
N CYS A 123 -11.99 30.75 34.37
CA CYS A 123 -11.04 31.72 34.95
C CYS A 123 -11.76 32.88 35.68
N ASP A 124 -10.98 33.76 36.29
CA ASP A 124 -11.50 34.84 37.12
C ASP A 124 -12.18 35.91 36.26
N VAL A 125 -13.51 35.94 36.34
CA VAL A 125 -14.33 36.90 35.61
C VAL A 125 -14.80 38.02 36.54
N SER A 126 -14.57 37.87 37.83
CA SER A 126 -14.96 38.89 38.78
C SER A 126 -14.39 40.27 38.35
N GLY A 127 -15.19 41.30 38.58
CA GLY A 127 -14.84 42.67 38.26
C GLY A 127 -14.86 43.02 36.77
N VAL A 128 -15.52 42.18 35.97
CA VAL A 128 -15.62 42.42 34.51
C VAL A 128 -16.36 43.74 34.23
N ASP A 129 -17.31 44.09 35.09
CA ASP A 129 -18.10 45.31 34.90
C ASP A 129 -17.51 46.54 35.59
N THR A 130 -16.25 46.43 35.99
CA THR A 130 -15.54 47.50 36.66
C THR A 130 -14.58 48.21 35.70
N GLU A 131 -14.14 49.37 36.13
CA GLU A 131 -13.03 50.10 35.52
C GLU A 131 -11.72 49.26 35.48
N SER A 132 -11.42 48.58 36.60
CA SER A 132 -10.23 47.75 36.74
C SER A 132 -10.30 46.53 35.82
N GLY A 133 -11.52 46.06 35.63
CA GLY A 133 -11.79 44.96 34.75
C GLY A 133 -11.51 43.63 35.41
N ALA A 134 -11.92 42.56 34.73
CA ALA A 134 -11.60 41.20 35.14
C ALA A 134 -10.22 40.82 34.63
N THR A 135 -9.55 39.93 35.33
CA THR A 135 -8.27 39.40 34.87
C THR A 135 -8.38 37.87 34.74
N CYS A 136 -8.49 37.42 33.50
CA CYS A 136 -8.69 36.02 33.18
C CYS A 136 -7.38 35.41 32.75
N ARG A 137 -6.92 34.39 33.47
CA ARG A 137 -5.63 33.77 33.24
C ARG A 137 -5.79 32.43 32.53
N ILE A 138 -5.13 32.31 31.39
CA ILE A 138 -5.14 31.10 30.58
C ILE A 138 -3.75 30.47 30.58
N LYS A 139 -3.68 29.21 30.97
CA LYS A 139 -2.39 28.52 31.10
C LYS A 139 -2.23 27.50 29.96
N ILE A 140 -1.11 27.59 29.24
CA ILE A 140 -0.87 26.71 28.11
C ILE A 140 0.47 26.06 28.24
N GLY A 141 0.47 24.74 28.10
CA GLY A 141 1.69 23.97 28.09
C GLY A 141 1.55 22.60 27.46
N SER A 142 2.69 21.92 27.37
CA SER A 142 2.74 20.58 26.80
C SER A 142 2.05 19.64 27.73
N TRP A 143 1.19 18.81 27.17
CA TRP A 143 0.41 17.89 27.96
C TRP A 143 1.21 16.65 28.37
N THR A 144 2.15 16.19 27.55
CA THR A 144 2.89 14.94 27.90
C THR A 144 4.40 15.04 27.98
N HIS A 145 4.94 16.15 27.49
CA HIS A 145 6.37 16.29 27.50
C HIS A 145 6.72 17.27 28.60
N HIS A 146 7.64 16.82 29.43
CA HIS A 146 8.23 17.64 30.46
C HIS A 146 9.34 18.57 29.92
N SER A 147 9.97 19.31 30.85
CA SER A 147 10.80 20.47 30.54
C SER A 147 12.13 20.13 29.87
N ARG A 148 12.62 18.91 30.05
CA ARG A 148 13.80 18.46 29.34
C ARG A 148 13.50 18.10 27.90
N GLU A 149 12.23 18.11 27.51
CA GLU A 149 11.81 17.77 26.16
C GLU A 149 11.15 18.92 25.42
N ILE A 150 10.24 19.63 26.08
CA ILE A 150 9.66 20.87 25.57
C ILE A 150 9.79 21.99 26.56
N SER A 151 10.38 23.06 26.09
CA SER A 151 10.42 24.29 26.85
C SER A 151 9.51 25.30 26.17
N VAL A 152 8.41 25.65 26.86
CA VAL A 152 7.43 26.65 26.40
C VAL A 152 7.84 28.02 26.87
N ASP A 153 7.77 28.99 25.96
CA ASP A 153 8.31 30.34 26.13
C ASP A 153 7.35 31.38 25.56
N PRO A 154 7.21 32.51 26.22
CA PRO A 154 6.45 33.63 25.66
C PRO A 154 7.30 34.40 24.66
N THR A 155 6.79 34.69 23.46
CA THR A 155 7.58 35.42 22.42
C THR A 155 7.94 36.88 22.80
N THR A 156 8.56 37.59 21.84
CA THR A 156 8.61 39.07 21.82
C THR A 156 7.20 39.70 21.67
N GLU A 157 7.10 40.96 22.13
CA GLU A 157 5.83 41.64 22.39
C GLU A 157 6.02 43.18 22.29
N ASN A 158 6.56 43.65 21.17
CA ASN A 158 6.38 45.05 20.76
C ASN A 158 4.90 45.21 20.38
N SER A 159 4.36 44.14 19.76
CA SER A 159 2.91 43.90 19.50
C SER A 159 1.91 44.51 20.49
N ASP A 160 0.95 45.26 19.93
CA ASP A 160 -0.14 45.90 20.67
C ASP A 160 -1.15 44.82 21.07
N ASP A 161 -1.72 44.99 22.27
CA ASP A 161 -2.59 43.99 22.88
C ASP A 161 -3.88 43.81 22.06
N SER A 162 -4.56 44.93 21.78
CA SER A 162 -5.75 44.91 20.92
C SER A 162 -5.41 45.22 19.44
N GLU A 163 -4.23 44.77 18.98
CA GLU A 163 -3.77 45.03 17.62
C GLU A 163 -4.84 44.48 16.68
N TYR A 164 -5.20 43.23 16.92
CA TYR A 164 -6.14 42.47 16.14
C TYR A 164 -7.50 42.18 16.83
N PHE A 165 -7.80 42.90 17.89
CA PHE A 165 -9.04 42.67 18.63
C PHE A 165 -10.21 43.36 17.92
N SER A 166 -11.38 42.74 18.00
CA SER A 166 -12.58 43.23 17.31
C SER A 166 -13.10 44.48 17.97
N GLN A 167 -13.24 45.56 17.19
CA GLN A 167 -13.82 46.81 17.69
C GLN A 167 -15.30 46.64 18.02
N TYR A 168 -15.89 45.56 17.58
CA TYR A 168 -17.33 45.34 17.69
C TYR A 168 -17.74 44.41 18.86
N SER A 169 -16.75 43.86 19.54
CA SER A 169 -16.99 43.12 20.78
C SER A 169 -17.66 44.02 21.83
N ARG A 170 -18.45 43.39 22.70
CA ARG A 170 -19.04 44.07 23.85
C ARG A 170 -17.94 44.48 24.85
N PHE A 171 -16.80 43.83 24.71
CA PHE A 171 -15.69 43.99 25.65
C PHE A 171 -14.48 44.70 25.01
N GLU A 172 -13.63 45.24 25.87
CA GLU A 172 -12.36 45.83 25.43
C GLU A 172 -11.20 45.33 26.29
N ILE A 173 -10.01 45.32 25.69
CA ILE A 173 -8.81 44.83 26.34
C ILE A 173 -7.98 45.93 26.93
N LEU A 174 -7.83 45.88 28.26
CA LEU A 174 -6.98 46.82 29.00
C LEU A 174 -5.52 46.43 28.95
N ASP A 175 -5.25 45.14 29.09
CA ASP A 175 -3.87 44.66 29.12
C ASP A 175 -3.76 43.16 28.89
N VAL A 176 -2.67 42.75 28.27
CA VAL A 176 -2.36 41.34 28.06
C VAL A 176 -0.90 41.11 28.42
N THR A 177 -0.64 40.33 29.47
CA THR A 177 0.73 40.02 29.86
C THR A 177 0.96 38.52 29.74
N GLN A 178 2.19 38.14 29.45
CA GLN A 178 2.56 36.72 29.32
C GLN A 178 3.79 36.40 30.21
N LYS A 179 3.75 35.34 31.04
CA LYS A 179 4.90 34.94 31.86
C LYS A 179 5.10 33.44 31.90
N LYS A 180 6.27 32.95 32.24
CA LYS A 180 6.54 31.53 32.22
C LYS A 180 6.58 30.85 33.61
N ASN A 181 5.80 29.78 33.82
CA ASN A 181 5.95 28.93 35.02
C ASN A 181 6.54 27.55 34.74
N SER A 182 7.07 26.94 35.80
CA SER A 182 7.75 25.65 35.73
C SER A 182 7.36 24.94 36.99
N VAL A 183 6.23 24.22 36.91
CA VAL A 183 5.62 23.54 38.05
C VAL A 183 6.03 22.07 38.13
N THR A 184 6.43 21.60 39.32
CA THR A 184 6.58 20.16 39.54
C THR A 184 5.35 19.67 40.36
N TYR A 185 4.41 18.96 39.71
CA TYR A 185 3.15 18.50 40.35
C TYR A 185 3.37 17.28 41.28
N SER A 186 2.32 16.89 42.04
CA SER A 186 2.43 15.85 43.11
C SER A 186 2.58 14.39 42.61
N CYS A 187 1.85 14.03 41.55
CA CYS A 187 2.07 12.75 40.87
C CYS A 187 3.54 12.59 40.48
N CYS A 188 3.94 13.44 39.55
CA CYS A 188 5.07 13.19 38.65
C CYS A 188 6.27 14.11 39.02
N PRO A 189 7.40 13.57 39.52
CA PRO A 189 8.52 14.39 39.98
C PRO A 189 9.50 14.83 38.87
N GLU A 190 8.93 15.15 37.70
CA GLU A 190 9.60 15.87 36.62
C GLU A 190 8.83 17.19 36.40
N ALA A 191 9.54 18.31 36.14
CA ALA A 191 8.90 19.63 36.00
C ALA A 191 8.17 19.81 34.68
N TYR A 192 7.00 20.48 34.72
CA TYR A 192 6.25 20.78 33.52
C TYR A 192 6.05 22.26 33.39
N GLU A 193 6.36 22.80 32.21
CA GLU A 193 6.36 24.23 31.97
C GLU A 193 5.11 24.76 31.30
N ASP A 194 4.72 25.99 31.67
CA ASP A 194 3.64 26.68 30.99
C ASP A 194 3.85 28.18 30.71
N VAL A 195 3.10 28.68 29.74
CA VAL A 195 2.95 30.10 29.53
C VAL A 195 1.59 30.47 30.07
N GLU A 196 1.62 31.43 31.00
CA GLU A 196 0.44 32.01 31.59
C GLU A 196 0.14 33.35 30.92
N VAL A 197 -1.03 33.40 30.30
CA VAL A 197 -1.53 34.58 29.62
C VAL A 197 -2.59 35.27 30.48
N SER A 198 -2.31 36.50 30.88
CA SER A 198 -3.25 37.28 31.70
C SER A 198 -4.02 38.29 30.86
N LEU A 199 -5.30 38.02 30.69
CA LEU A 199 -6.18 38.86 29.89
C LEU A 199 -6.95 39.74 30.82
N ASN A 200 -6.50 40.99 30.96
CA ASN A 200 -7.25 42.00 31.70
C ASN A 200 -8.18 42.71 30.73
N PHE A 201 -9.49 42.47 30.91
CA PHE A 201 -10.53 43.02 30.04
C PHE A 201 -11.75 43.52 30.81
N ARG A 202 -12.64 44.22 30.11
CA ARG A 202 -13.87 44.71 30.75
C ARG A 202 -14.99 44.97 29.75
N LYS A 203 -16.22 45.00 30.25
CA LYS A 203 -17.38 45.42 29.48
C LYS A 203 -17.24 46.92 29.14
N LYS A 204 -17.55 47.27 27.89
CA LYS A 204 -17.52 48.67 27.41
C LYS A 204 -18.59 49.51 28.10
N GLY A 205 -18.38 50.82 28.19
CA GLY A 205 -19.28 51.70 28.93
C GLY A 205 -20.73 51.57 28.51
N LEU B 1 19.70 3.55 21.42
CA LEU B 1 18.58 3.78 20.49
C LEU B 1 18.08 5.17 20.74
N ASP B 2 17.62 5.85 19.70
CA ASP B 2 17.07 7.21 19.86
C ASP B 2 15.52 7.22 19.82
N ARG B 3 14.96 8.39 20.06
CA ARG B 3 13.51 8.55 20.13
C ARG B 3 12.82 8.08 18.84
N ALA B 4 13.41 8.41 17.71
CA ALA B 4 12.81 8.08 16.43
C ALA B 4 12.71 6.58 16.23
N ASP B 5 13.75 5.87 16.59
CA ASP B 5 13.82 4.43 16.48
C ASP B 5 12.80 3.77 17.36
N ILE B 6 12.69 4.23 18.60
CA ILE B 6 11.76 3.67 19.55
C ILE B 6 10.36 3.83 19.03
N LEU B 7 10.03 5.00 18.52
CA LEU B 7 8.66 5.27 18.04
C LEU B 7 8.32 4.52 16.73
N TYR B 8 9.33 4.34 15.91
CA TYR B 8 9.21 3.51 14.71
C TYR B 8 8.87 2.07 15.08
N ASN B 9 9.66 1.52 16.01
CA ASN B 9 9.48 0.13 16.44
C ASN B 9 8.09 -0.07 17.02
N ILE B 10 7.66 0.87 17.86
CA ILE B 10 6.34 0.77 18.47
C ILE B 10 5.24 0.82 17.39
N ARG B 11 5.32 1.78 16.50
CA ARG B 11 4.34 1.97 15.45
C ARG B 11 4.25 0.74 14.53
N GLN B 12 5.41 0.20 14.19
CA GLN B 12 5.49 -0.95 13.29
C GLN B 12 5.01 -2.24 13.91
N THR B 13 5.13 -2.40 15.22
CA THR B 13 4.87 -3.70 15.90
C THR B 13 3.79 -3.67 16.98
N SER B 14 3.31 -2.47 17.29
CA SER B 14 2.33 -2.40 18.34
C SER B 14 1.05 -3.02 17.74
N ARG B 15 0.37 -3.76 18.60
CA ARG B 15 -0.84 -4.43 18.19
C ARG B 15 -1.94 -3.76 19.00
N PRO B 16 -2.41 -2.58 18.59
CA PRO B 16 -3.44 -1.84 19.35
C PRO B 16 -4.74 -2.63 19.59
N ASP B 17 -5.02 -3.59 18.71
CA ASP B 17 -6.19 -4.43 18.81
C ASP B 17 -6.06 -5.52 19.92
N VAL B 18 -4.85 -5.70 20.46
CA VAL B 18 -4.48 -6.88 21.24
C VAL B 18 -4.18 -6.56 22.70
N ILE B 19 -5.09 -6.93 23.59
CA ILE B 19 -4.90 -6.78 25.04
C ILE B 19 -3.58 -7.46 25.45
N PRO B 20 -2.65 -6.72 26.07
CA PRO B 20 -1.33 -7.24 26.43
C PRO B 20 -1.36 -8.10 27.68
N THR B 21 -2.13 -9.15 27.57
CA THR B 21 -2.27 -10.17 28.58
C THR B 21 -0.94 -10.90 28.74
N GLN B 22 -0.55 -11.13 29.99
CA GLN B 22 0.67 -11.89 30.28
C GLN B 22 0.28 -13.13 31.08
N ARG B 23 0.48 -14.29 30.45
CA ARG B 23 -0.11 -15.55 30.92
C ARG B 23 -1.65 -15.43 30.90
N ASP B 24 -2.35 -16.34 31.59
CA ASP B 24 -3.82 -16.32 31.68
C ASP B 24 -4.30 -15.25 32.69
N ARG B 25 -3.39 -14.36 33.10
CA ARG B 25 -3.65 -13.34 34.12
C ARG B 25 -4.20 -12.06 33.47
N PRO B 26 -4.92 -11.30 34.26
CA PRO B 26 -5.53 -10.04 33.80
C PRO B 26 -4.55 -8.93 33.68
N VAL B 27 -4.81 -8.00 32.77
CA VAL B 27 -4.07 -6.76 32.70
C VAL B 27 -4.58 -5.86 33.82
N ALA B 28 -3.66 -5.51 34.72
CA ALA B 28 -3.94 -4.62 35.87
C ALA B 28 -3.93 -3.16 35.45
N VAL B 29 -5.12 -2.61 35.30
CA VAL B 29 -5.34 -1.23 34.89
C VAL B 29 -5.68 -0.45 36.14
N SER B 30 -4.96 0.61 36.41
CA SER B 30 -5.34 1.50 37.50
C SER B 30 -5.97 2.78 36.96
N VAL B 31 -7.00 3.23 37.67
CA VAL B 31 -7.80 4.37 37.26
C VAL B 31 -7.96 5.31 38.41
N SER B 32 -7.77 6.59 38.16
CA SER B 32 -7.91 7.60 39.20
C SER B 32 -8.35 8.90 38.55
N LEU B 33 -9.46 9.45 39.04
CA LEU B 33 -10.00 10.71 38.50
C LEU B 33 -9.50 11.85 39.35
N LYS B 34 -8.95 12.88 38.72
CA LYS B 34 -8.60 14.13 39.38
C LYS B 34 -9.53 15.19 38.84
N PHE B 35 -10.40 15.73 39.68
CA PHE B 35 -11.43 16.67 39.23
C PHE B 35 -10.83 18.06 39.07
N ILE B 36 -11.10 18.64 37.93
CA ILE B 36 -10.62 19.98 37.58
C ILE B 36 -11.74 21.01 37.72
N ASN B 37 -12.95 20.62 37.36
CA ASN B 37 -14.07 21.56 37.34
C ASN B 37 -15.39 20.85 37.42
N ILE B 38 -16.36 21.58 37.96
CA ILE B 38 -17.74 21.19 37.95
C ILE B 38 -18.48 22.35 37.34
N LEU B 39 -19.01 22.14 36.14
CA LEU B 39 -19.48 23.23 35.27
C LEU B 39 -20.96 23.50 35.29
N GLU B 40 -21.73 22.45 35.49
CA GLU B 40 -23.17 22.60 35.50
C GLU B 40 -23.77 21.47 36.27
N VAL B 41 -24.76 21.83 37.06
CA VAL B 41 -25.39 20.92 38.00
C VAL B 41 -26.88 21.19 37.91
N ASN B 42 -27.65 20.12 38.00
CA ASN B 42 -29.10 20.18 38.02
C ASN B 42 -29.66 19.21 39.06
N GLU B 43 -30.18 19.74 40.16
CA GLU B 43 -30.71 18.93 41.28
C GLU B 43 -32.04 18.25 40.91
N ILE B 44 -32.78 18.89 40.01
CA ILE B 44 -34.04 18.36 39.52
C ILE B 44 -33.84 17.12 38.61
N THR B 45 -32.98 17.24 37.60
CA THR B 45 -32.74 16.13 36.66
C THR B 45 -31.68 15.14 37.14
N ASN B 46 -30.99 15.44 38.24
CA ASN B 46 -29.86 14.64 38.73
C ASN B 46 -28.81 14.43 37.65
N GLU B 47 -28.37 15.54 37.08
CA GLU B 47 -27.36 15.53 36.03
C GLU B 47 -26.23 16.49 36.38
N VAL B 48 -25.04 16.09 35.99
CA VAL B 48 -23.84 16.80 36.37
C VAL B 48 -22.93 16.89 35.15
N ASP B 49 -22.22 18.00 35.06
CA ASP B 49 -21.33 18.28 33.95
C ASP B 49 -19.98 18.64 34.55
N VAL B 50 -18.97 17.90 34.14
CA VAL B 50 -17.77 17.76 34.93
C VAL B 50 -16.52 17.65 34.05
N VAL B 51 -15.42 18.24 34.50
CA VAL B 51 -14.13 18.12 33.82
C VAL B 51 -13.16 17.44 34.76
N PHE B 52 -12.53 16.36 34.29
CA PHE B 52 -11.58 15.59 35.10
C PHE B 52 -10.44 15.01 34.25
N TRP B 53 -9.31 14.78 34.90
CA TRP B 53 -8.20 14.06 34.30
C TRP B 53 -8.38 12.62 34.67
N GLN B 54 -8.43 11.74 33.68
CA GLN B 54 -8.66 10.33 33.91
C GLN B 54 -7.31 9.64 33.87
N GLN B 55 -6.63 9.65 34.98
CA GLN B 55 -5.30 9.03 35.07
C GLN B 55 -5.39 7.50 34.97
N THR B 56 -4.98 6.98 33.83
CA THR B 56 -5.05 5.55 33.51
C THR B 56 -3.64 4.96 33.32
N THR B 57 -3.38 3.87 33.99
CA THR B 57 -2.03 3.30 34.05
C THR B 57 -2.11 1.82 33.83
N TRP B 58 -1.18 1.28 33.06
CA TRP B 58 -1.15 -0.17 32.83
C TRP B 58 0.16 -0.58 32.20
N SER B 59 0.36 -1.88 32.08
CA SER B 59 1.59 -2.46 31.55
C SER B 59 1.36 -3.14 30.19
N ASP B 60 2.27 -2.91 29.26
CA ASP B 60 2.33 -3.62 27.98
C ASP B 60 3.79 -3.90 27.71
N ARG B 61 4.19 -5.12 28.01
CA ARG B 61 5.58 -5.54 27.87
C ARG B 61 6.09 -5.47 26.42
N THR B 62 5.19 -5.52 25.42
CA THR B 62 5.63 -5.56 24.01
C THR B 62 6.18 -4.22 23.57
N LEU B 63 5.93 -3.18 24.35
CA LEU B 63 6.38 -1.83 24.03
C LEU B 63 7.78 -1.53 24.58
N ALA B 64 8.28 -2.44 25.42
CA ALA B 64 9.56 -2.27 26.10
C ALA B 64 10.73 -2.22 25.20
N TRP B 65 11.73 -1.46 25.61
CA TRP B 65 13.02 -1.41 24.92
C TRP B 65 14.14 -1.33 25.95
N ASN B 66 15.35 -1.68 25.50
CA ASN B 66 16.56 -1.54 26.29
C ASN B 66 16.96 -0.04 26.45
N SER B 67 16.88 0.46 27.67
CA SER B 67 17.13 1.88 27.92
C SER B 67 18.56 2.18 28.34
N SER B 68 19.52 1.38 27.86
CA SER B 68 20.90 1.53 28.32
C SER B 68 21.46 2.90 27.93
N HIS B 69 21.47 3.17 26.63
CA HIS B 69 21.92 4.45 26.12
C HIS B 69 20.79 5.03 25.29
N SER B 70 19.65 5.15 25.95
CA SER B 70 18.42 5.55 25.27
C SER B 70 17.53 6.31 26.24
N PRO B 71 16.56 7.05 25.72
CA PRO B 71 15.60 7.73 26.58
C PRO B 71 14.81 6.75 27.43
N ASP B 72 14.48 7.18 28.63
CA ASP B 72 13.69 6.40 29.56
C ASP B 72 12.19 6.34 29.09
N GLN B 73 11.74 7.38 28.40
CA GLN B 73 10.34 7.55 28.11
C GLN B 73 10.11 8.18 26.74
N VAL B 74 8.99 7.82 26.11
CA VAL B 74 8.54 8.57 24.93
C VAL B 74 7.05 8.84 24.98
N SER B 75 6.62 9.84 24.26
CA SER B 75 5.19 10.12 24.06
C SER B 75 4.75 9.53 22.76
N VAL B 76 3.61 8.86 22.78
CA VAL B 76 3.15 8.03 21.67
C VAL B 76 1.66 8.24 21.43
N PRO B 77 1.23 8.47 20.19
CA PRO B 77 -0.21 8.60 19.90
C PRO B 77 -0.97 7.35 20.34
N ILE B 78 -2.11 7.51 20.98
CA ILE B 78 -2.84 6.34 21.48
C ILE B 78 -3.32 5.38 20.38
N SER B 79 -3.48 5.89 19.18
CA SER B 79 -3.84 5.08 18.04
C SER B 79 -2.76 4.06 17.70
N SER B 80 -1.52 4.27 18.16
CA SER B 80 -0.45 3.26 18.06
C SER B 80 -0.29 2.29 19.27
N LEU B 81 -1.19 2.36 20.25
CA LEU B 81 -1.13 1.52 21.43
C LEU B 81 -2.46 0.87 21.70
N TRP B 82 -2.40 -0.26 22.40
CA TRP B 82 -3.59 -0.78 23.01
C TRP B 82 -3.88 0.09 24.19
N VAL B 83 -5.16 0.37 24.34
CA VAL B 83 -5.71 1.20 25.40
C VAL B 83 -6.91 0.43 25.98
N PRO B 84 -7.03 0.35 27.30
CA PRO B 84 -8.19 -0.31 27.89
C PRO B 84 -9.46 0.39 27.46
N ASP B 85 -10.47 -0.40 27.17
CA ASP B 85 -11.77 0.07 26.70
C ASP B 85 -12.66 0.50 27.88
N LEU B 86 -12.15 1.44 28.68
CA LEU B 86 -12.87 1.90 29.86
C LEU B 86 -14.06 2.75 29.43
N ALA B 87 -15.14 2.60 30.14
CA ALA B 87 -16.29 3.46 29.97
C ALA B 87 -16.86 3.80 31.33
N ALA B 88 -17.33 5.02 31.44
CA ALA B 88 -18.08 5.46 32.62
C ALA B 88 -19.53 5.01 32.44
N TYR B 89 -19.99 4.07 33.27
CA TYR B 89 -21.34 3.45 33.14
C TYR B 89 -22.54 4.42 33.17
N ASN B 90 -22.45 5.40 34.05
CA ASN B 90 -23.54 6.35 34.28
C ASN B 90 -23.37 7.64 33.49
N ALA B 91 -22.46 7.65 32.53
CA ALA B 91 -22.32 8.78 31.64
C ALA B 91 -23.55 8.88 30.74
N ILE B 92 -23.92 10.10 30.38
CA ILE B 92 -25.04 10.36 29.49
C ILE B 92 -24.60 11.22 28.30
N SER B 93 -23.32 11.42 28.17
CA SER B 93 -22.74 11.99 26.97
C SER B 93 -21.42 11.30 26.67
N LYS B 94 -20.98 11.35 25.43
CA LYS B 94 -19.70 10.75 25.13
C LYS B 94 -18.56 11.63 25.64
N PRO B 95 -17.46 11.00 26.02
CA PRO B 95 -16.36 11.73 26.63
C PRO B 95 -15.84 12.74 25.62
N GLU B 96 -15.85 14.00 25.96
CA GLU B 96 -15.20 15.04 25.17
C GLU B 96 -13.72 15.13 25.65
N VAL B 97 -12.81 14.59 24.86
CA VAL B 97 -11.41 14.64 25.19
C VAL B 97 -10.84 15.99 24.82
N LEU B 98 -10.32 16.72 25.82
CA LEU B 98 -9.91 18.12 25.64
C LEU B 98 -8.47 18.22 25.23
N THR B 99 -7.70 17.16 25.50
CA THR B 99 -6.25 17.24 25.43
C THR B 99 -5.74 16.46 24.23
N PRO B 100 -4.48 16.66 23.85
CA PRO B 100 -3.86 15.79 22.84
C PRO B 100 -3.79 14.32 23.27
N GLN B 101 -4.06 13.47 22.30
CA GLN B 101 -4.29 12.07 22.50
C GLN B 101 -2.97 11.32 22.45
N LEU B 102 -2.15 11.57 23.46
CA LEU B 102 -0.81 11.02 23.54
C LEU B 102 -0.70 10.33 24.87
N ALA B 103 0.00 9.21 24.87
CA ALA B 103 0.26 8.51 26.10
C ALA B 103 1.74 8.49 26.30
N ARG B 104 2.13 8.38 27.56
CA ARG B 104 3.52 8.34 27.93
C ARG B 104 3.92 6.87 28.13
N VAL B 105 4.96 6.44 27.40
CA VAL B 105 5.44 5.08 27.52
C VAL B 105 6.83 5.06 28.12
N VAL B 106 7.01 4.27 29.16
CA VAL B 106 8.30 4.08 29.83
C VAL B 106 9.01 2.85 29.25
N SER B 107 10.33 2.84 29.29
CA SER B 107 11.14 1.80 28.64
C SER B 107 10.83 0.36 29.11
N ASP B 108 10.36 0.22 30.36
CA ASP B 108 9.96 -1.10 30.89
C ASP B 108 8.57 -1.57 30.41
N GLY B 109 7.86 -0.74 29.66
CA GLY B 109 6.51 -1.07 29.16
C GLY B 109 5.33 -0.44 29.90
N GLU B 110 5.60 0.38 30.90
CA GLU B 110 4.52 1.05 31.64
C GLU B 110 3.98 2.12 30.75
N VAL B 111 2.69 2.35 30.88
CA VAL B 111 1.99 3.34 30.10
C VAL B 111 1.13 4.18 31.05
N LEU B 112 1.13 5.49 30.84
CA LEU B 112 0.32 6.41 31.59
C LEU B 112 -0.34 7.20 30.50
N TYR B 113 -1.66 7.15 30.51
CA TYR B 113 -2.49 7.94 29.62
C TYR B 113 -3.41 8.75 30.52
N MET B 114 -3.40 10.07 30.36
CA MET B 114 -4.13 10.96 31.26
C MET B 114 -4.77 12.11 30.50
N PRO B 115 -5.83 11.78 29.80
CA PRO B 115 -6.61 12.80 29.10
C PRO B 115 -7.46 13.63 30.06
N SER B 116 -7.69 14.87 29.69
CA SER B 116 -8.66 15.70 30.36
C SER B 116 -9.98 15.47 29.62
N ILE B 117 -11.00 15.13 30.37
CA ILE B 117 -12.28 14.81 29.80
C ILE B 117 -13.37 15.72 30.38
N ARG B 118 -14.18 16.29 29.51
CA ARG B 118 -15.48 16.87 29.91
C ARG B 118 -16.57 15.85 29.59
N GLN B 119 -17.42 15.57 30.54
CA GLN B 119 -18.49 14.60 30.37
C GLN B 119 -19.63 14.87 31.35
N ARG B 120 -20.84 14.52 30.92
CA ARG B 120 -22.03 14.62 31.77
C ARG B 120 -22.42 13.24 32.32
N PHE B 121 -22.93 13.27 33.54
CA PHE B 121 -23.30 12.05 34.24
C PHE B 121 -24.67 12.17 34.88
N SER B 122 -25.28 11.01 35.08
CA SER B 122 -26.49 10.87 35.85
C SER B 122 -26.07 10.33 37.20
N CYS B 123 -26.26 11.12 38.23
CA CYS B 123 -25.92 10.71 39.59
C CYS B 123 -26.64 11.56 40.66
N ASP B 124 -26.45 11.19 41.92
CA ASP B 124 -27.13 11.86 43.04
C ASP B 124 -26.59 13.28 43.25
N VAL B 125 -27.42 14.26 42.86
CA VAL B 125 -27.11 15.67 43.04
C VAL B 125 -27.85 16.24 44.26
N SER B 126 -28.76 15.47 44.83
CA SER B 126 -29.50 15.92 46.02
C SER B 126 -28.53 16.44 47.10
N GLY B 127 -28.96 17.51 47.79
CA GLY B 127 -28.18 18.13 48.85
C GLY B 127 -26.96 18.91 48.39
N VAL B 128 -26.90 19.29 47.11
CA VAL B 128 -25.80 20.09 46.56
C VAL B 128 -25.71 21.45 47.24
N ASP B 129 -26.84 21.99 47.66
CA ASP B 129 -26.89 23.31 48.28
C ASP B 129 -26.76 23.26 49.80
N THR B 130 -26.39 22.10 50.33
CA THR B 130 -26.21 21.89 51.76
C THR B 130 -24.74 21.93 52.17
N GLU B 131 -24.54 22.07 53.47
CA GLU B 131 -23.25 21.91 54.13
C GLU B 131 -22.64 20.49 53.86
N SER B 132 -23.47 19.46 53.97
CA SER B 132 -23.09 18.06 53.73
C SER B 132 -22.70 17.83 52.28
N GLY B 133 -23.37 18.57 51.41
CA GLY B 133 -23.12 18.51 49.98
C GLY B 133 -23.80 17.32 49.30
N ALA B 134 -23.77 17.34 47.98
CA ALA B 134 -24.20 16.20 47.18
C ALA B 134 -23.05 15.19 47.06
N THR B 135 -23.41 13.92 46.92
CA THR B 135 -22.43 12.87 46.69
C THR B 135 -22.73 12.19 45.36
N CYS B 136 -21.95 12.55 44.35
CA CYS B 136 -22.13 12.05 42.97
C CYS B 136 -21.15 10.93 42.71
N ARG B 137 -21.68 9.76 42.37
CA ARG B 137 -20.88 8.55 42.18
C ARG B 137 -20.74 8.23 40.70
N ILE B 138 -19.50 8.16 40.25
CA ILE B 138 -19.15 7.84 38.90
C ILE B 138 -18.46 6.49 38.88
N LYS B 139 -19.00 5.58 38.08
CA LYS B 139 -18.47 4.21 37.96
C LYS B 139 -17.72 4.04 36.62
N ILE B 140 -16.53 3.49 36.70
CA ILE B 140 -15.69 3.30 35.51
C ILE B 140 -15.08 1.93 35.42
N GLY B 141 -15.30 1.26 34.29
CA GLY B 141 -14.75 -0.05 34.06
C GLY B 141 -14.65 -0.44 32.59
N SER B 142 -14.07 -1.61 32.35
CA SER B 142 -13.93 -2.08 31.01
C SER B 142 -15.27 -2.46 30.49
N TRP B 143 -15.54 -2.08 29.25
CA TRP B 143 -16.85 -2.33 28.67
C TRP B 143 -16.99 -3.74 28.13
N THR B 144 -15.88 -4.35 27.65
CA THR B 144 -15.98 -5.70 27.03
C THR B 144 -15.05 -6.78 27.60
N HIS B 145 -14.12 -6.38 28.46
CA HIS B 145 -13.21 -7.31 29.09
C HIS B 145 -13.62 -7.54 30.55
N HIS B 146 -13.89 -8.78 30.88
CA HIS B 146 -14.25 -9.18 32.21
C HIS B 146 -13.01 -9.30 33.08
N SER B 147 -13.20 -9.81 34.30
CA SER B 147 -12.20 -9.69 35.37
C SER B 147 -11.00 -10.62 35.23
N ARG B 148 -11.12 -11.68 34.44
CA ARG B 148 -9.95 -12.49 34.11
C ARG B 148 -9.08 -11.88 32.99
N GLU B 149 -9.51 -10.76 32.45
CA GLU B 149 -8.78 -10.06 31.36
C GLU B 149 -8.37 -8.64 31.71
N ILE B 150 -9.26 -7.92 32.38
CA ILE B 150 -8.91 -6.62 32.94
C ILE B 150 -9.35 -6.54 34.41
N SER B 151 -8.42 -6.17 35.29
CA SER B 151 -8.75 -5.72 36.63
C SER B 151 -8.63 -4.21 36.65
N VAL B 152 -9.41 -3.57 37.51
CA VAL B 152 -9.31 -2.13 37.69
C VAL B 152 -9.20 -1.86 39.18
N ASP B 153 -8.19 -1.09 39.55
CA ASP B 153 -8.04 -0.65 40.93
C ASP B 153 -7.83 0.84 40.92
N PRO B 154 -8.26 1.55 41.95
CA PRO B 154 -7.85 2.94 42.11
C PRO B 154 -6.34 3.03 42.36
N THR B 155 -5.73 4.13 41.97
CA THR B 155 -4.33 4.38 42.34
C THR B 155 -4.29 4.66 43.83
N THR B 156 -3.11 4.54 44.44
CA THR B 156 -2.99 4.56 45.90
C THR B 156 -3.31 5.94 46.50
N GLU B 157 -3.88 5.90 47.71
CA GLU B 157 -4.59 7.05 48.30
C GLU B 157 -3.71 7.93 49.23
N ASN B 158 -2.59 8.42 48.69
CA ASN B 158 -1.77 9.44 49.36
C ASN B 158 -1.99 10.83 48.72
N SER B 159 -2.14 10.84 47.40
CA SER B 159 -2.34 12.05 46.58
C SER B 159 -3.57 12.93 46.96
N ASP B 160 -3.90 13.90 46.09
CA ASP B 160 -4.92 14.91 46.41
C ASP B 160 -5.98 15.16 45.32
N ASP B 161 -7.04 15.83 45.77
CA ASP B 161 -8.35 15.89 45.09
C ASP B 161 -8.65 17.31 44.61
N SER B 162 -8.55 18.24 45.56
CA SER B 162 -8.66 19.68 45.33
C SER B 162 -7.39 20.28 44.71
N GLU B 163 -6.26 19.57 44.73
CA GLU B 163 -4.98 20.16 44.24
C GLU B 163 -5.14 20.74 42.82
N TYR B 164 -5.87 20.03 41.96
CA TYR B 164 -6.06 20.45 40.58
C TYR B 164 -7.39 21.18 40.31
N PHE B 165 -8.24 21.28 41.31
CA PHE B 165 -9.58 21.81 41.12
C PHE B 165 -9.56 23.34 40.95
N SER B 166 -10.43 23.83 40.09
CA SER B 166 -10.50 25.25 39.78
C SER B 166 -11.03 26.04 40.95
N GLN B 167 -10.26 27.03 41.40
CA GLN B 167 -10.71 27.93 42.48
C GLN B 167 -11.89 28.82 42.04
N TYR B 168 -12.15 28.84 40.74
CA TYR B 168 -13.15 29.72 40.13
C TYR B 168 -14.48 29.03 39.84
N SER B 169 -14.55 27.72 40.05
CA SER B 169 -15.83 27.01 39.98
C SER B 169 -16.83 27.56 40.99
N ARG B 170 -18.11 27.48 40.67
CA ARG B 170 -19.18 27.83 41.61
C ARG B 170 -19.20 26.86 42.77
N PHE B 171 -18.60 25.70 42.55
CA PHE B 171 -18.64 24.58 43.50
C PHE B 171 -17.28 24.34 44.14
N GLU B 172 -17.29 23.63 45.26
CA GLU B 172 -16.07 23.19 45.93
C GLU B 172 -16.15 21.71 46.31
N ILE B 173 -14.99 21.06 46.38
CA ILE B 173 -14.92 19.65 46.70
C ILE B 173 -14.65 19.42 48.19
N LEU B 174 -15.56 18.70 48.82
CA LEU B 174 -15.42 18.29 50.21
C LEU B 174 -14.59 17.02 50.37
N ASP B 175 -14.84 16.07 49.48
CA ASP B 175 -14.17 14.78 49.54
C ASP B 175 -14.28 13.98 48.26
N VAL B 176 -13.22 13.22 47.96
CA VAL B 176 -13.20 12.30 46.85
C VAL B 176 -12.69 10.97 47.39
N THR B 177 -13.52 9.94 47.33
CA THR B 177 -13.09 8.59 47.67
C THR B 177 -13.26 7.62 46.49
N GLN B 178 -12.35 6.66 46.40
CA GLN B 178 -12.32 5.74 45.26
C GLN B 178 -12.31 4.34 45.81
N LYS B 179 -13.30 3.56 45.47
CA LYS B 179 -13.26 2.17 45.86
C LYS B 179 -13.53 1.33 44.61
N LYS B 180 -13.17 0.07 44.73
CA LYS B 180 -13.17 -0.88 43.67
C LYS B 180 -14.37 -1.82 43.88
N ASN B 181 -15.01 -2.23 42.80
CA ASN B 181 -16.10 -3.18 42.83
C ASN B 181 -15.94 -4.22 41.74
N SER B 182 -16.38 -5.43 42.07
CA SER B 182 -16.48 -6.54 41.14
C SER B 182 -17.93 -7.00 41.12
N VAL B 183 -18.52 -7.05 39.94
CA VAL B 183 -19.96 -7.17 39.84
C VAL B 183 -20.33 -8.02 38.66
N THR B 184 -21.11 -9.05 38.91
CA THR B 184 -21.76 -9.85 37.89
C THR B 184 -23.23 -9.39 37.69
N TYR B 185 -23.55 -9.06 36.45
CA TYR B 185 -24.87 -8.59 36.03
C TYR B 185 -25.55 -9.75 35.34
N SER B 186 -26.87 -9.69 35.26
CA SER B 186 -27.61 -10.86 34.80
C SER B 186 -27.49 -11.02 33.31
N CYS B 187 -27.04 -9.99 32.60
CA CYS B 187 -26.84 -10.06 31.15
C CYS B 187 -25.70 -11.00 30.72
N CYS B 188 -24.74 -11.24 31.61
CA CYS B 188 -23.43 -11.76 31.20
C CYS B 188 -22.77 -12.62 32.30
N PRO B 189 -22.27 -13.83 31.98
CA PRO B 189 -21.89 -14.82 32.99
C PRO B 189 -20.69 -14.47 33.84
N GLU B 190 -19.87 -13.52 33.36
CA GLU B 190 -18.59 -13.19 33.93
C GLU B 190 -18.67 -11.89 34.74
N ALA B 191 -17.78 -11.75 35.73
CA ALA B 191 -17.73 -10.55 36.57
C ALA B 191 -16.96 -9.39 35.90
N TYR B 192 -17.47 -8.17 36.05
CA TYR B 192 -16.83 -6.96 35.52
C TYR B 192 -16.40 -6.04 36.66
N GLU B 193 -15.15 -5.63 36.63
CA GLU B 193 -14.64 -4.80 37.70
C GLU B 193 -14.85 -3.38 37.28
N ASP B 194 -15.11 -2.54 38.29
CA ASP B 194 -15.16 -1.10 38.09
C ASP B 194 -14.50 -0.40 39.27
N VAL B 195 -14.12 0.84 39.04
CA VAL B 195 -13.76 1.74 40.11
C VAL B 195 -14.91 2.71 40.28
N GLU B 196 -15.38 2.82 41.52
CA GLU B 196 -16.42 3.78 41.91
C GLU B 196 -15.77 5.00 42.54
N VAL B 197 -15.99 6.15 41.93
CA VAL B 197 -15.46 7.43 42.39
C VAL B 197 -16.58 8.26 43.02
N SER B 198 -16.45 8.55 44.30
CA SER B 198 -17.46 9.32 45.02
C SER B 198 -17.05 10.76 45.17
N LEU B 199 -17.73 11.62 44.42
CA LEU B 199 -17.49 13.06 44.45
C LEU B 199 -18.47 13.74 45.39
N ASN B 200 -18.00 14.03 46.60
CA ASN B 200 -18.77 14.82 47.56
C ASN B 200 -18.44 16.29 47.35
N PHE B 201 -19.39 17.04 46.82
CA PHE B 201 -19.18 18.46 46.51
C PHE B 201 -20.40 19.30 46.91
N ARG B 202 -20.23 20.61 46.84
CA ARG B 202 -21.33 21.54 47.13
C ARG B 202 -21.16 22.92 46.51
N LYS B 203 -22.26 23.66 46.41
CA LYS B 203 -22.25 25.04 45.98
C LYS B 203 -21.56 25.88 47.04
N LYS B 204 -20.69 26.79 46.62
CA LYS B 204 -19.99 27.71 47.54
C LYS B 204 -21.00 28.61 48.26
N GLY B 205 -20.88 28.77 49.57
CA GLY B 205 -21.84 29.52 50.35
C GLY B 205 -21.97 29.00 51.77
N LEU C 1 -3.80 -21.31 19.89
CA LEU C 1 -3.66 -20.04 19.16
C LEU C 1 -3.79 -18.95 20.17
N ASP C 2 -3.00 -17.87 20.06
CA ASP C 2 -3.13 -16.84 21.07
C ASP C 2 -4.07 -15.72 20.57
N ARG C 3 -4.34 -14.78 21.46
CA ARG C 3 -5.19 -13.62 21.18
C ARG C 3 -4.68 -12.82 19.99
N ALA C 4 -3.39 -12.57 19.94
CA ALA C 4 -2.85 -11.77 18.84
C ALA C 4 -3.11 -12.42 17.47
N ASP C 5 -2.91 -13.72 17.41
CA ASP C 5 -3.07 -14.45 16.14
C ASP C 5 -4.53 -14.46 15.70
N ILE C 6 -5.43 -14.60 16.66
CA ILE C 6 -6.85 -14.60 16.35
C ILE C 6 -7.24 -13.27 15.78
N LEU C 7 -6.79 -12.19 16.40
CA LEU C 7 -7.19 -10.85 15.99
C LEU C 7 -6.53 -10.45 14.67
N TYR C 8 -5.31 -10.92 14.44
CA TYR C 8 -4.67 -10.75 13.15
C TYR C 8 -5.47 -11.42 12.02
N ASN C 9 -5.85 -12.67 12.25
CA ASN C 9 -6.59 -13.43 11.28
C ASN C 9 -7.90 -12.77 10.94
N ILE C 10 -8.63 -12.35 11.99
CA ILE C 10 -9.90 -11.64 11.81
C ILE C 10 -9.68 -10.31 11.02
N ARG C 11 -8.71 -9.52 11.42
CA ARG C 11 -8.47 -8.25 10.74
C ARG C 11 -8.08 -8.42 9.25
N GLN C 12 -7.28 -9.44 8.98
CA GLN C 12 -6.79 -9.71 7.65
C GLN C 12 -7.84 -10.30 6.71
N THR C 13 -8.83 -11.00 7.24
CA THR C 13 -9.80 -11.75 6.39
C THR C 13 -11.22 -11.33 6.59
N SER C 14 -11.48 -10.51 7.58
CA SER C 14 -12.87 -10.21 7.83
C SER C 14 -13.26 -9.23 6.71
N ARG C 15 -14.53 -9.23 6.38
CA ARG C 15 -15.03 -8.45 5.27
C ARG C 15 -16.18 -7.65 5.84
N PRO C 16 -15.87 -6.48 6.42
CA PRO C 16 -16.91 -5.74 7.14
C PRO C 16 -18.12 -5.40 6.25
N ASP C 17 -17.98 -5.49 4.94
CA ASP C 17 -19.02 -5.11 4.01
C ASP C 17 -19.87 -6.30 3.48
N VAL C 18 -19.59 -7.51 3.97
CA VAL C 18 -20.23 -8.76 3.50
C VAL C 18 -21.08 -9.40 4.56
N ILE C 19 -22.40 -9.35 4.36
CA ILE C 19 -23.35 -10.04 5.26
C ILE C 19 -23.05 -11.54 5.30
N PRO C 20 -22.80 -12.12 6.48
CA PRO C 20 -22.38 -13.52 6.62
C PRO C 20 -23.55 -14.44 6.52
N THR C 21 -24.17 -14.40 5.35
CA THR C 21 -25.26 -15.25 4.98
C THR C 21 -24.70 -16.66 4.82
N GLN C 22 -25.43 -17.67 5.29
CA GLN C 22 -25.07 -19.07 5.05
C GLN C 22 -26.03 -19.72 4.06
N ARG C 23 -25.52 -20.27 2.97
CA ARG C 23 -26.38 -20.85 1.94
C ARG C 23 -27.63 -19.95 1.81
N ASP C 24 -28.85 -20.48 2.01
CA ASP C 24 -30.04 -19.59 1.91
C ASP C 24 -30.79 -19.34 3.24
N ARG C 25 -30.04 -19.15 4.31
CA ARG C 25 -30.58 -18.65 5.56
C ARG C 25 -30.41 -17.13 5.57
N PRO C 26 -31.40 -16.42 6.09
CA PRO C 26 -31.19 -15.05 6.58
C PRO C 26 -30.23 -15.11 7.76
N VAL C 27 -29.48 -14.04 7.99
CA VAL C 27 -28.71 -13.91 9.21
C VAL C 27 -29.65 -13.55 10.35
N ALA C 28 -29.71 -14.43 11.34
CA ALA C 28 -30.57 -14.26 12.51
C ALA C 28 -29.93 -13.26 13.49
N VAL C 29 -30.46 -12.05 13.51
CA VAL C 29 -29.97 -11.02 14.39
C VAL C 29 -30.95 -10.89 15.55
N SER C 30 -30.46 -11.00 16.78
CA SER C 30 -31.34 -10.75 17.90
C SER C 30 -31.05 -9.38 18.47
N VAL C 31 -32.10 -8.68 18.86
CA VAL C 31 -32.01 -7.32 19.38
C VAL C 31 -32.77 -7.23 20.67
N SER C 32 -32.18 -6.58 21.65
CA SER C 32 -32.86 -6.39 22.91
C SER C 32 -32.36 -5.12 23.61
N LEU C 33 -33.28 -4.21 23.93
CA LEU C 33 -32.92 -2.93 24.54
C LEU C 33 -33.04 -3.05 26.04
N LYS C 34 -31.98 -2.68 26.76
CA LYS C 34 -31.99 -2.55 28.21
C LYS C 34 -31.89 -1.06 28.50
N PHE C 35 -32.91 -0.50 29.12
CA PHE C 35 -32.97 0.93 29.36
C PHE C 35 -32.18 1.27 30.59
N ILE C 36 -31.35 2.29 30.46
CA ILE C 36 -30.50 2.77 31.53
C ILE C 36 -31.04 4.09 32.11
N ASN C 37 -31.57 4.93 31.24
CA ASN C 37 -32.00 6.25 31.65
C ASN C 37 -33.05 6.84 30.70
N ILE C 38 -33.87 7.71 31.26
CA ILE C 38 -34.81 8.54 30.50
C ILE C 38 -34.54 9.96 30.95
N LEU C 39 -33.96 10.75 30.06
CA LEU C 39 -33.29 12.01 30.43
C LEU C 39 -34.14 13.25 30.20
N GLU C 40 -35.01 13.17 29.20
CA GLU C 40 -35.85 14.30 28.88
C GLU C 40 -37.07 13.82 28.14
N VAL C 41 -38.18 14.40 28.52
CA VAL C 41 -39.48 14.02 28.02
C VAL C 41 -40.29 15.27 27.77
N ASN C 42 -41.05 15.26 26.68
CA ASN C 42 -41.89 16.38 26.28
C ASN C 42 -43.25 15.84 25.81
N GLU C 43 -44.28 16.05 26.61
CA GLU C 43 -45.61 15.52 26.30
C GLU C 43 -46.29 16.29 25.15
N ILE C 44 -45.88 17.56 25.01
CA ILE C 44 -46.39 18.44 23.97
C ILE C 44 -45.84 18.04 22.59
N THR C 45 -44.52 17.87 22.47
CA THR C 45 -43.89 17.49 21.19
C THR C 45 -43.82 15.98 20.95
N ASN C 46 -44.23 15.19 21.93
CA ASN C 46 -44.12 13.74 21.84
C ASN C 46 -42.71 13.29 21.49
N GLU C 47 -41.76 13.81 22.25
CA GLU C 47 -40.34 13.52 22.04
C GLU C 47 -39.71 13.06 23.33
N VAL C 48 -38.80 12.12 23.21
CA VAL C 48 -38.22 11.44 24.34
C VAL C 48 -36.72 11.29 24.10
N ASP C 49 -35.95 11.42 25.16
CA ASP C 49 -34.50 11.35 25.11
C ASP C 49 -34.09 10.28 26.08
N VAL C 50 -33.35 9.32 25.61
CA VAL C 50 -33.27 8.04 26.27
C VAL C 50 -31.88 7.41 26.11
N VAL C 51 -31.42 6.71 27.15
CA VAL C 51 -30.16 5.99 27.13
C VAL C 51 -30.46 4.51 27.32
N PHE C 52 -29.93 3.69 26.40
CA PHE C 52 -30.15 2.25 26.44
C PHE C 52 -28.98 1.48 25.88
N TRP C 53 -28.81 0.26 26.39
CA TRP C 53 -27.88 -0.70 25.83
C TRP C 53 -28.57 -1.44 24.73
N GLN C 54 -27.99 -1.46 23.54
CA GLN C 54 -28.62 -2.12 22.40
C GLN C 54 -27.97 -3.49 22.19
N GLN C 55 -28.40 -4.48 22.97
CA GLN C 55 -27.83 -5.81 22.92
C GLN C 55 -28.12 -6.48 21.59
N THR C 56 -27.10 -6.60 20.79
CA THR C 56 -27.22 -7.12 19.44
C THR C 56 -26.39 -8.40 19.33
N THR C 57 -26.95 -9.43 18.75
CA THR C 57 -26.30 -10.73 18.71
C THR C 57 -26.51 -11.30 17.34
N TRP C 58 -25.48 -11.95 16.81
CA TRP C 58 -25.62 -12.67 15.53
C TRP C 58 -24.44 -13.55 15.29
N SER C 59 -24.53 -14.38 14.26
CA SER C 59 -23.52 -15.36 13.91
C SER C 59 -22.78 -14.95 12.65
N ASP C 60 -21.45 -15.12 12.67
CA ASP C 60 -20.59 -14.97 11.51
C ASP C 60 -19.52 -16.09 11.52
N ARG C 61 -19.80 -17.17 10.80
CA ARG C 61 -18.95 -18.36 10.84
C ARG C 61 -17.49 -18.08 10.38
N THR C 62 -17.29 -17.03 9.58
CA THR C 62 -15.96 -16.74 9.01
C THR C 62 -15.00 -16.23 10.06
N LEU C 63 -15.50 -15.86 11.22
CA LEU C 63 -14.68 -15.37 12.32
C LEU C 63 -14.19 -16.51 13.21
N ALA C 64 -14.76 -17.70 12.99
CA ALA C 64 -14.51 -18.83 13.91
C ALA C 64 -13.08 -19.31 13.91
N TRP C 65 -12.65 -19.83 15.04
CA TRP C 65 -11.35 -20.44 15.16
C TRP C 65 -11.43 -21.66 16.06
N ASN C 66 -10.47 -22.56 15.89
CA ASN C 66 -10.34 -23.72 16.74
C ASN C 66 -9.90 -23.28 18.15
N SER C 67 -10.77 -23.51 19.13
CA SER C 67 -10.49 -23.07 20.51
C SER C 67 -9.93 -24.18 21.37
N SER C 68 -9.15 -25.08 20.79
CA SER C 68 -8.62 -26.24 21.51
C SER C 68 -7.65 -25.80 22.64
N HIS C 69 -6.56 -25.10 22.27
CA HIS C 69 -5.68 -24.51 23.30
C HIS C 69 -5.58 -23.01 23.02
N SER C 70 -6.73 -22.39 23.09
CA SER C 70 -6.90 -21.01 22.68
C SER C 70 -8.00 -20.35 23.49
N PRO C 71 -8.01 -19.02 23.52
CA PRO C 71 -9.07 -18.31 24.23
C PRO C 71 -10.43 -18.57 23.61
N ASP C 72 -11.43 -18.58 24.47
CA ASP C 72 -12.79 -18.82 24.02
C ASP C 72 -13.38 -17.59 23.34
N GLN C 73 -12.86 -16.41 23.69
CA GLN C 73 -13.39 -15.13 23.19
C GLN C 73 -12.33 -14.08 22.97
N VAL C 74 -12.60 -13.15 22.07
CA VAL C 74 -11.82 -11.93 21.98
C VAL C 74 -12.68 -10.70 21.76
N SER C 75 -12.15 -9.54 22.14
CA SER C 75 -12.77 -8.26 21.86
C SER C 75 -12.15 -7.70 20.58
N VAL C 76 -13.01 -7.24 19.66
CA VAL C 76 -12.65 -6.86 18.34
C VAL C 76 -13.33 -5.55 17.99
N PRO C 77 -12.60 -4.59 17.39
CA PRO C 77 -13.20 -3.33 16.92
C PRO C 77 -14.26 -3.61 15.86
N ILE C 78 -15.41 -2.96 15.91
CA ILE C 78 -16.50 -3.26 15.00
C ILE C 78 -16.20 -2.89 13.54
N SER C 79 -15.28 -1.95 13.35
CA SER C 79 -14.76 -1.63 12.03
C SER C 79 -14.11 -2.84 11.35
N SER C 80 -13.68 -3.85 12.10
CA SER C 80 -13.13 -5.10 11.51
C SER C 80 -14.17 -6.19 11.34
N LEU C 81 -15.44 -5.93 11.63
CA LEU C 81 -16.50 -6.96 11.51
C LEU C 81 -17.66 -6.42 10.69
N TRP C 82 -18.39 -7.35 10.10
CA TRP C 82 -19.68 -7.02 9.54
C TRP C 82 -20.60 -6.89 10.72
N VAL C 83 -21.36 -5.80 10.70
CA VAL C 83 -22.32 -5.44 11.73
C VAL C 83 -23.66 -5.19 11.05
N PRO C 84 -24.77 -5.68 11.59
CA PRO C 84 -26.08 -5.46 10.95
C PRO C 84 -26.37 -3.96 10.90
N ASP C 85 -26.95 -3.53 9.79
CA ASP C 85 -27.27 -2.11 9.58
C ASP C 85 -28.60 -1.72 10.24
N LEU C 86 -28.69 -1.94 11.54
CA LEU C 86 -29.90 -1.67 12.28
C LEU C 86 -30.11 -0.18 12.37
N ALA C 87 -31.34 0.26 12.27
CA ALA C 87 -31.71 1.62 12.54
C ALA C 87 -33.01 1.61 13.32
N ALA C 88 -33.18 2.63 14.14
CA ALA C 88 -34.43 2.92 14.79
C ALA C 88 -35.26 3.87 13.93
N TYR C 89 -36.38 3.40 13.40
CA TYR C 89 -37.15 4.13 12.39
C TYR C 89 -37.73 5.44 12.90
N ASN C 90 -38.11 5.44 14.17
CA ASN C 90 -38.75 6.62 14.74
C ASN C 90 -37.78 7.52 15.48
N ALA C 91 -36.48 7.28 15.29
CA ALA C 91 -35.46 8.16 15.90
C ALA C 91 -35.43 9.50 15.18
N ILE C 92 -35.13 10.53 15.93
CA ILE C 92 -35.09 11.88 15.40
C ILE C 92 -33.71 12.53 15.63
N SER C 93 -32.77 11.73 16.11
CA SER C 93 -31.38 12.12 16.18
C SER C 93 -30.50 10.92 15.90
N LYS C 94 -29.27 11.14 15.46
CA LYS C 94 -28.42 9.99 15.21
C LYS C 94 -27.97 9.37 16.54
N PRO C 95 -27.77 8.06 16.55
CA PRO C 95 -27.38 7.38 17.78
C PRO C 95 -26.03 7.88 18.31
N GLU C 96 -26.02 8.48 19.48
CA GLU C 96 -24.80 8.91 20.15
C GLU C 96 -24.27 7.67 20.90
N VAL C 97 -23.22 7.07 20.37
CA VAL C 97 -22.62 5.88 20.99
C VAL C 97 -21.70 6.31 22.11
N LEU C 98 -22.02 5.89 23.34
CA LEU C 98 -21.31 6.35 24.53
C LEU C 98 -20.10 5.49 24.89
N THR C 99 -20.11 4.26 24.41
CA THR C 99 -19.17 3.25 24.85
C THR C 99 -18.21 2.91 23.74
N PRO C 100 -17.09 2.29 24.09
CA PRO C 100 -16.09 1.83 23.09
C PRO C 100 -16.70 0.92 22.07
N GLN C 101 -16.28 1.06 20.85
CA GLN C 101 -16.95 0.36 19.78
C GLN C 101 -16.24 -0.96 19.51
N LEU C 102 -16.41 -1.84 20.47
CA LEU C 102 -15.76 -3.12 20.45
C LEU C 102 -16.87 -4.13 20.63
N ALA C 103 -16.77 -5.22 19.87
CA ALA C 103 -17.68 -6.33 19.99
C ALA C 103 -16.92 -7.52 20.55
N ARG C 104 -17.66 -8.42 21.11
CA ARG C 104 -17.12 -9.61 21.70
C ARG C 104 -17.38 -10.74 20.73
N VAL C 105 -16.34 -11.45 20.32
CA VAL C 105 -16.47 -12.55 19.35
C VAL C 105 -16.07 -13.86 20.00
N VAL C 106 -16.93 -14.86 19.90
CA VAL C 106 -16.72 -16.19 20.48
C VAL C 106 -16.12 -17.11 19.43
N SER C 107 -15.39 -18.12 19.86
CA SER C 107 -14.66 -19.00 18.95
C SER C 107 -15.51 -19.71 17.90
N ASP C 108 -16.78 -19.93 18.20
CA ASP C 108 -17.72 -20.54 17.24
C ASP C 108 -18.30 -19.54 16.24
N GLY C 109 -17.95 -18.26 16.36
CA GLY C 109 -18.41 -17.24 15.44
C GLY C 109 -19.53 -16.33 15.90
N GLU C 110 -20.08 -16.60 17.07
CA GLU C 110 -21.05 -15.70 17.68
C GLU C 110 -20.41 -14.32 17.86
N VAL C 111 -21.17 -13.28 17.61
CA VAL C 111 -20.71 -11.92 17.89
C VAL C 111 -21.74 -11.27 18.80
N LEU C 112 -21.27 -10.75 19.94
CA LEU C 112 -22.09 -9.98 20.87
C LEU C 112 -21.66 -8.50 20.82
N TYR C 113 -22.53 -7.61 20.39
CA TYR C 113 -22.25 -6.16 20.41
C TYR C 113 -23.30 -5.48 21.32
N MET C 114 -22.85 -4.72 22.30
CA MET C 114 -23.77 -4.09 23.24
C MET C 114 -23.36 -2.65 23.52
N PRO C 115 -23.55 -1.74 22.56
CA PRO C 115 -23.24 -0.35 22.80
C PRO C 115 -24.27 0.30 23.69
N SER C 116 -23.80 1.27 24.48
CA SER C 116 -24.70 2.15 25.19
C SER C 116 -24.97 3.32 24.26
N ILE C 117 -26.24 3.61 24.03
CA ILE C 117 -26.64 4.63 23.08
C ILE C 117 -27.56 5.64 23.76
N ARG C 118 -27.27 6.93 23.56
CA ARG C 118 -28.22 8.02 23.83
C ARG C 118 -28.84 8.44 22.49
N GLN C 119 -30.15 8.54 22.45
CA GLN C 119 -30.87 8.85 21.23
C GLN C 119 -32.26 9.40 21.55
N ARG C 120 -32.72 10.31 20.71
CA ARG C 120 -34.05 10.90 20.88
C ARG C 120 -35.03 10.27 19.90
N PHE C 121 -36.27 10.09 20.33
CA PHE C 121 -37.31 9.44 19.55
C PHE C 121 -38.61 10.21 19.56
N SER C 122 -39.36 10.02 18.49
CA SER C 122 -40.72 10.50 18.35
C SER C 122 -41.62 9.33 18.66
N CYS C 123 -42.35 9.43 19.77
CA CYS C 123 -43.27 8.39 20.20
C CYS C 123 -44.32 8.92 21.20
N ASP C 124 -45.25 8.06 21.57
CA ASP C 124 -46.38 8.44 22.42
C ASP C 124 -45.93 8.72 23.85
N VAL C 125 -45.91 9.99 24.20
CA VAL C 125 -45.53 10.42 25.54
C VAL C 125 -46.78 10.75 26.37
N SER C 126 -47.95 10.78 25.73
CA SER C 126 -49.19 11.05 26.44
C SER C 126 -49.31 10.12 27.69
N GLY C 127 -49.85 10.70 28.77
CA GLY C 127 -50.07 9.99 30.01
C GLY C 127 -48.81 9.71 30.83
N VAL C 128 -47.73 10.41 30.53
CA VAL C 128 -46.46 10.24 31.26
C VAL C 128 -46.61 10.60 32.74
N ASP C 129 -47.51 11.52 33.04
CA ASP C 129 -47.74 11.97 34.42
C ASP C 129 -48.85 11.20 35.12
N THR C 130 -49.27 10.09 34.53
CA THR C 130 -50.32 9.24 35.08
C THR C 130 -49.75 8.02 35.77
N GLU C 131 -50.61 7.38 36.54
CA GLU C 131 -50.37 6.04 37.12
C GLU C 131 -50.11 4.98 36.02
N SER C 132 -50.94 5.01 34.98
CA SER C 132 -50.83 4.11 33.83
C SER C 132 -49.52 4.34 33.06
N GLY C 133 -49.10 5.59 33.02
CA GLY C 133 -47.87 5.98 32.40
C GLY C 133 -48.01 6.13 30.90
N ALA C 134 -46.96 6.65 30.29
CA ALA C 134 -46.87 6.71 28.86
C ALA C 134 -46.32 5.40 28.33
N THR C 135 -46.68 5.08 27.09
CA THR C 135 -46.14 3.91 26.40
C THR C 135 -45.45 4.34 25.09
N CYS C 136 -44.12 4.37 25.15
CA CYS C 136 -43.30 4.83 24.06
C CYS C 136 -42.75 3.65 23.27
N ARG C 137 -43.12 3.57 22.00
CA ARG C 137 -42.72 2.45 21.17
C ARG C 137 -41.58 2.77 20.22
N ILE C 138 -40.47 2.03 20.37
CA ILE C 138 -39.27 2.19 19.58
C ILE C 138 -39.13 1.02 18.64
N LYS C 139 -39.06 1.30 17.33
CA LYS C 139 -39.03 0.29 16.28
C LYS C 139 -37.61 0.21 15.65
N ILE C 140 -37.01 -0.98 15.70
CA ILE C 140 -35.66 -1.20 15.23
C ILE C 140 -35.64 -2.34 14.22
N GLY C 141 -35.01 -2.08 13.08
CA GLY C 141 -34.79 -3.10 12.08
C GLY C 141 -33.67 -2.78 11.10
N SER C 142 -33.40 -3.69 10.20
CA SER C 142 -32.39 -3.47 9.17
C SER C 142 -32.85 -2.41 8.21
N TRP C 143 -31.97 -1.49 7.87
CA TRP C 143 -32.34 -0.41 6.97
C TRP C 143 -32.35 -0.83 5.50
N THR C 144 -31.48 -1.76 5.11
CA THR C 144 -31.38 -2.15 3.69
C THR C 144 -31.50 -3.63 3.39
N HIS C 145 -31.47 -4.48 4.41
CA HIS C 145 -31.63 -5.92 4.18
C HIS C 145 -33.07 -6.34 4.54
N HIS C 146 -33.73 -6.93 3.55
CA HIS C 146 -35.04 -7.49 3.75
C HIS C 146 -34.98 -8.83 4.48
N SER C 147 -36.14 -9.48 4.61
CA SER C 147 -36.31 -10.59 5.55
C SER C 147 -35.63 -11.89 5.12
N ARG C 148 -35.34 -12.02 3.83
CA ARG C 148 -34.58 -13.18 3.36
C ARG C 148 -33.08 -13.04 3.62
N GLU C 149 -32.67 -11.87 4.12
CA GLU C 149 -31.27 -11.60 4.40
C GLU C 149 -30.99 -11.34 5.87
N ILE C 150 -31.84 -10.55 6.51
CA ILE C 150 -31.76 -10.36 7.95
C ILE C 150 -33.11 -10.61 8.55
N SER C 151 -33.15 -11.47 9.56
CA SER C 151 -34.29 -11.55 10.44
C SER C 151 -33.87 -10.98 11.76
N VAL C 152 -34.79 -10.26 12.38
CA VAL C 152 -34.58 -9.74 13.71
C VAL C 152 -35.57 -10.36 14.66
N ASP C 153 -35.10 -10.76 15.83
CA ASP C 153 -35.99 -11.20 16.88
C ASP C 153 -35.60 -10.64 18.22
N PRO C 154 -36.57 -10.47 19.10
CA PRO C 154 -36.28 -10.17 20.50
C PRO C 154 -35.75 -11.42 21.16
N THR C 155 -35.33 -11.26 22.40
CA THR C 155 -34.84 -12.36 23.20
C THR C 155 -35.96 -12.70 24.18
N THR C 156 -35.61 -13.19 25.38
CA THR C 156 -36.59 -13.40 26.46
C THR C 156 -36.21 -12.54 27.68
N GLU C 157 -37.20 -11.85 28.24
CA GLU C 157 -37.00 -10.70 29.16
C GLU C 157 -37.38 -11.01 30.62
N ASN C 158 -36.95 -12.21 31.08
CA ASN C 158 -37.22 -12.69 32.44
C ASN C 158 -36.16 -12.22 33.46
N SER C 159 -35.33 -11.25 33.04
CA SER C 159 -34.55 -10.45 33.98
C SER C 159 -35.17 -9.04 34.10
N ASP C 160 -35.34 -8.60 35.36
CA ASP C 160 -35.79 -7.24 35.73
C ASP C 160 -35.62 -6.19 34.62
N ASP C 161 -36.72 -5.57 34.22
CA ASP C 161 -36.70 -4.46 33.24
C ASP C 161 -35.90 -3.22 33.75
N SER C 162 -35.91 -3.02 35.08
CA SER C 162 -35.19 -1.95 35.75
C SER C 162 -33.78 -2.37 36.26
N GLU C 163 -33.32 -3.57 35.92
CA GLU C 163 -32.07 -4.09 36.47
C GLU C 163 -30.91 -3.10 36.36
N TYR C 164 -30.76 -2.48 35.20
CA TYR C 164 -29.72 -1.50 34.96
C TYR C 164 -30.24 -0.07 34.93
N PHE C 165 -31.55 0.13 35.15
CA PHE C 165 -32.14 1.47 35.06
C PHE C 165 -31.67 2.32 36.24
N SER C 166 -31.44 3.60 35.95
CA SER C 166 -30.94 4.52 36.95
C SER C 166 -31.99 4.84 38.00
N GLN C 167 -31.66 4.58 39.26
CA GLN C 167 -32.53 4.93 40.39
C GLN C 167 -32.69 6.45 40.54
N TYR C 168 -31.83 7.21 39.87
CA TYR C 168 -31.81 8.66 40.01
C TYR C 168 -32.51 9.43 38.87
N SER C 169 -32.98 8.71 37.85
CA SER C 169 -33.88 9.30 36.86
C SER C 169 -35.15 9.89 37.49
N ARG C 170 -35.68 10.92 36.87
CA ARG C 170 -36.97 11.50 37.27
C ARG C 170 -38.11 10.51 37.03
N PHE C 171 -37.84 9.54 36.15
CA PHE C 171 -38.83 8.57 35.69
C PHE C 171 -38.54 7.16 36.20
N GLU C 172 -39.58 6.33 36.15
CA GLU C 172 -39.46 4.90 36.49
C GLU C 172 -40.10 4.03 35.41
N ILE C 173 -39.64 2.79 35.31
CA ILE C 173 -40.13 1.86 34.31
C ILE C 173 -41.14 0.89 34.87
N LEU C 174 -42.36 0.96 34.36
CA LEU C 174 -43.44 0.05 34.73
C LEU C 174 -43.33 -1.28 34.00
N ASP C 175 -43.04 -1.21 32.71
CA ASP C 175 -42.98 -2.40 31.87
C ASP C 175 -42.21 -2.20 30.56
N VAL C 176 -41.55 -3.25 30.11
CA VAL C 176 -40.87 -3.26 28.82
C VAL C 176 -41.27 -4.57 28.12
N THR C 177 -41.95 -4.44 26.99
CA THR C 177 -42.27 -5.61 26.16
C THR C 177 -41.69 -5.46 24.77
N GLN C 178 -41.27 -6.59 24.19
CA GLN C 178 -40.63 -6.63 22.87
C GLN C 178 -41.40 -7.59 21.95
N LYS C 179 -41.98 -7.08 20.85
CA LYS C 179 -42.50 -7.93 19.75
C LYS C 179 -41.86 -7.66 18.32
N LYS C 180 -42.02 -8.60 17.39
CA LYS C 180 -41.52 -8.47 16.03
C LYS C 180 -42.60 -8.42 14.96
N ASN C 181 -42.30 -7.72 13.87
CA ASN C 181 -43.21 -7.58 12.73
C ASN C 181 -42.43 -7.79 11.43
N SER C 182 -43.17 -8.14 10.37
CA SER C 182 -42.66 -8.17 9.01
C SER C 182 -43.48 -7.11 8.25
N VAL C 183 -42.86 -5.98 7.91
CA VAL C 183 -43.55 -4.87 7.18
C VAL C 183 -43.18 -4.77 5.67
N THR C 184 -44.15 -4.44 4.82
CA THR C 184 -43.91 -4.27 3.38
C THR C 184 -44.20 -2.83 2.93
N TYR C 185 -43.12 -2.10 2.61
CA TYR C 185 -43.19 -0.66 2.33
C TYR C 185 -43.24 -0.42 0.82
N SER C 186 -43.66 0.79 0.43
CA SER C 186 -43.88 1.14 -0.97
C SER C 186 -42.62 1.34 -1.86
N CYS C 187 -41.44 1.45 -1.25
CA CYS C 187 -40.18 1.60 -1.99
C CYS C 187 -39.73 0.32 -2.68
N CYS C 188 -40.12 -0.81 -2.11
CA CYS C 188 -39.46 -2.09 -2.41
C CYS C 188 -40.47 -3.21 -2.15
N PRO C 189 -40.40 -4.30 -2.92
CA PRO C 189 -41.44 -5.34 -2.89
C PRO C 189 -41.29 -6.40 -1.78
N GLU C 190 -40.14 -6.40 -1.09
CA GLU C 190 -39.78 -7.42 -0.13
C GLU C 190 -40.19 -6.99 1.28
N ALA C 191 -40.39 -7.97 2.16
CA ALA C 191 -40.70 -7.65 3.56
C ALA C 191 -39.45 -7.39 4.39
N TYR C 192 -39.44 -6.30 5.14
CA TYR C 192 -38.35 -5.97 6.08
C TYR C 192 -38.83 -6.23 7.51
N GLU C 193 -37.96 -6.71 8.39
CA GLU C 193 -38.40 -7.15 9.71
C GLU C 193 -37.98 -6.11 10.77
N ASP C 194 -38.72 -6.07 11.88
CA ASP C 194 -38.38 -5.20 12.99
C ASP C 194 -38.77 -5.71 14.35
N VAL C 195 -38.04 -5.24 15.35
CA VAL C 195 -38.38 -5.45 16.73
C VAL C 195 -38.99 -4.17 17.23
N GLU C 196 -40.20 -4.29 17.77
CA GLU C 196 -40.90 -3.19 18.44
C GLU C 196 -40.71 -3.30 19.94
N VAL C 197 -40.11 -2.28 20.53
CA VAL C 197 -39.87 -2.21 21.97
C VAL C 197 -40.86 -1.24 22.58
N SER C 198 -41.71 -1.74 23.46
CA SER C 198 -42.67 -0.89 24.16
C SER C 198 -42.17 -0.51 25.57
N LEU C 199 -41.86 0.77 25.73
CA LEU C 199 -41.40 1.32 27.01
C LEU C 199 -42.56 2.00 27.72
N ASN C 200 -43.17 1.29 28.65
CA ASN C 200 -44.20 1.85 29.54
C ASN C 200 -43.51 2.46 30.76
N PHE C 201 -43.52 3.79 30.85
CA PHE C 201 -42.84 4.53 31.90
C PHE C 201 -43.67 5.69 32.40
N ARG C 202 -43.23 6.29 33.50
CA ARG C 202 -43.91 7.43 34.07
C ARG C 202 -43.00 8.27 34.98
N LYS C 203 -43.42 9.52 35.19
CA LYS C 203 -42.79 10.43 36.16
C LYS C 203 -43.01 9.87 37.56
N LYS C 204 -41.97 9.91 38.37
CA LYS C 204 -42.04 9.45 39.75
C LYS C 204 -42.92 10.32 40.59
N GLY C 205 -43.58 9.69 41.55
CA GLY C 205 -44.22 10.34 42.70
C GLY C 205 -43.18 10.38 43.80
N LEU D 1 -20.84 -16.66 -8.65
CA LEU D 1 -20.81 -15.30 -8.05
C LEU D 1 -21.68 -15.22 -6.81
N ASP D 2 -21.03 -15.25 -5.65
CA ASP D 2 -21.73 -15.05 -4.37
C ASP D 2 -21.65 -13.57 -3.94
N ARG D 3 -22.30 -13.26 -2.83
CA ARG D 3 -22.33 -11.89 -2.31
C ARG D 3 -20.91 -11.30 -2.13
N ALA D 4 -20.02 -12.08 -1.59
CA ALA D 4 -18.67 -11.60 -1.30
C ALA D 4 -17.96 -11.19 -2.58
N ASP D 5 -18.08 -12.02 -3.61
CA ASP D 5 -17.43 -11.77 -4.89
C ASP D 5 -17.98 -10.49 -5.50
N ILE D 6 -19.29 -10.33 -5.47
CA ILE D 6 -19.92 -9.15 -6.06
C ILE D 6 -19.43 -7.89 -5.38
N LEU D 7 -19.33 -7.92 -4.06
CA LEU D 7 -18.94 -6.73 -3.29
C LEU D 7 -17.46 -6.43 -3.43
N TYR D 8 -16.67 -7.48 -3.57
CA TYR D 8 -15.25 -7.32 -3.88
C TYR D 8 -15.09 -6.61 -5.21
N ASN D 9 -15.76 -7.11 -6.24
CA ASN D 9 -15.63 -6.59 -7.59
C ASN D 9 -16.04 -5.11 -7.61
N ILE D 10 -17.15 -4.80 -6.93
CA ILE D 10 -17.65 -3.43 -6.83
C ILE D 10 -16.67 -2.49 -6.11
N ARG D 11 -16.15 -2.94 -4.98
CA ARG D 11 -15.17 -2.19 -4.21
C ARG D 11 -13.88 -1.94 -4.99
N GLN D 12 -13.43 -2.95 -5.73
CA GLN D 12 -12.15 -2.90 -6.46
C GLN D 12 -12.23 -2.02 -7.70
N THR D 13 -13.39 -1.94 -8.32
CA THR D 13 -13.51 -1.32 -9.65
C THR D 13 -14.47 -0.16 -9.69
N SER D 14 -15.20 0.05 -8.60
CA SER D 14 -16.14 1.13 -8.65
C SER D 14 -15.27 2.39 -8.67
N ARG D 15 -15.78 3.36 -9.41
CA ARG D 15 -15.10 4.61 -9.55
C ARG D 15 -16.10 5.62 -8.99
N PRO D 16 -16.12 5.74 -7.66
CA PRO D 16 -17.02 6.67 -6.95
C PRO D 16 -16.87 8.17 -7.33
N ASP D 17 -15.84 8.58 -8.03
CA ASP D 17 -15.63 9.97 -8.37
C ASP D 17 -16.18 10.22 -9.79
N VAL D 18 -16.61 9.14 -10.43
CA VAL D 18 -16.94 9.12 -11.84
C VAL D 18 -18.44 8.99 -12.09
N ILE D 19 -19.04 10.08 -12.56
CA ILE D 19 -20.44 10.06 -12.93
C ILE D 19 -20.66 8.99 -14.03
N PRO D 20 -21.57 8.04 -13.83
CA PRO D 20 -21.76 6.93 -14.77
C PRO D 20 -22.62 7.35 -15.93
N THR D 21 -22.10 8.33 -16.62
CA THR D 21 -22.67 8.82 -17.84
C THR D 21 -22.57 7.74 -18.89
N GLN D 22 -23.67 7.52 -19.62
CA GLN D 22 -23.66 6.66 -20.80
C GLN D 22 -23.85 7.57 -22.00
N ARG D 23 -22.86 7.55 -22.91
CA ARG D 23 -22.80 8.42 -24.10
C ARG D 23 -22.95 9.93 -23.76
N ASP D 24 -23.71 10.68 -24.58
CA ASP D 24 -23.95 12.12 -24.34
C ASP D 24 -25.09 12.34 -23.33
N ARG D 25 -25.47 11.24 -22.68
CA ARG D 25 -26.76 11.17 -22.01
C ARG D 25 -26.56 11.50 -20.53
N PRO D 26 -27.47 12.31 -20.01
CA PRO D 26 -27.43 12.63 -18.60
C PRO D 26 -27.78 11.40 -17.79
N VAL D 27 -27.25 11.34 -16.59
CA VAL D 27 -27.65 10.32 -15.67
C VAL D 27 -28.98 10.72 -15.11
N ALA D 28 -29.97 9.90 -15.37
CA ALA D 28 -31.32 10.15 -14.88
C ALA D 28 -31.44 9.76 -13.40
N VAL D 29 -31.51 10.76 -12.54
CA VAL D 29 -31.60 10.59 -11.09
C VAL D 29 -32.98 10.93 -10.61
N SER D 30 -33.70 9.98 -10.02
CA SER D 30 -35.02 10.27 -9.50
C SER D 30 -34.97 10.53 -8.01
N VAL D 31 -35.71 11.55 -7.57
CA VAL D 31 -35.71 12.00 -6.19
C VAL D 31 -37.14 12.09 -5.68
N SER D 32 -37.36 11.60 -4.47
CA SER D 32 -38.68 11.63 -3.89
C SER D 32 -38.58 11.63 -2.38
N LEU D 33 -39.12 12.67 -1.73
CA LEU D 33 -39.07 12.82 -0.28
C LEU D 33 -40.32 12.22 0.36
N LYS D 34 -40.11 11.31 1.32
CA LYS D 34 -41.21 10.80 2.15
C LYS D 34 -41.02 11.37 3.55
N PHE D 35 -41.94 12.22 3.96
CA PHE D 35 -41.83 12.91 5.24
C PHE D 35 -42.25 11.99 6.37
N ILE D 36 -41.38 11.94 7.39
CA ILE D 36 -41.55 11.12 8.57
C ILE D 36 -41.95 11.99 9.75
N ASN D 37 -41.38 13.19 9.84
CA ASN D 37 -41.65 14.06 10.98
C ASN D 37 -41.43 15.52 10.66
N ILE D 38 -42.14 16.36 11.42
CA ILE D 38 -41.92 17.81 11.44
C ILE D 38 -41.75 18.18 12.88
N LEU D 39 -40.53 18.53 13.25
CA LEU D 39 -40.12 18.58 14.66
C LEU D 39 -40.15 19.94 15.29
N GLU D 40 -39.90 20.95 14.48
CA GLU D 40 -39.90 22.31 14.98
C GLU D 40 -40.23 23.26 13.86
N VAL D 41 -41.01 24.26 14.21
CA VAL D 41 -41.51 25.21 13.25
C VAL D 41 -41.49 26.59 13.90
N ASN D 42 -41.15 27.59 13.10
CA ASN D 42 -41.09 28.97 13.55
C ASN D 42 -41.66 29.86 12.47
N GLU D 43 -42.86 30.39 12.72
CA GLU D 43 -43.58 31.23 11.74
C GLU D 43 -42.93 32.60 11.60
N ILE D 44 -42.24 33.03 12.65
CA ILE D 44 -41.55 34.33 12.69
C ILE D 44 -40.29 34.30 11.85
N THR D 45 -39.44 33.29 12.04
CA THR D 45 -38.17 33.17 11.30
C THR D 45 -38.30 32.41 9.96
N ASN D 46 -39.47 31.84 9.70
CA ASN D 46 -39.71 31.05 8.51
C ASN D 46 -38.67 29.93 8.41
N GLU D 47 -38.55 29.20 9.49
CA GLU D 47 -37.63 28.08 9.55
C GLU D 47 -38.36 26.83 9.98
N VAL D 48 -37.93 25.73 9.42
CA VAL D 48 -38.59 24.46 9.63
C VAL D 48 -37.54 23.38 9.86
N ASP D 49 -37.88 22.43 10.71
CA ASP D 49 -36.97 21.34 11.09
C ASP D 49 -37.72 20.06 10.83
N VAL D 50 -37.14 19.18 10.06
CA VAL D 50 -37.89 18.18 9.35
C VAL D 50 -37.10 16.89 9.22
N VAL D 51 -37.79 15.75 9.31
CA VAL D 51 -37.17 14.44 9.05
C VAL D 51 -37.85 13.81 7.84
N PHE D 52 -37.05 13.38 6.88
CA PHE D 52 -37.59 12.74 5.68
C PHE D 52 -36.66 11.66 5.15
N TRP D 53 -37.24 10.71 4.45
CA TRP D 53 -36.46 9.74 3.69
C TRP D 53 -36.26 10.29 2.30
N GLN D 54 -35.02 10.41 1.86
CA GLN D 54 -34.71 10.96 0.54
C GLN D 54 -34.47 9.80 -0.40
N GLN D 55 -35.56 9.35 -0.99
CA GLN D 55 -35.51 8.23 -1.93
C GLN D 55 -34.86 8.60 -3.25
N THR D 56 -33.64 8.12 -3.43
CA THR D 56 -32.80 8.48 -4.56
C THR D 56 -32.50 7.26 -5.38
N THR D 57 -32.73 7.35 -6.66
CA THR D 57 -32.63 6.21 -7.55
C THR D 57 -31.92 6.61 -8.83
N TRP D 58 -30.99 5.77 -9.29
CA TRP D 58 -30.29 6.01 -10.55
C TRP D 58 -29.64 4.73 -11.07
N SER D 59 -29.03 4.84 -12.24
CA SER D 59 -28.39 3.73 -12.92
C SER D 59 -26.90 3.95 -13.01
N ASP D 60 -26.15 2.89 -12.73
CA ASP D 60 -24.70 2.81 -12.94
C ASP D 60 -24.42 1.41 -13.48
N ARG D 61 -24.24 1.33 -14.81
CA ARG D 61 -24.04 0.05 -15.50
C ARG D 61 -22.72 -0.64 -15.11
N THR D 62 -21.75 0.10 -14.57
CA THR D 62 -20.44 -0.48 -14.24
C THR D 62 -20.50 -1.36 -12.99
N LEU D 63 -21.61 -1.30 -12.27
CA LEU D 63 -21.81 -2.10 -11.08
C LEU D 63 -22.43 -3.44 -11.44
N ALA D 64 -22.96 -3.56 -12.66
CA ALA D 64 -23.77 -4.71 -13.04
C ALA D 64 -23.00 -6.02 -13.00
N TRP D 65 -23.72 -7.10 -12.71
CA TRP D 65 -23.17 -8.43 -12.77
C TRP D 65 -24.18 -9.40 -13.35
N ASN D 66 -23.67 -10.54 -13.81
CA ASN D 66 -24.54 -11.62 -14.27
C ASN D 66 -25.22 -12.31 -13.07
N SER D 67 -26.55 -12.20 -13.00
CA SER D 67 -27.33 -12.75 -11.88
C SER D 67 -27.92 -14.15 -12.14
N SER D 68 -27.23 -14.94 -12.95
CA SER D 68 -27.74 -16.24 -13.36
C SER D 68 -27.92 -17.14 -12.15
N HIS D 69 -26.82 -17.41 -11.46
CA HIS D 69 -26.88 -18.15 -10.21
C HIS D 69 -26.23 -17.33 -9.16
N SER D 70 -26.83 -16.18 -8.97
CA SER D 70 -26.29 -15.20 -8.07
C SER D 70 -27.41 -14.38 -7.44
N PRO D 71 -27.09 -13.71 -6.34
CA PRO D 71 -28.07 -12.80 -5.73
C PRO D 71 -28.50 -11.72 -6.70
N ASP D 72 -29.78 -11.33 -6.63
CA ASP D 72 -30.33 -10.25 -7.44
C ASP D 72 -29.81 -8.86 -6.95
N GLN D 73 -29.48 -8.76 -5.66
CA GLN D 73 -29.18 -7.49 -5.02
C GLN D 73 -28.15 -7.61 -3.90
N VAL D 74 -27.41 -6.57 -3.70
CA VAL D 74 -26.55 -6.46 -2.52
C VAL D 74 -26.60 -5.10 -1.96
N SER D 75 -26.28 -5.00 -0.68
CA SER D 75 -26.11 -3.72 0.02
C SER D 75 -24.65 -3.33 0.05
N VAL D 76 -24.36 -2.08 -0.32
CA VAL D 76 -23.03 -1.57 -0.56
C VAL D 76 -22.85 -0.22 0.14
N PRO D 77 -21.75 -0.03 0.87
CA PRO D 77 -21.46 1.28 1.47
C PRO D 77 -21.36 2.34 0.37
N ILE D 78 -21.99 3.49 0.58
CA ILE D 78 -22.00 4.54 -0.43
C ILE D 78 -20.62 5.09 -0.78
N SER D 79 -19.66 4.95 0.14
CA SER D 79 -18.29 5.33 -0.12
C SER D 79 -17.69 4.52 -1.27
N SER D 80 -18.23 3.35 -1.58
CA SER D 80 -17.75 2.52 -2.71
C SER D 80 -18.53 2.74 -3.99
N LEU D 81 -19.45 3.71 -4.00
CA LEU D 81 -20.25 4.00 -5.20
C LEU D 81 -20.21 5.46 -5.52
N TRP D 82 -20.42 5.77 -6.78
CA TRP D 82 -20.75 7.13 -7.19
C TRP D 82 -22.17 7.39 -6.73
N VAL D 83 -22.34 8.56 -6.15
CA VAL D 83 -23.62 9.03 -5.61
C VAL D 83 -23.83 10.45 -6.16
N PRO D 84 -25.05 10.75 -6.60
CA PRO D 84 -25.28 12.09 -7.11
C PRO D 84 -25.02 13.13 -6.00
N ASP D 85 -24.42 14.24 -6.39
CA ASP D 85 -24.13 15.33 -5.50
C ASP D 85 -25.36 16.22 -5.29
N LEU D 86 -26.44 15.64 -4.83
CA LEU D 86 -27.66 16.38 -4.56
C LEU D 86 -27.46 17.27 -3.33
N ALA D 87 -28.07 18.44 -3.39
CA ALA D 87 -28.16 19.37 -2.26
C ALA D 87 -29.50 20.05 -2.24
N ALA D 88 -29.92 20.32 -1.01
CA ALA D 88 -31.12 21.11 -0.79
C ALA D 88 -30.72 22.58 -0.72
N TYR D 89 -31.16 23.37 -1.71
CA TYR D 89 -30.71 24.77 -1.89
C TYR D 89 -31.13 25.70 -0.80
N ASN D 90 -32.34 25.47 -0.28
CA ASN D 90 -32.84 26.29 0.82
C ASN D 90 -32.59 25.67 2.20
N ALA D 91 -31.71 24.69 2.27
CA ALA D 91 -31.26 24.14 3.55
C ALA D 91 -30.41 25.15 4.31
N ILE D 92 -30.57 25.18 5.62
CA ILE D 92 -29.86 26.10 6.47
C ILE D 92 -29.06 25.33 7.54
N SER D 93 -29.04 24.02 7.39
CA SER D 93 -28.13 23.17 8.17
C SER D 93 -27.71 21.99 7.29
N LYS D 94 -26.57 21.39 7.61
CA LYS D 94 -26.12 20.24 6.83
C LYS D 94 -26.94 19.01 7.18
N PRO D 95 -27.17 18.17 6.18
CA PRO D 95 -28.06 17.04 6.36
C PRO D 95 -27.49 16.17 7.45
N GLU D 96 -28.28 15.93 8.48
CA GLU D 96 -27.93 14.98 9.54
C GLU D 96 -28.48 13.61 9.09
N VAL D 97 -27.59 12.72 8.65
CA VAL D 97 -27.98 11.39 8.18
C VAL D 97 -28.18 10.44 9.36
N LEU D 98 -29.41 10.00 9.57
CA LEU D 98 -29.78 9.20 10.75
C LEU D 98 -29.55 7.70 10.59
N THR D 99 -29.44 7.25 9.34
CA THR D 99 -29.44 5.84 9.03
C THR D 99 -28.08 5.38 8.54
N PRO D 100 -27.86 4.07 8.54
CA PRO D 100 -26.67 3.49 7.91
C PRO D 100 -26.49 3.90 6.46
N GLN D 101 -25.25 4.18 6.09
CA GLN D 101 -24.92 4.79 4.81
C GLN D 101 -24.64 3.72 3.79
N LEU D 102 -25.69 2.99 3.48
CA LEU D 102 -25.61 1.83 2.61
C LEU D 102 -26.66 2.05 1.53
N ALA D 103 -26.30 1.69 0.31
CA ALA D 103 -27.22 1.70 -0.81
C ALA D 103 -27.47 0.28 -1.28
N ARG D 104 -28.61 0.12 -1.92
CA ARG D 104 -29.02 -1.14 -2.43
C ARG D 104 -28.76 -1.16 -3.93
N VAL D 105 -27.92 -2.11 -4.36
CA VAL D 105 -27.53 -2.23 -5.78
C VAL D 105 -28.12 -3.51 -6.35
N VAL D 106 -28.86 -3.37 -7.45
CA VAL D 106 -29.48 -4.50 -8.18
C VAL D 106 -28.52 -4.97 -9.28
N SER D 107 -28.60 -6.23 -9.65
CA SER D 107 -27.67 -6.82 -10.63
C SER D 107 -27.59 -6.14 -12.01
N ASP D 108 -28.64 -5.42 -12.40
CA ASP D 108 -28.65 -4.68 -13.68
C ASP D 108 -28.01 -3.29 -13.56
N GLY D 109 -27.58 -2.93 -12.35
CA GLY D 109 -26.92 -1.66 -12.12
C GLY D 109 -27.76 -0.54 -11.51
N GLU D 110 -29.01 -0.81 -11.21
CA GLU D 110 -29.87 0.18 -10.59
C GLU D 110 -29.50 0.31 -9.11
N VAL D 111 -29.55 1.53 -8.61
CA VAL D 111 -29.12 1.80 -7.25
C VAL D 111 -30.26 2.53 -6.55
N LEU D 112 -30.63 2.04 -5.38
CA LEU D 112 -31.47 2.77 -4.45
C LEU D 112 -30.62 3.18 -3.23
N TYR D 113 -30.50 4.49 -2.99
CA TYR D 113 -30.00 5.01 -1.70
C TYR D 113 -31.16 5.75 -1.05
N MET D 114 -31.60 5.31 0.12
CA MET D 114 -32.69 5.95 0.82
C MET D 114 -32.36 6.26 2.28
N PRO D 115 -31.57 7.30 2.48
CA PRO D 115 -31.23 7.71 3.85
C PRO D 115 -32.41 8.44 4.49
N SER D 116 -32.51 8.31 5.78
CA SER D 116 -33.36 9.19 6.58
C SER D 116 -32.51 10.39 6.99
N ILE D 117 -33.05 11.59 6.75
CA ILE D 117 -32.32 12.84 6.99
C ILE D 117 -33.13 13.77 7.87
N ARG D 118 -32.51 14.30 8.91
CA ARG D 118 -33.03 15.46 9.63
C ARG D 118 -32.29 16.68 9.13
N GLN D 119 -33.01 17.74 8.84
CA GLN D 119 -32.44 18.94 8.26
C GLN D 119 -33.39 20.11 8.47
N ARG D 120 -32.82 21.30 8.65
CA ARG D 120 -33.59 22.54 8.77
C ARG D 120 -33.63 23.29 7.43
N PHE D 121 -34.74 23.93 7.15
CA PHE D 121 -34.93 24.69 5.92
C PHE D 121 -35.52 26.09 6.15
N SER D 122 -35.20 26.99 5.22
CA SER D 122 -35.80 28.30 5.16
C SER D 122 -36.88 28.19 4.09
N CYS D 123 -38.13 28.31 4.52
CA CYS D 123 -39.28 28.25 3.61
C CYS D 123 -40.55 28.89 4.22
N ASP D 124 -41.59 28.99 3.41
CA ASP D 124 -42.84 29.67 3.83
C ASP D 124 -43.59 28.92 4.92
N VAL D 125 -43.53 29.42 6.13
CA VAL D 125 -44.22 28.81 7.27
C VAL D 125 -45.52 29.55 7.59
N SER D 126 -45.73 30.70 6.93
CA SER D 126 -46.97 31.45 7.12
C SER D 126 -48.21 30.57 6.93
N GLY D 127 -49.20 30.80 7.78
CA GLY D 127 -50.44 30.05 7.78
C GLY D 127 -50.35 28.63 8.30
N VAL D 128 -49.28 28.32 9.04
CA VAL D 128 -49.13 26.99 9.67
C VAL D 128 -50.25 26.69 10.67
N ASP D 129 -50.79 27.72 11.33
CA ASP D 129 -51.86 27.55 12.29
C ASP D 129 -53.27 27.68 11.71
N THR D 130 -53.36 27.61 10.39
CA THR D 130 -54.63 27.72 9.68
C THR D 130 -55.09 26.35 9.19
N GLU D 131 -56.36 26.31 8.83
CA GLU D 131 -56.97 25.20 8.11
C GLU D 131 -56.23 24.91 6.78
N SER D 132 -55.94 25.96 6.03
CA SER D 132 -55.24 25.87 4.73
C SER D 132 -53.82 25.36 4.91
N GLY D 133 -53.23 25.72 6.03
CA GLY D 133 -51.89 25.26 6.39
C GLY D 133 -50.81 26.09 5.73
N ALA D 134 -49.59 25.85 6.17
CA ALA D 134 -48.42 26.43 5.53
C ALA D 134 -48.05 25.54 4.34
N THR D 135 -47.41 26.15 3.34
CA THR D 135 -46.83 25.40 2.22
C THR D 135 -45.34 25.67 2.12
N CYS D 136 -44.56 24.71 2.58
CA CYS D 136 -43.09 24.82 2.66
C CYS D 136 -42.46 24.09 1.49
N ARG D 137 -41.72 24.84 0.68
CA ARG D 137 -41.13 24.30 -0.57
C ARG D 137 -39.65 24.03 -0.41
N ILE D 138 -39.28 22.78 -0.66
CA ILE D 138 -37.88 22.34 -0.56
C ILE D 138 -37.36 22.01 -1.96
N LYS D 139 -36.22 22.60 -2.30
CA LYS D 139 -35.66 22.52 -3.64
C LYS D 139 -34.40 21.67 -3.62
N ILE D 140 -34.38 20.59 -4.41
CA ILE D 140 -33.23 19.67 -4.41
C ILE D 140 -32.73 19.46 -5.81
N GLY D 141 -31.43 19.60 -5.96
CA GLY D 141 -30.77 19.30 -7.22
C GLY D 141 -29.28 19.07 -7.10
N SER D 142 -28.66 18.76 -8.22
CA SER D 142 -27.24 18.55 -8.28
C SER D 142 -26.53 19.86 -8.07
N TRP D 143 -25.49 19.83 -7.25
CA TRP D 143 -24.78 21.06 -6.93
C TRP D 143 -23.78 21.46 -8.00
N THR D 144 -23.20 20.48 -8.70
CA THR D 144 -22.16 20.80 -9.71
C THR D 144 -22.37 20.24 -11.11
N HIS D 145 -23.35 19.37 -11.27
CA HIS D 145 -23.63 18.79 -12.58
C HIS D 145 -24.86 19.44 -13.20
N HIS D 146 -24.66 20.03 -14.35
CA HIS D 146 -25.74 20.63 -15.09
C HIS D 146 -26.60 19.59 -15.82
N SER D 147 -27.58 20.07 -16.58
CA SER D 147 -28.66 19.21 -17.09
C SER D 147 -28.26 18.22 -18.18
N ARG D 148 -27.16 18.47 -18.86
CA ARG D 148 -26.61 17.47 -19.79
C ARG D 148 -25.86 16.34 -19.07
N GLU D 149 -25.68 16.46 -17.76
CA GLU D 149 -24.96 15.45 -16.98
C GLU D 149 -25.87 14.74 -15.95
N ILE D 150 -26.68 15.51 -15.24
CA ILE D 150 -27.68 14.97 -14.32
C ILE D 150 -29.07 15.55 -14.64
N SER D 151 -30.05 14.69 -14.93
CA SER D 151 -31.46 15.12 -14.91
C SER D 151 -32.14 14.54 -13.68
N VAL D 152 -33.14 15.27 -13.19
CA VAL D 152 -33.83 14.86 -11.99
C VAL D 152 -35.22 14.50 -12.38
N ASP D 153 -35.63 13.33 -11.95
CA ASP D 153 -36.96 12.80 -12.19
C ASP D 153 -37.78 12.96 -10.91
N PRO D 154 -38.78 13.85 -10.93
CA PRO D 154 -39.56 14.19 -9.74
C PRO D 154 -40.80 13.36 -9.49
N THR D 155 -41.00 12.23 -10.14
CA THR D 155 -42.18 11.37 -9.91
C THR D 155 -42.42 10.94 -8.45
N THR D 156 -43.69 10.83 -8.08
CA THR D 156 -44.17 10.53 -6.72
C THR D 156 -45.04 9.29 -6.80
N GLU D 157 -44.78 8.29 -5.95
CA GLU D 157 -45.75 7.19 -5.78
C GLU D 157 -47.05 7.74 -5.12
N ASN D 158 -48.21 7.47 -5.72
CA ASN D 158 -49.47 8.04 -5.16
C ASN D 158 -50.17 7.16 -4.12
N SER D 159 -49.58 7.27 -2.94
CA SER D 159 -49.93 6.55 -1.72
C SER D 159 -50.31 7.66 -0.73
N ASP D 160 -50.49 7.34 0.55
CA ASP D 160 -50.63 8.42 1.51
C ASP D 160 -49.24 9.07 1.62
N ASP D 161 -49.24 10.40 1.51
CA ASP D 161 -48.07 11.23 1.82
C ASP D 161 -47.70 11.05 3.31
N SER D 162 -48.66 10.51 4.08
CA SER D 162 -48.50 10.17 5.49
C SER D 162 -48.37 8.63 5.68
N GLU D 163 -47.97 7.90 4.64
CA GLU D 163 -47.84 6.45 4.80
C GLU D 163 -46.94 6.18 5.99
N TYR D 164 -45.78 6.87 6.03
CA TYR D 164 -44.86 6.76 7.15
C TYR D 164 -44.60 8.08 7.91
N PHE D 165 -45.54 9.02 7.90
CA PHE D 165 -45.48 10.20 8.76
C PHE D 165 -45.91 9.83 10.19
N SER D 166 -45.26 10.46 11.18
CA SER D 166 -45.45 10.16 12.58
C SER D 166 -46.82 10.64 13.08
N GLN D 167 -47.60 9.72 13.61
CA GLN D 167 -48.90 10.08 14.16
C GLN D 167 -48.73 10.96 15.40
N TYR D 168 -47.51 11.01 15.93
CA TYR D 168 -47.25 11.69 17.20
C TYR D 168 -46.68 13.10 17.04
N SER D 169 -46.39 13.49 15.81
CA SER D 169 -46.00 14.88 15.53
C SER D 169 -47.09 15.84 15.95
N ARG D 170 -46.70 17.05 16.32
CA ARG D 170 -47.64 18.13 16.62
C ARG D 170 -48.37 18.56 15.33
N PHE D 171 -47.78 18.22 14.19
CA PHE D 171 -48.27 18.64 12.88
C PHE D 171 -48.85 17.45 12.08
N GLU D 172 -49.65 17.79 11.07
CA GLU D 172 -50.14 16.81 10.12
C GLU D 172 -49.93 17.28 8.67
N ILE D 173 -49.86 16.32 7.76
CA ILE D 173 -49.67 16.62 6.34
C ILE D 173 -50.99 16.61 5.58
N LEU D 174 -51.28 17.77 4.99
CA LEU D 174 -52.43 17.91 4.09
C LEU D 174 -52.13 17.43 2.67
N ASP D 175 -50.93 17.75 2.18
CA ASP D 175 -50.56 17.43 0.80
C ASP D 175 -49.08 17.53 0.54
N VAL D 176 -48.58 16.66 -0.33
CA VAL D 176 -47.19 16.71 -0.76
C VAL D 176 -47.14 16.54 -2.26
N THR D 177 -46.72 17.59 -2.97
CA THR D 177 -46.60 17.55 -4.43
C THR D 177 -45.14 17.78 -4.85
N GLN D 178 -44.78 17.17 -5.96
CA GLN D 178 -43.41 17.24 -6.46
C GLN D 178 -43.44 17.69 -7.94
N LYS D 179 -42.67 18.73 -8.27
CA LYS D 179 -42.44 19.14 -9.68
C LYS D 179 -40.95 19.41 -10.02
N LYS D 180 -40.62 19.32 -11.31
CA LYS D 180 -39.26 19.49 -11.79
C LYS D 180 -38.99 20.86 -12.41
N ASN D 181 -37.91 21.55 -12.01
CA ASN D 181 -37.54 22.81 -12.68
C ASN D 181 -36.21 22.74 -13.43
N SER D 182 -36.01 23.67 -14.36
CA SER D 182 -34.73 23.83 -15.09
C SER D 182 -34.25 25.31 -15.12
N VAL D 183 -33.22 25.60 -14.32
CA VAL D 183 -32.82 26.98 -13.98
C VAL D 183 -31.39 27.41 -14.42
N THR D 184 -31.32 28.53 -15.14
CA THR D 184 -30.05 29.15 -15.52
C THR D 184 -29.66 30.21 -14.48
N TYR D 185 -28.55 29.95 -13.80
CA TYR D 185 -28.04 30.79 -12.72
C TYR D 185 -26.89 31.63 -13.27
N SER D 186 -26.70 32.84 -12.76
CA SER D 186 -25.69 33.80 -13.28
C SER D 186 -24.22 33.40 -13.07
N CYS D 187 -23.95 32.51 -12.12
CA CYS D 187 -22.59 31.96 -11.91
C CYS D 187 -22.03 31.24 -13.14
N CYS D 188 -22.89 30.58 -13.90
CA CYS D 188 -22.48 29.61 -14.90
C CYS D 188 -23.37 29.66 -16.18
N PRO D 189 -22.95 29.07 -17.30
CA PRO D 189 -23.72 29.19 -18.55
C PRO D 189 -24.89 28.20 -18.70
N GLU D 190 -24.80 27.03 -18.06
CA GLU D 190 -25.72 25.90 -18.28
C GLU D 190 -26.87 25.87 -17.27
N ALA D 191 -27.94 25.14 -17.61
CA ALA D 191 -29.09 25.00 -16.74
C ALA D 191 -28.96 23.85 -15.75
N TYR D 192 -29.38 24.06 -14.52
CA TYR D 192 -29.34 22.99 -13.53
C TYR D 192 -30.75 22.58 -13.19
N GLU D 193 -30.97 21.28 -13.05
CA GLU D 193 -32.31 20.77 -12.82
C GLU D 193 -32.50 20.63 -11.33
N ASP D 194 -33.75 20.78 -10.89
CA ASP D 194 -34.12 20.46 -9.51
C ASP D 194 -35.53 19.85 -9.40
N VAL D 195 -35.77 19.20 -8.28
CA VAL D 195 -37.09 18.78 -7.88
C VAL D 195 -37.53 19.71 -6.76
N GLU D 196 -38.70 20.29 -6.94
CA GLU D 196 -39.36 21.13 -5.95
C GLU D 196 -40.44 20.31 -5.24
N VAL D 197 -40.24 20.15 -3.93
CA VAL D 197 -41.15 19.39 -3.08
C VAL D 197 -41.98 20.40 -2.27
N SER D 198 -43.29 20.41 -2.49
CA SER D 198 -44.21 21.27 -1.74
C SER D 198 -44.86 20.51 -0.59
N LEU D 199 -44.49 20.88 0.63
CA LEU D 199 -45.04 20.29 1.83
C LEU D 199 -46.11 21.22 2.39
N ASN D 200 -47.36 20.90 2.11
CA ASN D 200 -48.52 21.59 2.72
C ASN D 200 -48.88 20.88 4.04
N PHE D 201 -48.65 21.58 5.15
CA PHE D 201 -48.84 21.03 6.48
C PHE D 201 -49.39 22.07 7.43
N ARG D 202 -49.84 21.60 8.59
CA ARG D 202 -50.42 22.46 9.62
C ARG D 202 -50.35 21.85 11.03
N LYS D 203 -50.45 22.74 12.02
CA LYS D 203 -50.58 22.35 13.41
C LYS D 203 -51.93 21.64 13.61
N LYS D 204 -51.90 20.53 14.36
CA LYS D 204 -53.12 19.77 14.67
C LYS D 204 -54.05 20.65 15.50
N GLY D 205 -55.34 20.69 15.14
CA GLY D 205 -56.28 21.50 15.90
C GLY D 205 -57.65 21.64 15.26
N LEU E 1 -9.99 11.53 -24.54
CA LEU E 1 -10.26 10.79 -23.28
C LEU E 1 -11.73 10.87 -22.86
N ASP E 2 -12.14 9.97 -21.98
CA ASP E 2 -13.47 10.05 -21.35
C ASP E 2 -13.38 10.57 -19.90
N ARG E 3 -14.53 10.78 -19.28
CA ARG E 3 -14.62 11.32 -17.92
C ARG E 3 -13.79 10.49 -16.91
N ALA E 4 -13.85 9.17 -17.02
CA ALA E 4 -13.15 8.30 -16.08
C ALA E 4 -11.62 8.49 -16.15
N ASP E 5 -11.10 8.60 -17.36
CA ASP E 5 -9.67 8.78 -17.59
C ASP E 5 -9.19 10.12 -17.07
N ILE E 6 -9.97 11.17 -17.32
CA ILE E 6 -9.61 12.51 -16.84
C ILE E 6 -9.53 12.50 -15.32
N LEU E 7 -10.51 11.88 -14.67
CA LEU E 7 -10.59 11.89 -13.20
C LEU E 7 -9.51 11.03 -12.59
N TYR E 8 -9.17 9.95 -13.26
CA TYR E 8 -8.07 9.09 -12.85
C TYR E 8 -6.76 9.88 -12.88
N ASN E 9 -6.51 10.54 -13.99
CA ASN E 9 -5.28 11.28 -14.17
C ASN E 9 -5.17 12.37 -13.10
N ILE E 10 -6.25 13.08 -12.84
CA ILE E 10 -6.23 14.14 -11.84
C ILE E 10 -5.97 13.54 -10.45
N ARG E 11 -6.65 12.48 -10.10
CA ARG E 11 -6.47 11.83 -8.82
C ARG E 11 -5.02 11.32 -8.61
N GLN E 12 -4.47 10.76 -9.67
CA GLN E 12 -3.16 10.14 -9.61
C GLN E 12 -2.03 11.14 -9.57
N THR E 13 -2.24 12.34 -10.11
CA THR E 13 -1.14 13.31 -10.26
C THR E 13 -1.40 14.65 -9.61
N SER E 14 -2.62 14.87 -9.17
CA SER E 14 -2.89 16.16 -8.58
C SER E 14 -2.07 16.19 -7.26
N ARG E 15 -1.60 17.38 -6.94
CA ARG E 15 -0.81 17.49 -5.73
C ARG E 15 -1.51 18.51 -4.85
N PRO E 16 -2.47 18.05 -4.07
CA PRO E 16 -3.33 18.91 -3.25
C PRO E 16 -2.61 19.85 -2.28
N ASP E 17 -1.40 19.50 -1.90
CA ASP E 17 -0.63 20.31 -0.97
C ASP E 17 0.18 21.38 -1.69
N VAL E 18 0.15 21.41 -3.03
CA VAL E 18 1.03 22.23 -3.85
C VAL E 18 0.33 23.39 -4.55
N ILE E 19 0.59 24.60 -4.10
CA ILE E 19 0.02 25.80 -4.72
C ILE E 19 0.48 25.84 -6.18
N PRO E 20 -0.44 25.91 -7.15
CA PRO E 20 -0.11 25.86 -8.59
C PRO E 20 0.42 27.19 -9.12
N THR E 21 1.49 27.63 -8.49
CA THR E 21 2.16 28.83 -8.87
C THR E 21 2.71 28.60 -10.27
N GLN E 22 2.41 29.53 -11.17
CA GLN E 22 2.89 29.51 -12.57
C GLN E 22 4.06 30.48 -12.74
N ARG E 23 5.26 29.96 -13.02
CA ARG E 23 6.46 30.82 -13.08
C ARG E 23 6.61 31.51 -11.69
N ASP E 24 6.98 32.79 -11.59
CA ASP E 24 7.18 33.42 -10.27
C ASP E 24 5.97 34.23 -9.76
N ARG E 25 4.81 34.00 -10.39
CA ARG E 25 3.61 34.82 -10.21
C ARG E 25 2.66 34.25 -9.14
N PRO E 26 1.89 35.13 -8.51
CA PRO E 26 0.88 34.68 -7.56
C PRO E 26 -0.23 33.94 -8.28
N VAL E 27 -0.85 33.01 -7.59
CA VAL E 27 -2.07 32.41 -8.06
C VAL E 27 -3.20 33.40 -7.83
N ALA E 28 -3.85 33.78 -8.92
CA ALA E 28 -4.94 34.75 -8.91
C ALA E 28 -6.22 34.04 -8.54
N VAL E 29 -6.63 34.20 -7.28
CA VAL E 29 -7.85 33.61 -6.75
C VAL E 29 -8.95 34.67 -6.73
N SER E 30 -10.08 34.42 -7.36
CA SER E 30 -11.19 35.36 -7.26
C SER E 30 -12.26 34.84 -6.31
N VAL E 31 -12.75 35.72 -5.46
CA VAL E 31 -13.71 35.39 -4.42
C VAL E 31 -14.90 36.32 -4.51
N SER E 32 -16.09 35.74 -4.41
CA SER E 32 -17.33 36.50 -4.45
C SER E 32 -18.40 35.77 -3.63
N LEU E 33 -18.97 36.46 -2.64
CA LEU E 33 -20.02 35.90 -1.78
C LEU E 33 -21.37 36.27 -2.33
N LYS E 34 -22.22 35.27 -2.54
CA LYS E 34 -23.64 35.48 -2.89
C LYS E 34 -24.44 35.07 -1.66
N PHE E 35 -25.15 36.03 -1.08
CA PHE E 35 -25.89 35.78 0.17
C PHE E 35 -27.21 35.11 -0.10
N ILE E 36 -27.47 34.04 0.63
CA ILE E 36 -28.68 33.24 0.50
C ILE E 36 -29.60 33.53 1.64
N ASN E 37 -29.04 33.68 2.83
CA ASN E 37 -29.86 33.86 4.02
C ASN E 37 -29.14 34.62 5.16
N ILE E 38 -29.94 35.28 5.98
CA ILE E 38 -29.46 35.87 7.21
C ILE E 38 -30.39 35.33 8.28
N LEU E 39 -29.87 34.47 9.13
CA LEU E 39 -30.67 33.60 9.98
C LEU E 39 -30.82 34.08 11.39
N GLU E 40 -29.79 34.75 11.90
CA GLU E 40 -29.85 35.26 13.25
C GLU E 40 -28.92 36.46 13.38
N VAL E 41 -29.41 37.45 14.11
CA VAL E 41 -28.76 38.72 14.25
C VAL E 41 -28.91 39.14 15.72
N ASN E 42 -27.87 39.74 16.24
CA ASN E 42 -27.85 40.26 17.61
C ASN E 42 -27.15 41.61 17.62
N GLU E 43 -27.91 42.69 17.83
CA GLU E 43 -27.38 44.06 17.81
C GLU E 43 -26.55 44.38 19.07
N ILE E 44 -26.85 43.64 20.14
CA ILE E 44 -26.14 43.78 21.42
C ILE E 44 -24.72 43.14 21.34
N THR E 45 -24.63 41.89 20.89
CA THR E 45 -23.34 41.20 20.77
C THR E 45 -22.59 41.46 19.45
N ASN E 46 -23.23 42.18 18.53
CA ASN E 46 -22.65 42.43 17.21
C ASN E 46 -22.22 41.13 16.54
N GLU E 47 -23.15 40.17 16.51
CA GLU E 47 -22.93 38.86 15.92
C GLU E 47 -24.01 38.59 14.89
N VAL E 48 -23.63 37.86 13.86
CA VAL E 48 -24.49 37.62 12.72
C VAL E 48 -24.30 36.18 12.28
N ASP E 49 -25.37 35.57 11.81
CA ASP E 49 -25.38 34.17 11.40
C ASP E 49 -25.98 34.17 10.00
N VAL E 50 -25.24 33.58 9.08
CA VAL E 50 -25.39 33.92 7.67
C VAL E 50 -25.12 32.69 6.79
N VAL E 51 -25.87 32.59 5.68
CA VAL E 51 -25.64 31.51 4.72
C VAL E 51 -25.32 32.15 3.39
N PHE E 52 -24.22 31.75 2.80
CA PHE E 52 -23.76 32.33 1.53
C PHE E 52 -23.07 31.25 0.69
N TRP E 53 -23.06 31.48 -0.62
CA TRP E 53 -22.27 30.70 -1.56
C TRP E 53 -20.95 31.44 -1.74
N GLN E 54 -19.86 30.75 -1.50
CA GLN E 54 -18.52 31.35 -1.60
C GLN E 54 -17.95 30.97 -2.98
N GLN E 55 -18.28 31.76 -3.97
CA GLN E 55 -17.82 31.51 -5.31
C GLN E 55 -16.32 31.78 -5.45
N THR E 56 -15.56 30.71 -5.55
CA THR E 56 -14.11 30.74 -5.57
C THR E 56 -13.62 30.18 -6.90
N THR E 57 -12.71 30.92 -7.51
CA THR E 57 -12.24 30.65 -8.87
C THR E 57 -10.74 30.84 -8.96
N TRP E 58 -10.06 29.91 -9.63
CA TRP E 58 -8.61 30.01 -9.81
C TRP E 58 -8.14 29.06 -10.87
N SER E 59 -6.87 29.18 -11.22
CA SER E 59 -6.27 28.38 -12.28
C SER E 59 -5.26 27.40 -11.73
N ASP E 60 -5.31 26.18 -12.24
CA ASP E 60 -4.30 25.15 -11.96
C ASP E 60 -4.01 24.43 -13.26
N ARG E 61 -2.93 24.79 -13.92
CA ARG E 61 -2.60 24.26 -15.26
C ARG E 61 -2.29 22.76 -15.23
N THR E 62 -1.94 22.22 -14.06
CA THR E 62 -1.57 20.80 -13.96
C THR E 62 -2.75 19.88 -14.07
N LEU E 63 -3.95 20.44 -13.98
CA LEU E 63 -5.18 19.68 -14.11
C LEU E 63 -5.67 19.60 -15.55
N ALA E 64 -5.03 20.37 -16.45
CA ALA E 64 -5.52 20.54 -17.82
C ALA E 64 -5.39 19.28 -18.64
N TRP E 65 -6.31 19.13 -19.59
CA TRP E 65 -6.27 18.05 -20.55
C TRP E 65 -6.69 18.52 -21.94
N ASN E 66 -6.29 17.75 -22.94
CA ASN E 66 -6.72 18.02 -24.31
C ASN E 66 -8.20 17.68 -24.49
N SER E 67 -9.02 18.70 -24.74
CA SER E 67 -10.47 18.52 -24.87
C SER E 67 -10.94 18.32 -26.30
N SER E 68 -10.12 17.74 -27.16
CA SER E 68 -10.45 17.66 -28.59
C SER E 68 -11.69 16.76 -28.79
N HIS E 69 -11.60 15.52 -28.28
CA HIS E 69 -12.68 14.54 -28.35
C HIS E 69 -13.03 14.17 -26.93
N SER E 70 -13.25 15.16 -26.09
CA SER E 70 -13.35 14.92 -24.66
C SER E 70 -14.28 15.93 -24.02
N PRO E 71 -14.80 15.60 -22.86
CA PRO E 71 -15.62 16.54 -22.08
C PRO E 71 -14.88 17.83 -21.76
N ASP E 72 -15.61 18.95 -21.82
CA ASP E 72 -15.05 20.25 -21.52
C ASP E 72 -14.79 20.40 -20.02
N GLN E 73 -15.56 19.68 -19.20
CA GLN E 73 -15.56 19.87 -17.75
C GLN E 73 -15.80 18.57 -17.00
N VAL E 74 -15.23 18.46 -15.81
CA VAL E 74 -15.60 17.41 -14.87
C VAL E 74 -15.75 17.91 -13.45
N SER E 75 -16.48 17.17 -12.65
CA SER E 75 -16.65 17.47 -11.23
C SER E 75 -15.69 16.58 -10.47
N VAL E 76 -14.96 17.16 -9.52
CA VAL E 76 -13.85 16.56 -8.83
C VAL E 76 -13.90 16.81 -7.35
N PRO E 77 -13.72 15.80 -6.52
CA PRO E 77 -13.67 16.01 -5.07
C PRO E 77 -12.54 16.95 -4.71
N ILE E 78 -12.78 17.94 -3.84
CA ILE E 78 -11.76 18.91 -3.49
C ILE E 78 -10.54 18.28 -2.80
N SER E 79 -10.73 17.16 -2.15
CA SER E 79 -9.63 16.42 -1.59
C SER E 79 -8.61 15.96 -2.61
N SER E 80 -9.00 15.88 -3.88
CA SER E 80 -8.07 15.60 -4.99
C SER E 80 -7.48 16.82 -5.67
N LEU E 81 -7.77 18.03 -5.16
CA LEU E 81 -7.25 19.30 -5.75
C LEU E 81 -6.60 20.19 -4.71
N TRP E 82 -5.67 21.01 -5.17
CA TRP E 82 -5.26 22.12 -4.36
C TRP E 82 -6.41 23.10 -4.33
N VAL E 83 -6.65 23.63 -3.13
CA VAL E 83 -7.69 24.62 -2.86
C VAL E 83 -7.04 25.76 -2.06
N PRO E 84 -7.31 27.00 -2.40
CA PRO E 84 -6.75 28.10 -1.63
C PRO E 84 -7.20 28.01 -0.18
N ASP E 85 -6.29 28.35 0.73
CA ASP E 85 -6.55 28.28 2.16
C ASP E 85 -7.26 29.55 2.67
N LEU E 86 -8.38 29.87 2.04
CA LEU E 86 -9.12 31.08 2.40
C LEU E 86 -9.76 30.91 3.78
N ALA E 87 -9.73 32.00 4.54
CA ALA E 87 -10.43 32.07 5.80
C ALA E 87 -11.11 33.43 5.91
N ALA E 88 -12.30 33.41 6.51
CA ALA E 88 -12.99 34.63 6.86
C ALA E 88 -12.43 35.11 8.21
N TYR E 89 -11.66 36.19 8.19
CA TYR E 89 -10.93 36.74 9.34
C TYR E 89 -11.77 37.07 10.57
N ASN E 90 -12.96 37.64 10.37
CA ASN E 90 -13.85 38.00 11.49
C ASN E 90 -14.92 36.93 11.76
N ALA E 91 -14.68 35.71 11.31
CA ALA E 91 -15.53 34.56 11.64
C ALA E 91 -15.34 34.14 13.07
N ILE E 92 -16.42 33.73 13.72
CA ILE E 92 -16.39 33.28 15.12
C ILE E 92 -16.96 31.88 15.26
N SER E 93 -17.18 31.21 14.12
CA SER E 93 -17.45 29.78 14.09
C SER E 93 -16.80 29.19 12.87
N LYS E 94 -16.54 27.89 12.89
CA LYS E 94 -15.94 27.29 11.69
C LYS E 94 -17.00 27.16 10.59
N PRO E 95 -16.57 27.28 9.34
CA PRO E 95 -17.51 27.25 8.22
C PRO E 95 -18.22 25.92 8.15
N GLU E 96 -19.54 25.93 8.29
CA GLU E 96 -20.37 24.73 8.15
C GLU E 96 -20.69 24.60 6.66
N VAL E 97 -20.00 23.69 5.99
CA VAL E 97 -20.22 23.48 4.56
C VAL E 97 -21.49 22.64 4.34
N LEU E 98 -22.49 23.22 3.67
CA LEU E 98 -23.82 22.58 3.51
C LEU E 98 -23.91 21.71 2.26
N THR E 99 -23.00 21.93 1.32
CA THR E 99 -23.10 21.30 0.02
C THR E 99 -22.02 20.25 -0.19
N PRO E 100 -22.21 19.36 -1.17
CA PRO E 100 -21.17 18.42 -1.57
C PRO E 100 -19.86 19.11 -1.95
N GLN E 101 -18.77 18.50 -1.53
CA GLN E 101 -17.47 19.07 -1.59
C GLN E 101 -16.82 18.72 -2.91
N LEU E 102 -17.40 19.24 -3.97
CA LEU E 102 -16.92 18.93 -5.32
C LEU E 102 -16.69 20.28 -5.95
N ALA E 103 -15.61 20.35 -6.72
CA ALA E 103 -15.30 21.50 -7.53
C ALA E 103 -15.48 21.12 -8.99
N ARG E 104 -15.64 22.14 -9.80
CA ARG E 104 -15.86 21.96 -11.21
C ARG E 104 -14.57 22.35 -11.87
N VAL E 105 -13.98 21.47 -12.67
CA VAL E 105 -12.70 21.70 -13.34
C VAL E 105 -12.91 21.70 -14.87
N VAL E 106 -12.47 22.78 -15.50
CA VAL E 106 -12.52 22.95 -16.96
C VAL E 106 -11.23 22.40 -17.59
N SER E 107 -11.32 21.98 -18.83
CA SER E 107 -10.18 21.36 -19.54
C SER E 107 -8.94 22.23 -19.64
N ASP E 108 -9.09 23.55 -19.61
CA ASP E 108 -7.93 24.46 -19.60
C ASP E 108 -7.31 24.65 -18.21
N GLY E 109 -7.90 24.06 -17.18
CA GLY E 109 -7.35 24.16 -15.82
C GLY E 109 -8.08 25.12 -14.86
N GLU E 110 -9.20 25.68 -15.32
CA GLU E 110 -9.96 26.64 -14.55
C GLU E 110 -10.79 25.84 -13.57
N VAL E 111 -10.84 26.29 -12.33
CA VAL E 111 -11.58 25.60 -11.28
C VAL E 111 -12.61 26.57 -10.76
N LEU E 112 -13.80 26.06 -10.47
CA LEU E 112 -14.82 26.75 -9.72
C LEU E 112 -15.21 25.86 -8.51
N TYR E 113 -15.10 26.40 -7.32
CA TYR E 113 -15.55 25.71 -6.14
C TYR E 113 -16.45 26.71 -5.44
N MET E 114 -17.69 26.34 -5.21
CA MET E 114 -18.68 27.25 -4.78
C MET E 114 -19.54 26.55 -3.77
N PRO E 115 -18.99 26.29 -2.61
CA PRO E 115 -19.76 25.69 -1.52
C PRO E 115 -20.77 26.70 -0.93
N SER E 116 -21.86 26.15 -0.39
CA SER E 116 -22.80 26.92 0.41
C SER E 116 -22.32 26.75 1.83
N ILE E 117 -22.14 27.88 2.51
CA ILE E 117 -21.57 27.93 3.85
C ILE E 117 -22.52 28.67 4.80
N ARG E 118 -22.78 28.06 5.94
CA ARG E 118 -23.35 28.73 7.10
C ARG E 118 -22.24 29.04 8.08
N GLN E 119 -22.16 30.30 8.51
CA GLN E 119 -21.09 30.74 9.39
C GLN E 119 -21.49 32.00 10.14
N ARG E 120 -21.02 32.11 11.38
CA ARG E 120 -21.29 33.27 12.21
C ARG E 120 -20.12 34.23 12.17
N PHE E 121 -20.41 35.52 12.25
CA PHE E 121 -19.38 36.55 12.17
C PHE E 121 -19.56 37.58 13.25
N SER E 122 -18.46 38.24 13.58
CA SER E 122 -18.42 39.43 14.45
C SER E 122 -18.28 40.64 13.54
N CYS E 123 -19.32 41.45 13.48
CA CYS E 123 -19.32 42.65 12.64
C CYS E 123 -20.37 43.67 13.09
N ASP E 124 -20.38 44.82 12.43
CA ASP E 124 -21.27 45.93 12.80
C ASP E 124 -22.73 45.63 12.47
N VAL E 125 -23.50 45.36 13.51
CA VAL E 125 -24.94 45.10 13.41
C VAL E 125 -25.77 46.33 13.78
N SER E 126 -25.11 47.37 14.29
CA SER E 126 -25.81 48.58 14.65
C SER E 126 -26.64 49.13 13.47
N GLY E 127 -27.82 49.64 13.80
CA GLY E 127 -28.74 50.17 12.81
C GLY E 127 -29.45 49.13 11.95
N VAL E 128 -29.45 47.87 12.38
CA VAL E 128 -30.16 46.81 11.65
C VAL E 128 -31.66 47.06 11.56
N ASP E 129 -32.22 47.75 12.56
CA ASP E 129 -33.66 48.05 12.59
C ASP E 129 -34.02 49.41 11.96
N THR E 130 -33.07 49.99 11.24
CA THR E 130 -33.26 51.27 10.58
C THR E 130 -33.52 51.08 9.08
N GLU E 131 -33.99 52.17 8.48
CA GLU E 131 -34.08 52.33 7.03
C GLU E 131 -32.69 52.17 6.36
N SER E 132 -31.67 52.82 6.95
CA SER E 132 -30.29 52.79 6.45
C SER E 132 -29.71 51.39 6.53
N GLY E 133 -30.13 50.67 7.56
CA GLY E 133 -29.72 49.31 7.78
C GLY E 133 -28.36 49.21 8.43
N ALA E 134 -28.01 47.99 8.84
CA ALA E 134 -26.69 47.69 9.34
C ALA E 134 -25.76 47.42 8.17
N THR E 135 -24.47 47.68 8.35
CA THR E 135 -23.47 47.32 7.36
C THR E 135 -22.45 46.37 7.98
N CYS E 136 -22.58 45.08 7.65
CA CYS E 136 -21.72 44.04 8.21
C CYS E 136 -20.62 43.70 7.24
N ARG E 137 -19.37 43.86 7.67
CA ARG E 137 -18.23 43.65 6.79
C ARG E 137 -17.55 42.33 7.08
N ILE E 138 -17.47 41.50 6.06
CA ILE E 138 -16.79 40.18 6.12
C ILE E 138 -15.49 40.20 5.30
N LYS E 139 -14.39 39.88 5.96
CA LYS E 139 -13.08 39.91 5.32
C LYS E 139 -12.63 38.49 5.03
N ILE E 140 -12.27 38.22 3.79
CA ILE E 140 -11.79 36.88 3.40
C ILE E 140 -10.46 36.93 2.67
N GLY E 141 -9.52 36.13 3.14
CA GLY E 141 -8.23 36.04 2.50
C GLY E 141 -7.50 34.76 2.81
N SER E 142 -6.35 34.57 2.17
CA SER E 142 -5.52 33.41 2.43
C SER E 142 -4.96 33.51 3.80
N TRP E 143 -4.95 32.39 4.53
CA TRP E 143 -4.47 32.38 5.89
C TRP E 143 -2.96 32.28 5.98
N THR E 144 -2.31 31.59 5.04
CA THR E 144 -0.85 31.40 5.09
C THR E 144 -0.08 31.85 3.88
N HIS E 145 -0.74 32.18 2.79
CA HIS E 145 -0.01 32.64 1.59
C HIS E 145 -0.14 34.14 1.49
N HIS E 146 1.00 34.79 1.46
CA HIS E 146 1.07 36.22 1.23
C HIS E 146 0.86 36.56 -0.26
N SER E 147 0.96 37.85 -0.57
CA SER E 147 0.52 38.40 -1.84
C SER E 147 1.36 37.99 -3.04
N ARG E 148 2.62 37.65 -2.84
CA ARG E 148 3.45 37.12 -3.95
C ARG E 148 3.13 35.67 -4.28
N GLU E 149 2.25 35.03 -3.50
CA GLU E 149 1.79 33.65 -3.71
C GLU E 149 0.28 33.51 -4.03
N ILE E 150 -0.56 34.24 -3.29
CA ILE E 150 -1.99 34.32 -3.58
C ILE E 150 -2.46 35.76 -3.64
N SER E 151 -3.13 36.09 -4.73
CA SER E 151 -3.86 37.35 -4.79
C SER E 151 -5.33 36.99 -4.71
N VAL E 152 -6.11 37.85 -4.09
CA VAL E 152 -7.54 37.70 -4.10
C VAL E 152 -8.14 38.99 -4.64
N ASP E 153 -9.05 38.82 -5.59
CA ASP E 153 -9.82 39.88 -6.17
C ASP E 153 -11.30 39.44 -6.14
N PRO E 154 -12.21 40.39 -6.15
CA PRO E 154 -13.63 40.07 -6.26
C PRO E 154 -13.99 39.80 -7.70
N THR E 155 -15.18 39.23 -7.88
CA THR E 155 -15.61 38.76 -9.20
C THR E 155 -16.34 39.82 -10.01
N THR E 156 -17.68 39.81 -9.99
CA THR E 156 -18.53 40.57 -10.95
C THR E 156 -19.76 41.23 -10.28
N GLU E 157 -19.77 42.57 -10.22
CA GLU E 157 -20.88 43.35 -9.59
C GLU E 157 -22.16 43.29 -10.44
N ASN E 158 -22.18 42.38 -11.43
CA ASN E 158 -23.33 42.14 -12.31
C ASN E 158 -24.51 41.50 -11.56
N SER E 159 -24.31 40.25 -11.08
CA SER E 159 -25.39 39.46 -10.47
C SER E 159 -26.07 40.29 -9.39
N ASP E 160 -27.41 40.30 -9.40
CA ASP E 160 -28.15 41.12 -8.43
C ASP E 160 -27.79 40.64 -7.03
N ASP E 161 -27.92 41.54 -6.06
CA ASP E 161 -27.50 41.24 -4.68
C ASP E 161 -28.45 40.25 -4.03
N SER E 162 -29.74 40.60 -4.05
CA SER E 162 -30.82 39.72 -3.62
C SER E 162 -31.17 38.64 -4.68
N GLU E 163 -30.25 38.31 -5.58
CA GLU E 163 -30.54 37.42 -6.71
C GLU E 163 -30.94 36.02 -6.22
N TYR E 164 -30.23 35.52 -5.21
CA TYR E 164 -30.47 34.18 -4.66
C TYR E 164 -30.92 34.24 -3.22
N PHE E 165 -31.11 35.45 -2.74
CA PHE E 165 -31.44 35.65 -1.35
C PHE E 165 -32.86 35.18 -1.09
N SER E 166 -33.06 34.60 0.08
CA SER E 166 -34.33 34.01 0.48
C SER E 166 -35.37 35.10 0.70
N GLN E 167 -36.49 34.99 -0.01
CA GLN E 167 -37.61 35.92 0.17
C GLN E 167 -38.28 35.72 1.53
N TYR E 168 -37.92 34.63 2.21
CA TYR E 168 -38.55 34.25 3.49
C TYR E 168 -37.73 34.64 4.73
N SER E 169 -36.52 35.15 4.52
CA SER E 169 -35.75 35.71 5.61
C SER E 169 -36.48 36.87 6.29
N ARG E 170 -36.21 37.04 7.58
CA ARG E 170 -36.73 38.19 8.33
C ARG E 170 -36.08 39.47 7.82
N PHE E 171 -34.94 39.32 7.16
CA PHE E 171 -34.13 40.44 6.69
C PHE E 171 -34.13 40.57 5.16
N GLU E 172 -33.74 41.75 4.69
CA GLU E 172 -33.60 42.03 3.27
C GLU E 172 -32.30 42.74 2.98
N ILE E 173 -31.79 42.53 1.77
CA ILE E 173 -30.51 43.11 1.39
C ILE E 173 -30.68 44.39 0.62
N LEU E 174 -30.11 45.47 1.15
CA LEU E 174 -30.10 46.78 0.48
C LEU E 174 -28.96 46.89 -0.51
N ASP E 175 -27.80 46.39 -0.12
CA ASP E 175 -26.59 46.51 -0.97
C ASP E 175 -25.48 45.56 -0.57
N VAL E 176 -24.74 45.09 -1.55
CA VAL E 176 -23.56 44.25 -1.34
C VAL E 176 -22.46 44.85 -2.20
N THR E 177 -21.39 45.30 -1.57
CA THR E 177 -20.20 45.79 -2.31
C THR E 177 -18.97 44.99 -1.91
N GLN E 178 -18.06 44.80 -2.84
CA GLN E 178 -16.86 43.98 -2.62
C GLN E 178 -15.61 44.74 -3.04
N LYS E 179 -14.52 44.61 -2.28
CA LYS E 179 -13.31 45.40 -2.54
C LYS E 179 -12.02 44.69 -2.11
N LYS E 180 -10.96 44.83 -2.90
CA LYS E 180 -9.69 44.22 -2.54
C LYS E 180 -8.90 45.19 -1.68
N ASN E 181 -8.45 44.72 -0.53
CA ASN E 181 -7.43 45.40 0.28
C ASN E 181 -6.17 44.59 0.23
N SER E 182 -5.04 45.27 0.42
CA SER E 182 -3.73 44.65 0.61
C SER E 182 -3.22 45.21 1.93
N VAL E 183 -2.83 44.32 2.86
CA VAL E 183 -2.50 44.74 4.24
C VAL E 183 -1.17 44.14 4.73
N THR E 184 -0.36 44.98 5.37
CA THR E 184 0.88 44.54 5.99
C THR E 184 0.65 44.60 7.49
N TYR E 185 0.41 43.42 8.08
CA TYR E 185 0.23 43.27 9.52
C TYR E 185 1.59 43.29 10.23
N SER E 186 1.59 43.40 11.56
CA SER E 186 2.86 43.58 12.31
C SER E 186 3.54 42.26 12.71
N CYS E 187 2.76 41.19 12.84
CA CYS E 187 3.33 39.87 13.04
C CYS E 187 4.29 39.48 11.92
N CYS E 188 3.82 39.63 10.69
CA CYS E 188 4.39 39.02 9.50
C CYS E 188 5.02 40.10 8.56
N PRO E 189 5.96 39.71 7.69
CA PRO E 189 6.75 40.72 6.96
C PRO E 189 6.16 41.06 5.60
N GLU E 190 5.19 40.30 5.13
CA GLU E 190 4.66 40.45 3.77
C GLU E 190 3.22 40.95 3.78
N ALA E 191 2.78 41.45 2.63
CA ALA E 191 1.37 41.83 2.46
C ALA E 191 0.48 40.61 2.30
N TYR E 192 -0.65 40.59 3.01
CA TYR E 192 -1.73 39.65 2.77
C TYR E 192 -2.92 40.36 2.13
N GLU E 193 -3.44 39.76 1.06
CA GLU E 193 -4.54 40.31 0.28
C GLU E 193 -5.88 39.84 0.83
N ASP E 194 -6.85 40.72 0.91
CA ASP E 194 -8.22 40.28 1.19
C ASP E 194 -9.32 40.86 0.29
N VAL E 195 -10.42 40.14 0.32
CA VAL E 195 -11.64 40.69 -0.18
C VAL E 195 -12.56 41.06 0.98
N GLU E 196 -12.94 42.32 1.01
CA GLU E 196 -13.88 42.85 1.98
C GLU E 196 -15.29 42.95 1.36
N VAL E 197 -16.18 42.19 1.97
CA VAL E 197 -17.56 42.11 1.53
C VAL E 197 -18.46 42.90 2.47
N SER E 198 -19.02 43.99 1.99
CA SER E 198 -19.91 44.83 2.78
C SER E 198 -21.39 44.52 2.55
N LEU E 199 -22.00 43.90 3.56
CA LEU E 199 -23.40 43.48 3.53
C LEU E 199 -24.20 44.54 4.24
N ASN E 200 -24.84 45.41 3.47
CA ASN E 200 -25.81 46.36 3.97
C ASN E 200 -27.21 45.74 3.95
N PHE E 201 -27.74 45.46 5.13
CA PHE E 201 -29.02 44.77 5.28
C PHE E 201 -29.85 45.36 6.42
N ARG E 202 -31.09 44.92 6.49
CA ARG E 202 -31.99 45.38 7.53
C ARG E 202 -33.17 44.42 7.79
N LYS E 203 -33.78 44.57 8.97
CA LYS E 203 -35.02 43.89 9.31
C LYS E 203 -36.18 44.44 8.45
N LYS E 204 -37.00 43.54 7.94
CA LYS E 204 -38.13 43.88 7.07
C LYS E 204 -39.19 44.62 7.83
N GLY E 205 -39.95 45.42 7.07
CA GLY E 205 -41.18 46.06 7.49
C GLY E 205 -42.14 46.04 6.29
N LEU F 1 -17.57 -22.18 2.52
CA LEU F 1 -16.42 -21.54 1.86
C LEU F 1 -16.18 -22.14 0.50
N ASP F 2 -15.88 -21.29 -0.46
CA ASP F 2 -15.45 -21.73 -1.78
C ASP F 2 -13.93 -21.63 -1.93
N ARG F 3 -13.42 -22.05 -3.08
CA ARG F 3 -11.99 -22.04 -3.36
C ARG F 3 -11.35 -20.65 -3.26
N ALA F 4 -12.06 -19.63 -3.73
CA ALA F 4 -11.57 -18.26 -3.67
C ALA F 4 -11.41 -17.77 -2.25
N ASP F 5 -12.37 -18.08 -1.39
CA ASP F 5 -12.32 -17.68 0.02
C ASP F 5 -11.14 -18.35 0.74
N ILE F 6 -10.97 -19.65 0.51
CA ILE F 6 -9.92 -20.40 1.15
C ILE F 6 -8.56 -19.79 0.77
N LEU F 7 -8.38 -19.50 -0.51
CA LEU F 7 -7.10 -19.03 -1.00
C LEU F 7 -6.81 -17.62 -0.55
N TYR F 8 -7.84 -16.79 -0.45
CA TYR F 8 -7.75 -15.45 0.11
C TYR F 8 -7.29 -15.56 1.58
N ASN F 9 -7.96 -16.38 2.37
CA ASN F 9 -7.63 -16.51 3.78
C ASN F 9 -6.16 -16.92 4.00
N ILE F 10 -5.74 -17.90 3.22
CA ILE F 10 -4.38 -18.43 3.29
C ILE F 10 -3.36 -17.34 2.89
N ARG F 11 -3.64 -16.65 1.81
CA ARG F 11 -2.78 -15.54 1.35
C ARG F 11 -2.66 -14.44 2.41
N GLN F 12 -3.78 -14.08 3.01
CA GLN F 12 -3.86 -12.96 3.96
C GLN F 12 -3.22 -13.27 5.32
N THR F 13 -3.22 -14.52 5.72
CA THR F 13 -2.79 -14.90 7.06
C THR F 13 -1.66 -15.90 7.07
N SER F 14 -1.26 -16.41 5.94
CA SER F 14 -0.21 -17.38 6.01
C SER F 14 1.04 -16.55 6.41
N ARG F 15 1.84 -17.17 7.26
CA ARG F 15 3.09 -16.60 7.70
C ARG F 15 4.16 -17.55 7.18
N PRO F 16 4.54 -17.31 5.92
CA PRO F 16 5.49 -18.17 5.21
C PRO F 16 6.91 -18.11 5.80
N ASP F 17 7.21 -17.03 6.51
CA ASP F 17 8.44 -16.88 7.29
C ASP F 17 8.55 -17.77 8.56
N VAL F 18 7.44 -18.37 8.93
CA VAL F 18 7.20 -18.95 10.25
C VAL F 18 6.98 -20.46 10.25
N ILE F 19 7.98 -21.17 10.69
CA ILE F 19 7.91 -22.62 10.81
C ILE F 19 6.71 -22.98 11.70
N PRO F 20 5.79 -23.82 11.18
CA PRO F 20 4.54 -24.14 11.88
C PRO F 20 4.74 -25.18 12.97
N THR F 21 5.58 -24.80 13.90
CA THR F 21 5.89 -25.61 15.05
C THR F 21 4.65 -25.67 15.95
N GLN F 22 4.24 -26.87 16.35
CA GLN F 22 3.12 -26.99 17.28
C GLN F 22 3.70 -27.47 18.60
N ARG F 23 3.50 -26.69 19.66
CA ARG F 23 4.05 -26.99 20.99
C ARG F 23 5.58 -26.85 20.96
N ASP F 24 6.25 -27.62 21.83
CA ASP F 24 7.71 -27.80 21.71
C ASP F 24 8.13 -28.83 20.62
N ARG F 25 7.17 -29.34 19.82
CA ARG F 25 7.44 -30.45 18.86
C ARG F 25 8.05 -30.00 17.49
N PRO F 26 8.96 -30.80 16.91
CA PRO F 26 9.50 -30.53 15.57
C PRO F 26 8.45 -30.72 14.51
N VAL F 27 8.55 -29.96 13.43
CA VAL F 27 7.69 -30.16 12.28
C VAL F 27 8.22 -31.37 11.57
N ALA F 28 7.37 -32.40 11.47
CA ALA F 28 7.71 -33.65 10.81
C ALA F 28 7.60 -33.46 9.32
N VAL F 29 8.73 -33.40 8.64
CA VAL F 29 8.76 -33.25 7.19
C VAL F 29 9.18 -34.56 6.59
N SER F 30 8.37 -35.14 5.70
CA SER F 30 8.76 -36.39 5.03
C SER F 30 9.24 -36.06 3.60
N VAL F 31 10.30 -36.75 3.18
CA VAL F 31 10.96 -36.49 1.91
C VAL F 31 11.16 -37.77 1.17
N SER F 32 10.86 -37.77 -0.11
CA SER F 32 11.01 -38.99 -0.91
C SER F 32 11.30 -38.57 -2.34
N LEU F 33 12.39 -39.08 -2.90
CA LEU F 33 12.77 -38.78 -4.29
C LEU F 33 12.32 -39.87 -5.24
N LYS F 34 11.60 -39.48 -6.27
CA LYS F 34 11.18 -40.39 -7.34
C LYS F 34 11.96 -40.00 -8.57
N PHE F 35 12.86 -40.87 -9.00
CA PHE F 35 13.75 -40.57 -10.11
C PHE F 35 13.04 -40.76 -11.44
N ILE F 36 13.16 -39.72 -12.26
CA ILE F 36 12.54 -39.67 -13.59
C ILE F 36 13.58 -39.91 -14.68
N ASN F 37 14.77 -39.36 -14.49
CA ASN F 37 15.83 -39.44 -15.49
C ASN F 37 17.22 -39.28 -14.90
N ILE F 38 18.17 -39.88 -15.60
CA ILE F 38 19.59 -39.71 -15.33
C ILE F 38 20.19 -39.30 -16.67
N LEU F 39 20.60 -38.05 -16.74
CA LEU F 39 20.88 -37.41 -18.04
C LEU F 39 22.33 -37.39 -18.43
N GLU F 40 23.20 -37.33 -17.45
CA GLU F 40 24.62 -37.25 -17.71
C GLU F 40 25.39 -37.76 -16.50
N VAL F 41 26.43 -38.51 -16.82
CA VAL F 41 27.21 -39.20 -15.84
C VAL F 41 28.67 -39.10 -16.26
N ASN F 42 29.53 -38.93 -15.27
CA ASN F 42 30.96 -38.83 -15.47
C ASN F 42 31.69 -39.61 -14.36
N GLU F 43 32.25 -40.77 -14.72
CA GLU F 43 32.91 -41.66 -13.76
C GLU F 43 34.26 -41.09 -13.29
N ILE F 44 34.85 -40.27 -14.15
CA ILE F 44 36.11 -39.60 -13.84
C ILE F 44 35.91 -38.47 -12.79
N THR F 45 34.95 -37.59 -13.02
CA THR F 45 34.71 -36.48 -12.07
C THR F 45 33.77 -36.84 -10.91
N ASN F 46 33.17 -38.03 -10.95
CA ASN F 46 32.18 -38.43 -9.95
C ASN F 46 31.03 -37.43 -9.81
N GLU F 47 30.48 -37.07 -10.98
CA GLU F 47 29.40 -36.13 -11.08
C GLU F 47 28.23 -36.77 -11.83
N VAL F 48 27.04 -36.40 -11.41
CA VAL F 48 25.83 -36.97 -11.93
C VAL F 48 24.79 -35.88 -12.14
N ASP F 49 24.01 -36.02 -13.20
CA ASP F 49 23.02 -35.01 -13.57
C ASP F 49 21.72 -35.76 -13.68
N VAL F 50 20.71 -35.28 -12.97
CA VAL F 50 19.61 -36.14 -12.58
C VAL F 50 18.31 -35.33 -12.53
N VAL F 51 17.20 -35.96 -12.92
CA VAL F 51 15.86 -35.36 -12.78
C VAL F 51 15.02 -36.24 -11.86
N PHE F 52 14.45 -35.63 -10.84
CA PHE F 52 13.64 -36.34 -9.88
C PHE F 52 12.49 -35.47 -9.39
N TRP F 53 11.44 -36.13 -8.92
CA TRP F 53 10.36 -35.48 -8.17
C TRP F 53 10.69 -35.53 -6.71
N GLN F 54 10.67 -34.38 -6.05
CA GLN F 54 11.03 -34.29 -4.64
C GLN F 54 9.74 -34.22 -3.88
N GLN F 55 9.17 -35.37 -3.59
CA GLN F 55 7.91 -35.45 -2.85
C GLN F 55 8.12 -35.06 -1.38
N THR F 56 7.62 -33.88 -1.04
CA THR F 56 7.80 -33.28 0.28
C THR F 56 6.43 -33.11 0.92
N THR F 57 6.31 -33.55 2.16
CA THR F 57 5.03 -33.59 2.87
C THR F 57 5.21 -33.10 4.28
N TRP F 58 4.27 -32.29 4.76
CA TRP F 58 4.31 -31.77 6.14
C TRP F 58 3.00 -31.16 6.56
N SER F 59 2.91 -30.79 7.83
CA SER F 59 1.69 -30.25 8.39
C SER F 59 1.86 -28.80 8.77
N ASP F 60 0.87 -27.99 8.43
CA ASP F 60 0.76 -26.60 8.90
C ASP F 60 -0.71 -26.33 9.28
N ARG F 61 -0.98 -26.42 10.59
CA ARG F 61 -2.35 -26.32 11.10
C ARG F 61 -2.96 -24.92 10.81
N THR F 62 -2.12 -23.91 10.57
CA THR F 62 -2.65 -22.55 10.38
C THR F 62 -3.33 -22.38 9.04
N LEU F 63 -3.15 -23.35 8.14
CA LEU F 63 -3.76 -23.35 6.81
C LEU F 63 -5.10 -24.04 6.78
N ALA F 64 -5.45 -24.71 7.86
CA ALA F 64 -6.68 -25.52 7.93
C ALA F 64 -7.95 -24.72 7.82
N TRP F 65 -8.96 -25.34 7.26
CA TRP F 65 -10.28 -24.76 7.20
C TRP F 65 -11.33 -25.84 7.45
N ASN F 66 -12.54 -25.42 7.80
CA ASN F 66 -13.69 -26.32 7.93
C ASN F 66 -14.18 -26.75 6.54
N SER F 67 -14.03 -28.03 6.24
CA SER F 67 -14.38 -28.58 4.93
C SER F 67 -15.81 -29.18 4.87
N SER F 68 -16.74 -28.61 5.64
CA SER F 68 -18.10 -29.17 5.73
C SER F 68 -18.79 -29.12 4.37
N HIS F 69 -18.95 -27.91 3.86
CA HIS F 69 -19.56 -27.68 2.55
C HIS F 69 -18.52 -26.91 1.74
N SER F 70 -17.35 -27.52 1.63
CA SER F 70 -16.19 -26.86 1.04
C SER F 70 -15.26 -27.88 0.39
N PRO F 71 -14.45 -27.42 -0.56
CA PRO F 71 -13.47 -28.32 -1.18
C PRO F 71 -12.50 -28.90 -0.15
N ASP F 72 -12.10 -30.13 -0.39
CA ASP F 72 -11.18 -30.84 0.48
C ASP F 72 -9.74 -30.31 0.31
N GLN F 73 -9.44 -29.76 -0.87
CA GLN F 73 -8.07 -29.41 -1.24
C GLN F 73 -8.03 -28.20 -2.15
N VAL F 74 -6.95 -27.43 -2.04
CA VAL F 74 -6.67 -26.42 -3.03
C VAL F 74 -5.20 -26.44 -3.41
N SER F 75 -4.90 -25.82 -4.54
CA SER F 75 -3.53 -25.59 -4.99
C SER F 75 -3.12 -24.16 -4.68
N VAL F 76 -1.96 -23.99 -4.06
CA VAL F 76 -1.51 -22.74 -3.50
C VAL F 76 -0.08 -22.42 -3.97
N PRO F 77 0.20 -21.20 -4.42
CA PRO F 77 1.59 -20.84 -4.74
C PRO F 77 2.51 -20.95 -3.53
N ILE F 78 3.68 -21.54 -3.68
CA ILE F 78 4.53 -21.79 -2.49
C ILE F 78 5.03 -20.53 -1.85
N SER F 79 5.03 -19.42 -2.58
CA SER F 79 5.34 -18.13 -2.01
C SER F 79 4.33 -17.69 -0.90
N SER F 80 3.13 -18.24 -0.91
CA SER F 80 2.14 -17.98 0.15
C SER F 80 2.13 -19.00 1.30
N LEU F 81 3.07 -19.93 1.32
CA LEU F 81 3.20 -20.94 2.38
C LEU F 81 4.60 -20.99 2.95
N TRP F 82 4.68 -21.45 4.19
CA TRP F 82 5.95 -21.84 4.73
C TRP F 82 6.31 -23.15 4.05
N VAL F 83 7.56 -23.27 3.67
CA VAL F 83 8.10 -24.44 3.00
C VAL F 83 9.38 -24.77 3.75
N PRO F 84 9.63 -26.04 4.05
CA PRO F 84 10.88 -26.40 4.72
C PRO F 84 12.09 -26.02 3.85
N ASP F 85 13.12 -25.50 4.50
CA ASP F 85 14.36 -25.13 3.86
C ASP F 85 15.28 -26.33 3.58
N LEU F 86 14.78 -27.30 2.85
CA LEU F 86 15.57 -28.45 2.48
C LEU F 86 16.64 -28.10 1.47
N ALA F 87 17.79 -28.73 1.64
CA ALA F 87 18.88 -28.67 0.67
C ALA F 87 19.56 -30.03 0.56
N ALA F 88 20.04 -30.32 -0.64
CA ALA F 88 20.86 -31.50 -0.85
C ALA F 88 22.33 -31.10 -0.57
N TYR F 89 22.90 -31.69 0.48
CA TYR F 89 24.25 -31.34 0.96
C TYR F 89 25.37 -31.56 -0.06
N ASN F 90 25.19 -32.54 -0.96
CA ASN F 90 26.17 -32.90 -2.00
C ASN F 90 25.77 -32.45 -3.42
N ALA F 91 24.84 -31.52 -3.49
CA ALA F 91 24.52 -30.84 -4.74
C ALA F 91 25.66 -29.87 -5.16
N ILE F 92 25.91 -29.82 -6.46
CA ILE F 92 26.95 -28.96 -7.04
C ILE F 92 26.34 -27.98 -8.06
N SER F 93 25.02 -27.94 -8.14
CA SER F 93 24.31 -26.89 -8.87
C SER F 93 23.00 -26.57 -8.16
N LYS F 94 22.49 -25.36 -8.37
CA LYS F 94 21.22 -25.04 -7.70
C LYS F 94 20.05 -25.79 -8.39
N PRO F 95 19.05 -26.13 -7.59
CA PRO F 95 17.96 -26.96 -8.07
C PRO F 95 17.22 -26.21 -9.16
N GLU F 96 17.18 -26.77 -10.36
CA GLU F 96 16.44 -26.21 -11.49
C GLU F 96 15.02 -26.78 -11.37
N VAL F 97 14.08 -25.96 -10.93
CA VAL F 97 12.70 -26.40 -10.78
C VAL F 97 12.01 -26.33 -12.14
N LEU F 98 11.58 -27.50 -12.60
CA LEU F 98 10.99 -27.64 -13.94
C LEU F 98 9.49 -27.44 -13.96
N THR F 99 8.84 -27.56 -12.82
CA THR F 99 7.38 -27.56 -12.75
C THR F 99 6.84 -26.26 -12.13
N PRO F 100 5.56 -26.01 -12.32
CA PRO F 100 4.87 -24.94 -11.60
C PRO F 100 5.00 -25.03 -10.08
N GLN F 101 5.24 -23.89 -9.46
CA GLN F 101 5.60 -23.81 -8.06
C GLN F 101 4.37 -23.69 -7.18
N LEU F 102 3.60 -24.76 -7.21
CA LEU F 102 2.32 -24.86 -6.54
C LEU F 102 2.37 -26.07 -5.63
N ALA F 103 1.85 -25.90 -4.43
CA ALA F 103 1.71 -26.95 -3.47
C ALA F 103 0.24 -27.22 -3.30
N ARG F 104 -0.04 -28.44 -2.89
CA ARG F 104 -1.39 -28.91 -2.70
C ARG F 104 -1.66 -28.93 -1.20
N VAL F 105 -2.70 -28.20 -0.78
CA VAL F 105 -3.04 -28.07 0.64
C VAL F 105 -4.37 -28.71 0.89
N VAL F 106 -4.42 -29.58 1.89
CA VAL F 106 -5.62 -30.29 2.32
C VAL F 106 -6.27 -29.51 3.46
N SER F 107 -7.57 -29.65 3.63
CA SER F 107 -8.34 -28.89 4.60
C SER F 107 -7.88 -29.05 6.04
N ASP F 108 -7.27 -30.18 6.37
CA ASP F 108 -6.73 -30.42 7.71
C ASP F 108 -5.33 -29.80 7.94
N GLY F 109 -4.76 -29.19 6.92
CA GLY F 109 -3.47 -28.52 7.03
C GLY F 109 -2.27 -29.28 6.44
N GLU F 110 -2.51 -30.41 5.79
CA GLU F 110 -1.42 -31.22 5.29
C GLU F 110 -1.01 -30.68 3.93
N VAL F 111 0.29 -30.68 3.66
CA VAL F 111 0.81 -30.05 2.46
C VAL F 111 1.64 -31.04 1.66
N LEU F 112 1.32 -31.22 0.38
CA LEU F 112 2.20 -31.91 -0.57
C LEU F 112 2.76 -30.91 -1.58
N TYR F 113 4.08 -30.70 -1.56
CA TYR F 113 4.83 -29.97 -2.58
C TYR F 113 5.72 -30.99 -3.27
N MET F 114 5.57 -31.15 -4.58
CA MET F 114 6.27 -32.20 -5.29
C MET F 114 6.77 -31.67 -6.60
N PRO F 115 7.78 -30.82 -6.54
CA PRO F 115 8.39 -30.27 -7.74
C PRO F 115 9.23 -31.31 -8.46
N SER F 116 9.34 -31.17 -9.78
CA SER F 116 10.31 -31.91 -10.56
C SER F 116 11.55 -31.04 -10.65
N ILE F 117 12.68 -31.61 -10.28
CA ILE F 117 13.93 -30.89 -10.17
C ILE F 117 15.00 -31.57 -11.00
N ARG F 118 15.71 -30.78 -11.79
CA ARG F 118 16.97 -31.19 -12.41
C ARG F 118 18.11 -30.57 -11.62
N GLN F 119 19.08 -31.42 -11.24
CA GLN F 119 20.17 -30.99 -10.38
C GLN F 119 21.36 -31.95 -10.56
N ARG F 120 22.56 -31.39 -10.46
CA ARG F 120 23.79 -32.17 -10.51
C ARG F 120 24.31 -32.46 -9.10
N PHE F 121 24.93 -33.61 -8.93
CA PHE F 121 25.46 -34.02 -7.64
C PHE F 121 26.88 -34.56 -7.75
N SER F 122 27.60 -34.46 -6.65
CA SER F 122 28.88 -35.10 -6.49
C SER F 122 28.65 -36.37 -5.66
N CYS F 123 28.84 -37.52 -6.27
CA CYS F 123 28.63 -38.81 -5.61
C CYS F 123 29.35 -39.96 -6.31
N ASP F 124 29.29 -41.14 -5.70
CA ASP F 124 30.03 -42.32 -6.19
C ASP F 124 29.45 -42.88 -7.49
N VAL F 125 30.16 -42.60 -8.59
CA VAL F 125 29.76 -43.04 -9.92
C VAL F 125 30.53 -44.29 -10.31
N SER F 126 31.55 -44.64 -9.53
CA SER F 126 32.33 -45.83 -9.81
C SER F 126 31.42 -47.05 -10.02
N GLY F 127 31.81 -47.89 -10.97
CA GLY F 127 31.08 -49.10 -11.31
C GLY F 127 29.78 -48.89 -12.06
N VAL F 128 29.59 -47.70 -12.63
CA VAL F 128 28.39 -47.41 -13.42
C VAL F 128 28.23 -48.35 -14.63
N ASP F 129 29.37 -48.80 -15.17
CA ASP F 129 29.36 -49.66 -16.36
C ASP F 129 29.39 -51.15 -16.03
N THR F 130 29.12 -51.46 -14.76
CA THR F 130 29.11 -52.83 -14.27
C THR F 130 27.68 -53.32 -14.10
N GLU F 131 27.58 -54.65 -13.95
CA GLU F 131 26.36 -55.35 -13.55
C GLU F 131 25.86 -54.89 -12.17
N SER F 132 26.78 -54.74 -11.22
CA SER F 132 26.47 -54.26 -9.87
C SER F 132 25.96 -52.82 -9.87
N GLY F 133 26.52 -52.03 -10.80
CA GLY F 133 26.14 -50.64 -10.99
C GLY F 133 26.83 -49.72 -10.02
N ALA F 134 26.68 -48.43 -10.27
CA ALA F 134 27.14 -47.40 -9.35
C ALA F 134 26.08 -47.16 -8.26
N THR F 135 26.53 -46.73 -7.09
CA THR F 135 25.60 -46.35 -6.03
C THR F 135 25.84 -44.91 -5.65
N CYS F 136 24.96 -44.03 -6.12
CA CYS F 136 25.08 -42.59 -5.90
C CYS F 136 24.19 -42.15 -4.77
N ARG F 137 24.79 -41.59 -3.73
CA ARG F 137 24.06 -41.22 -2.52
C ARG F 137 23.80 -39.73 -2.43
N ILE F 138 22.52 -39.37 -2.33
CA ILE F 138 22.07 -37.97 -2.24
C ILE F 138 21.53 -37.69 -0.83
N LYS F 139 22.10 -36.71 -0.15
CA LYS F 139 21.72 -36.38 1.22
C LYS F 139 20.87 -35.09 1.24
N ILE F 140 19.69 -35.17 1.83
CA ILE F 140 18.78 -34.04 1.88
C ILE F 140 18.39 -33.79 3.32
N GLY F 141 18.50 -32.52 3.71
CA GLY F 141 18.03 -32.09 5.01
C GLY F 141 17.87 -30.60 5.14
N SER F 142 17.36 -30.18 6.30
CA SER F 142 17.11 -28.75 6.54
C SER F 142 18.43 -28.04 6.65
N TRP F 143 18.53 -26.89 6.00
CA TRP F 143 19.76 -26.14 6.00
C TRP F 143 19.98 -25.36 7.30
N THR F 144 18.90 -24.88 7.92
CA THR F 144 19.07 -24.05 9.12
C THR F 144 18.37 -24.47 10.37
N HIS F 145 17.45 -25.40 10.26
CA HIS F 145 16.64 -25.89 11.38
C HIS F 145 17.20 -27.20 11.84
N HIS F 146 17.57 -27.24 13.09
CA HIS F 146 18.01 -28.45 13.74
C HIS F 146 16.84 -29.41 14.11
N SER F 147 17.16 -30.55 14.71
CA SER F 147 16.24 -31.68 14.86
C SER F 147 15.09 -31.45 15.83
N ARG F 148 15.23 -30.51 16.75
CA ARG F 148 14.11 -30.11 17.60
C ARG F 148 13.10 -29.22 16.89
N GLU F 149 13.40 -28.80 15.65
CA GLU F 149 12.53 -27.91 14.86
C GLU F 149 12.01 -28.57 13.59
N ILE F 150 12.87 -29.28 12.89
CA ILE F 150 12.48 -30.09 11.72
C ILE F 150 13.06 -31.44 11.88
N SER F 151 12.23 -32.46 11.97
CA SER F 151 12.71 -33.83 11.83
C SER F 151 12.39 -34.18 10.41
N VAL F 152 13.41 -34.56 9.65
CA VAL F 152 13.25 -35.03 8.30
C VAL F 152 13.16 -36.55 8.36
N ASP F 153 12.42 -37.12 7.43
CA ASP F 153 11.97 -38.49 7.53
C ASP F 153 11.81 -39.08 6.15
N PRO F 154 12.31 -40.27 5.91
CA PRO F 154 11.89 -40.99 4.71
C PRO F 154 10.37 -41.16 4.67
N THR F 155 9.81 -41.25 3.48
CA THR F 155 8.39 -41.59 3.31
C THR F 155 8.17 -43.08 3.58
N THR F 156 6.91 -43.46 3.85
CA THR F 156 6.49 -44.86 3.78
C THR F 156 6.79 -45.37 2.36
N GLU F 157 7.92 -46.09 2.22
CA GLU F 157 8.51 -46.45 0.92
C GLU F 157 7.93 -47.77 0.41
N ASN F 158 6.61 -47.75 0.21
CA ASN F 158 5.94 -48.83 -0.53
C ASN F 158 6.33 -48.72 -2.00
N SER F 159 6.21 -47.49 -2.50
CA SER F 159 6.22 -47.15 -3.94
C SER F 159 7.33 -47.80 -4.77
N ASP F 160 6.97 -48.87 -5.50
CA ASP F 160 7.84 -49.55 -6.49
C ASP F 160 9.07 -48.70 -6.82
N ASP F 161 10.24 -49.33 -6.84
CA ASP F 161 11.52 -48.60 -7.05
C ASP F 161 11.43 -47.91 -8.39
N SER F 162 11.33 -46.57 -8.36
CA SER F 162 11.21 -45.72 -9.55
C SER F 162 10.27 -46.26 -10.63
N GLU F 163 8.97 -46.14 -10.41
CA GLU F 163 7.97 -46.53 -11.39
C GLU F 163 7.77 -45.40 -12.44
N TYR F 164 8.37 -44.23 -12.21
CA TYR F 164 8.24 -43.08 -13.12
C TYR F 164 9.49 -42.78 -13.93
N PHE F 165 10.41 -43.72 -13.95
CA PHE F 165 11.67 -43.54 -14.61
C PHE F 165 11.51 -43.70 -16.12
N SER F 166 12.26 -42.88 -16.86
CA SER F 166 12.20 -42.84 -18.32
C SER F 166 12.77 -44.12 -18.89
N GLN F 167 11.98 -44.78 -19.71
CA GLN F 167 12.43 -45.95 -20.43
C GLN F 167 13.48 -45.62 -21.50
N TYR F 168 13.64 -44.34 -21.80
CA TYR F 168 14.51 -43.90 -22.89
C TYR F 168 15.87 -43.45 -22.42
N SER F 169 16.06 -43.32 -21.10
CA SER F 169 17.37 -43.03 -20.51
C SER F 169 18.40 -44.05 -20.96
N ARG F 170 19.65 -43.61 -21.05
CA ARG F 170 20.78 -44.51 -21.33
C ARG F 170 20.98 -45.46 -20.16
N PHE F 171 20.45 -45.07 -19.00
CA PHE F 171 20.65 -45.77 -17.75
C PHE F 171 19.38 -46.48 -17.29
N GLU F 172 19.55 -47.43 -16.38
CA GLU F 172 18.42 -48.07 -15.69
C GLU F 172 18.64 -48.16 -14.17
N ILE F 173 17.54 -48.17 -13.43
CA ILE F 173 17.60 -48.21 -11.97
C ILE F 173 17.47 -49.63 -11.44
N LEU F 174 18.49 -50.06 -10.72
CA LEU F 174 18.49 -51.36 -10.05
C LEU F 174 17.78 -51.29 -8.71
N ASP F 175 18.04 -50.23 -7.96
CA ASP F 175 17.49 -50.09 -6.60
C ASP F 175 17.52 -48.65 -6.10
N VAL F 176 16.52 -48.30 -5.29
CA VAL F 176 16.48 -47.01 -4.60
C VAL F 176 16.09 -47.20 -3.16
N THR F 177 17.01 -46.93 -2.23
CA THR F 177 16.73 -47.09 -0.79
C THR F 177 16.85 -45.74 -0.10
N GLN F 178 16.07 -45.57 0.95
CA GLN F 178 16.03 -44.33 1.69
C GLN F 178 16.23 -44.63 3.18
N LYS F 179 17.20 -43.99 3.83
CA LYS F 179 17.36 -44.13 5.26
C LYS F 179 17.40 -42.75 5.94
N LYS F 180 17.49 -42.73 7.26
CA LYS F 180 17.59 -41.50 8.03
C LYS F 180 18.83 -41.57 8.89
N ASN F 181 19.80 -40.70 8.62
CA ASN F 181 21.06 -40.70 9.37
C ASN F 181 20.94 -39.85 10.63
N SER F 182 21.60 -40.29 11.68
CA SER F 182 21.66 -39.52 12.90
C SER F 182 22.97 -39.71 13.63
N VAL F 183 23.80 -38.65 13.57
CA VAL F 183 24.97 -38.49 14.46
C VAL F 183 24.78 -37.34 15.47
N THR F 184 25.20 -37.61 16.71
CA THR F 184 25.29 -36.63 17.78
C THR F 184 26.75 -36.14 17.84
N TYR F 185 26.95 -34.83 17.60
CA TYR F 185 28.28 -34.22 17.47
C TYR F 185 29.02 -34.17 18.82
N SER F 186 30.34 -34.30 18.77
CA SER F 186 31.22 -34.24 19.95
C SER F 186 31.22 -32.89 20.72
N CYS F 187 30.57 -31.86 20.16
CA CYS F 187 30.57 -30.52 20.74
C CYS F 187 29.65 -30.31 21.95
N CYS F 188 28.35 -30.52 21.75
CA CYS F 188 27.33 -29.73 22.46
C CYS F 188 25.88 -30.29 22.36
N PRO F 189 25.07 -30.16 23.42
CA PRO F 189 23.65 -30.60 23.39
C PRO F 189 22.86 -30.20 22.13
N GLU F 190 23.01 -30.98 21.05
CA GLU F 190 22.40 -30.68 19.73
C GLU F 190 22.62 -31.86 18.72
N ALA F 191 21.58 -32.21 17.95
CA ALA F 191 21.55 -33.43 17.12
C ALA F 191 21.09 -33.17 15.67
N TYR F 192 21.66 -33.92 14.73
CA TYR F 192 21.44 -33.60 13.32
C TYR F 192 21.21 -34.81 12.39
N GLU F 193 20.36 -34.57 11.38
CA GLU F 193 19.81 -35.61 10.51
C GLU F 193 19.69 -35.22 9.03
N ASP F 194 19.67 -36.27 8.20
CA ASP F 194 19.32 -36.16 6.79
C ASP F 194 18.52 -37.38 6.30
N VAL F 195 17.84 -37.25 5.17
CA VAL F 195 17.38 -38.43 4.46
C VAL F 195 18.48 -38.68 3.44
N GLU F 196 19.02 -39.89 3.49
CA GLU F 196 19.98 -40.35 2.52
C GLU F 196 19.28 -41.25 1.53
N VAL F 197 19.35 -40.84 0.26
CA VAL F 197 18.76 -41.57 -0.85
C VAL F 197 19.85 -42.27 -1.65
N SER F 198 19.80 -43.57 -1.71
CA SER F 198 20.81 -44.35 -2.41
C SER F 198 20.25 -44.76 -3.77
N LEU F 199 20.83 -44.19 -4.80
CA LEU F 199 20.47 -44.53 -6.17
C LEU F 199 21.46 -45.52 -6.75
N ASN F 200 21.10 -46.80 -6.74
CA ASN F 200 21.88 -47.85 -7.43
C ASN F 200 21.42 -47.96 -8.88
N PHE F 201 22.29 -47.54 -9.80
CA PHE F 201 21.96 -47.51 -11.22
C PHE F 201 23.11 -48.01 -12.10
N ARG F 202 22.83 -48.18 -13.38
CA ARG F 202 23.87 -48.57 -14.33
C ARG F 202 23.52 -48.25 -15.78
N LYS F 203 24.57 -48.19 -16.61
CA LYS F 203 24.41 -48.03 -18.05
C LYS F 203 23.75 -49.29 -18.62
N LYS F 204 22.80 -49.12 -19.53
CA LYS F 204 22.08 -50.25 -20.16
C LYS F 204 23.01 -51.04 -21.06
N GLY F 205 22.70 -52.33 -21.26
CA GLY F 205 23.48 -53.20 -22.11
C GLY F 205 23.34 -52.90 -23.59
N LEU G 1 7.13 -14.61 24.26
CA LEU G 1 7.02 -14.33 22.81
C LEU G 1 7.11 -15.67 22.12
N ASP G 2 6.37 -15.86 21.01
CA ASP G 2 6.52 -17.08 20.18
C ASP G 2 7.25 -16.75 18.88
N ARG G 3 7.55 -17.78 18.11
CA ARG G 3 8.33 -17.64 16.86
C ARG G 3 7.70 -16.60 15.91
N ALA G 4 6.39 -16.69 15.76
CA ALA G 4 5.63 -15.82 14.85
C ALA G 4 5.78 -14.35 15.22
N ASP G 5 5.70 -14.05 16.52
CA ASP G 5 5.86 -12.69 17.02
C ASP G 5 7.28 -12.17 16.75
N ILE G 6 8.27 -13.02 17.02
CA ILE G 6 9.66 -12.62 16.84
C ILE G 6 9.89 -12.28 15.38
N LEU G 7 9.36 -13.11 14.48
CA LEU G 7 9.60 -12.92 13.04
C LEU G 7 8.82 -11.76 12.47
N TYR G 8 7.64 -11.53 13.02
CA TYR G 8 6.89 -10.32 12.72
C TYR G 8 7.71 -9.06 13.12
N ASN G 9 8.16 -9.03 14.36
CA ASN G 9 8.87 -7.87 14.85
C ASN G 9 10.08 -7.57 14.00
N ILE G 10 10.84 -8.61 13.68
CA ILE G 10 12.02 -8.46 12.87
C ILE G 10 11.66 -7.91 11.48
N ARG G 11 10.69 -8.52 10.82
CA ARG G 11 10.27 -8.13 9.49
C ARG G 11 9.78 -6.66 9.44
N GLN G 12 9.02 -6.28 10.48
CA GLN G 12 8.45 -4.95 10.57
C GLN G 12 9.44 -3.86 10.87
N THR G 13 10.52 -4.17 11.58
CA THR G 13 11.48 -3.14 12.05
C THR G 13 12.90 -3.32 11.55
N SER G 14 13.18 -4.46 10.93
CA SER G 14 14.56 -4.66 10.52
C SER G 14 14.81 -3.67 9.35
N ARG G 15 16.06 -3.24 9.26
CA ARG G 15 16.46 -2.23 8.31
C ARG G 15 17.63 -2.82 7.51
N PRO G 16 17.28 -3.61 6.50
CA PRO G 16 18.28 -4.41 5.77
C PRO G 16 19.28 -3.56 4.98
N ASP G 17 18.90 -2.31 4.71
CA ASP G 17 19.78 -1.28 4.18
C ASP G 17 20.78 -0.64 5.21
N VAL G 18 20.63 -0.91 6.51
CA VAL G 18 21.34 -0.19 7.59
C VAL G 18 22.35 -1.04 8.31
N ILE G 19 23.63 -0.74 8.10
CA ILE G 19 24.71 -1.40 8.82
C ILE G 19 24.56 -1.19 10.34
N PRO G 20 24.47 -2.28 11.11
CA PRO G 20 24.18 -2.20 12.56
C PRO G 20 25.40 -1.83 13.35
N THR G 21 25.90 -0.67 13.02
CA THR G 21 27.02 -0.09 13.70
C THR G 21 26.62 0.19 15.16
N GLN G 22 27.44 -0.28 16.09
CA GLN G 22 27.26 -0.01 17.52
C GLN G 22 28.22 1.11 17.90
N ARG G 23 27.67 2.28 18.23
CA ARG G 23 28.46 3.52 18.51
C ARG G 23 29.21 4.03 17.24
N ASP G 24 30.54 4.20 17.33
CA ASP G 24 31.39 4.63 16.21
C ASP G 24 32.14 3.42 15.60
N ARG G 25 31.68 2.23 15.95
CA ARG G 25 32.53 1.04 16.02
C ARG G 25 32.28 0.15 14.81
N PRO G 26 33.31 -0.49 14.28
CA PRO G 26 33.04 -1.30 13.10
C PRO G 26 32.19 -2.49 13.50
N VAL G 27 31.38 -2.98 12.58
CA VAL G 27 30.70 -4.24 12.76
C VAL G 27 31.74 -5.33 12.52
N ALA G 28 31.95 -6.16 13.53
CA ALA G 28 32.87 -7.27 13.44
C ALA G 28 32.22 -8.43 12.73
N VAL G 29 32.57 -8.62 11.47
CA VAL G 29 32.08 -9.74 10.69
C VAL G 29 33.18 -10.83 10.71
N SER G 30 32.82 -12.06 11.01
CA SER G 30 33.78 -13.16 10.86
C SER G 30 33.40 -14.02 9.67
N VAL G 31 34.41 -14.44 8.92
CA VAL G 31 34.23 -15.17 7.66
C VAL G 31 35.10 -16.39 7.66
N SER G 32 34.54 -17.50 7.23
CA SER G 32 35.29 -18.75 7.21
C SER G 32 34.71 -19.65 6.12
N LEU G 33 35.57 -20.05 5.18
CA LEU G 33 35.16 -20.93 4.08
C LEU G 33 35.42 -22.39 4.45
N LYS G 34 34.38 -23.22 4.33
CA LYS G 34 34.52 -24.67 4.44
C LYS G 34 34.33 -25.26 3.06
N PHE G 35 35.39 -25.84 2.51
CA PHE G 35 35.34 -26.37 1.16
C PHE G 35 34.61 -27.71 1.11
N ILE G 36 33.67 -27.80 0.19
CA ILE G 36 32.89 -29.01 -0.03
C ILE G 36 33.39 -29.73 -1.28
N ASN G 37 33.69 -28.98 -2.32
CA ASN G 37 34.07 -29.59 -3.58
C ASN G 37 34.96 -28.72 -4.41
N ILE G 38 35.76 -29.37 -5.24
CA ILE G 38 36.55 -28.69 -6.28
C ILE G 38 36.17 -29.43 -7.55
N LEU G 39 35.46 -28.74 -8.42
CA LEU G 39 34.74 -29.35 -9.55
C LEU G 39 35.45 -29.29 -10.89
N GLU G 40 36.23 -28.24 -11.08
CA GLU G 40 36.93 -28.04 -12.32
C GLU G 40 38.12 -27.16 -12.10
N VAL G 41 39.21 -27.55 -12.74
CA VAL G 41 40.48 -26.91 -12.57
C VAL G 41 41.12 -26.81 -13.94
N ASN G 42 41.80 -25.69 -14.17
CA ASN G 42 42.52 -25.44 -15.41
C ASN G 42 43.89 -24.79 -15.13
N GLU G 43 44.96 -25.56 -15.28
CA GLU G 43 46.31 -25.07 -14.95
C GLU G 43 46.81 -24.04 -15.97
N ILE G 44 46.29 -24.15 -17.20
CA ILE G 44 46.61 -23.24 -18.31
C ILE G 44 45.96 -21.84 -18.09
N THR G 45 44.66 -21.80 -17.82
CA THR G 45 43.96 -20.51 -17.59
C THR G 45 44.00 -20.00 -16.14
N ASN G 46 44.55 -20.81 -15.23
CA ASN G 46 44.59 -20.46 -13.81
C ASN G 46 43.19 -20.14 -13.28
N GLU G 47 42.26 -21.03 -13.58
CA GLU G 47 40.88 -20.87 -13.16
C GLU G 47 40.43 -22.10 -12.41
N VAL G 48 39.58 -21.87 -11.43
CA VAL G 48 39.16 -22.91 -10.52
C VAL G 48 37.66 -22.74 -10.27
N ASP G 49 36.99 -23.87 -10.13
CA ASP G 49 35.56 -23.92 -9.94
C ASP G 49 35.34 -24.73 -8.69
N VAL G 50 34.60 -24.17 -7.75
CA VAL G 50 34.69 -24.57 -6.38
C VAL G 50 33.33 -24.42 -5.66
N VAL G 51 33.05 -25.33 -4.73
CA VAL G 51 31.86 -25.24 -3.89
C VAL G 51 32.27 -25.17 -2.44
N PHE G 52 31.81 -24.14 -1.76
CA PHE G 52 32.16 -23.93 -0.35
C PHE G 52 31.00 -23.37 0.44
N TRP G 53 31.02 -23.62 1.75
CA TRP G 53 30.10 -22.97 2.67
C TRP G 53 30.78 -21.71 3.17
N GLN G 54 30.12 -20.57 3.03
CA GLN G 54 30.68 -19.30 3.45
C GLN G 54 30.12 -18.94 4.81
N GLN G 55 30.74 -19.47 5.84
CA GLN G 55 30.26 -19.23 7.19
C GLN G 55 30.51 -17.80 7.62
N THR G 56 29.42 -17.04 7.70
CA THR G 56 29.47 -15.60 7.98
C THR G 56 28.70 -15.31 9.25
N THR G 57 29.34 -14.60 10.14
CA THR G 57 28.83 -14.35 11.48
C THR G 57 28.97 -12.84 11.79
N TRP G 58 27.97 -12.27 12.45
CA TRP G 58 28.06 -10.90 12.91
C TRP G 58 26.94 -10.59 13.86
N SER G 59 26.98 -9.40 14.43
CA SER G 59 26.05 -8.94 15.47
C SER G 59 25.17 -7.83 14.94
N ASP G 60 23.88 -7.92 15.24
CA ASP G 60 22.91 -6.85 14.98
C ASP G 60 21.97 -6.81 16.20
N ARG G 61 22.26 -5.86 17.10
CA ARG G 61 21.53 -5.72 18.36
C ARG G 61 20.02 -5.41 18.16
N THR G 62 19.68 -4.83 17.01
CA THR G 62 18.30 -4.41 16.74
C THR G 62 17.38 -5.57 16.52
N LEU G 63 17.95 -6.75 16.32
CA LEU G 63 17.19 -7.99 16.11
C LEU G 63 16.87 -8.72 17.39
N ALA G 64 17.54 -8.31 18.48
CA ALA G 64 17.46 -9.00 19.78
C ALA G 64 16.07 -8.99 20.35
N TRP G 65 15.78 -10.01 21.12
CA TRP G 65 14.54 -10.08 21.88
C TRP G 65 14.80 -10.73 23.25
N ASN G 66 13.87 -10.53 24.17
CA ASN G 66 13.92 -11.18 25.50
C ASN G 66 13.54 -12.67 25.37
N SER G 67 14.51 -13.55 25.63
CA SER G 67 14.31 -14.99 25.45
C SER G 67 13.87 -15.71 26.74
N SER G 68 13.16 -15.00 27.62
CA SER G 68 12.88 -15.55 28.94
C SER G 68 11.97 -16.78 28.78
N HIS G 69 10.81 -16.60 28.15
CA HIS G 69 9.90 -17.72 27.89
C HIS G 69 9.68 -17.73 26.38
N SER G 70 10.78 -17.84 25.65
CA SER G 70 10.75 -17.70 24.21
C SER G 70 11.87 -18.51 23.56
N PRO G 71 11.76 -18.80 22.26
CA PRO G 71 12.82 -19.55 21.56
C PRO G 71 14.12 -18.82 21.63
N ASP G 72 15.22 -19.57 21.71
CA ASP G 72 16.56 -19.00 21.73
C ASP G 72 16.93 -18.46 20.34
N GLN G 73 16.40 -19.08 19.28
CA GLN G 73 16.81 -18.82 17.90
C GLN G 73 15.66 -18.88 16.92
N VAL G 74 15.73 -18.10 15.84
CA VAL G 74 14.83 -18.30 14.70
C VAL G 74 15.59 -18.28 13.38
N SER G 75 15.01 -18.87 12.36
CA SER G 75 15.50 -18.73 10.99
C SER G 75 14.72 -17.64 10.28
N VAL G 76 15.45 -16.75 9.61
CA VAL G 76 14.93 -15.53 9.02
C VAL G 76 15.42 -15.36 7.59
N PRO G 77 14.54 -15.04 6.63
CA PRO G 77 14.99 -14.75 5.25
C PRO G 77 15.98 -13.58 5.25
N ILE G 78 17.08 -13.68 4.51
CA ILE G 78 18.09 -12.64 4.49
C ILE G 78 17.62 -11.33 3.93
N SER G 79 16.61 -11.37 3.10
CA SER G 79 15.97 -10.15 2.63
C SER G 79 15.39 -9.30 3.78
N SER G 80 15.09 -9.89 4.94
CA SER G 80 14.63 -9.15 6.12
C SER G 80 15.75 -8.72 7.09
N LEU G 81 16.99 -8.94 6.71
CA LEU G 81 18.14 -8.57 7.55
C LEU G 81 19.17 -7.78 6.79
N TRP G 82 19.94 -7.01 7.52
CA TRP G 82 21.17 -6.48 6.97
C TRP G 82 22.13 -7.61 6.91
N VAL G 83 22.82 -7.67 5.79
CA VAL G 83 23.82 -8.67 5.50
C VAL G 83 25.06 -7.96 4.99
N PRO G 84 26.27 -8.29 5.47
CA PRO G 84 27.47 -7.63 5.00
C PRO G 84 27.65 -7.82 3.49
N ASP G 85 28.08 -6.76 2.80
CA ASP G 85 28.29 -6.77 1.36
C ASP G 85 29.65 -7.42 0.96
N LEU G 86 29.83 -8.65 1.39
CA LEU G 86 31.08 -9.36 1.13
C LEU G 86 31.16 -9.74 -0.34
N ALA G 87 32.35 -9.64 -0.88
CA ALA G 87 32.62 -10.09 -2.24
C ALA G 87 33.97 -10.76 -2.28
N ALA G 88 34.05 -11.74 -3.15
CA ALA G 88 35.30 -12.44 -3.43
C ALA G 88 36.04 -11.65 -4.55
N TYR G 89 37.16 -11.03 -4.18
CA TYR G 89 37.94 -10.08 -5.04
C TYR G 89 38.38 -10.68 -6.35
N ASN G 90 38.79 -11.94 -6.29
CA ASN G 90 39.32 -12.65 -7.45
C ASN G 90 38.31 -13.65 -8.03
N ALA G 91 37.03 -13.45 -7.75
CA ALA G 91 35.96 -14.21 -8.40
C ALA G 91 35.78 -13.77 -9.85
N ILE G 92 35.47 -14.71 -10.72
CA ILE G 92 35.25 -14.42 -12.14
C ILE G 92 33.87 -14.88 -12.58
N SER G 93 33.04 -15.25 -11.62
CA SER G 93 31.62 -15.48 -11.86
C SER G 93 30.86 -15.00 -10.64
N LYS G 94 29.58 -14.72 -10.81
CA LYS G 94 28.79 -14.33 -9.64
C LYS G 94 28.49 -15.56 -8.82
N PRO G 95 28.40 -15.37 -7.50
CA PRO G 95 28.19 -16.50 -6.59
C PRO G 95 26.88 -17.17 -6.92
N GLU G 96 26.93 -18.46 -7.21
CA GLU G 96 25.73 -19.27 -7.39
C GLU G 96 25.37 -19.82 -6.02
N VAL G 97 24.35 -19.26 -5.40
CA VAL G 97 23.90 -19.73 -4.07
C VAL G 97 23.02 -20.99 -4.21
N LEU G 98 23.50 -22.08 -3.64
CA LEU G 98 22.86 -23.39 -3.82
C LEU G 98 21.79 -23.68 -2.77
N THR G 99 21.83 -22.95 -1.67
CA THR G 99 20.99 -23.29 -0.52
C THR G 99 19.88 -22.26 -0.31
N PRO G 100 18.92 -22.59 0.55
CA PRO G 100 17.93 -21.59 0.98
C PRO G 100 18.55 -20.38 1.67
N GLN G 101 18.00 -19.22 1.35
CA GLN G 101 18.58 -17.94 1.72
C GLN G 101 18.01 -17.52 3.05
N LEU G 102 18.41 -18.25 4.06
CA LEU G 102 17.89 -18.07 5.40
C LEU G 102 19.10 -17.97 6.30
N ALA G 103 18.97 -17.11 7.29
CA ALA G 103 20.01 -16.92 8.27
C ALA G 103 19.41 -17.30 9.61
N ARG G 104 20.31 -17.67 10.50
CA ARG G 104 19.95 -18.06 11.82
C ARG G 104 20.22 -16.92 12.78
N VAL G 105 19.19 -16.43 13.46
CA VAL G 105 19.31 -15.28 14.36
C VAL G 105 19.10 -15.78 15.78
N VAL G 106 20.04 -15.47 16.67
CA VAL G 106 19.95 -15.80 18.09
C VAL G 106 19.32 -14.59 18.85
N SER G 107 18.70 -14.88 19.99
CA SER G 107 17.99 -13.87 20.77
C SER G 107 18.81 -12.66 21.23
N ASP G 108 20.13 -12.85 21.39
CA ASP G 108 21.03 -11.75 21.72
C ASP G 108 21.45 -10.91 20.50
N GLY G 109 21.04 -11.29 19.30
CA GLY G 109 21.35 -10.52 18.10
C GLY G 109 22.42 -11.07 17.16
N GLU G 110 22.97 -12.26 17.47
CA GLU G 110 24.02 -12.90 16.66
C GLU G 110 23.42 -13.53 15.42
N VAL G 111 23.99 -13.22 14.27
CA VAL G 111 23.57 -13.88 13.05
C VAL G 111 24.63 -14.86 12.58
N LEU G 112 24.16 -15.99 12.10
CA LEU G 112 24.94 -16.98 11.40
C LEU G 112 24.23 -17.25 10.04
N TYR G 113 24.85 -16.84 8.95
CA TYR G 113 24.35 -17.11 7.59
C TYR G 113 25.46 -17.90 6.94
N MET G 114 25.16 -19.10 6.51
CA MET G 114 26.13 -19.97 5.87
C MET G 114 25.55 -20.56 4.58
N PRO G 115 25.59 -19.81 3.53
CA PRO G 115 25.16 -20.32 2.24
C PRO G 115 26.21 -21.23 1.65
N SER G 116 25.75 -22.18 0.86
CA SER G 116 26.64 -23.00 0.06
C SER G 116 26.69 -22.28 -1.25
N ILE G 117 27.91 -22.06 -1.73
CA ILE G 117 28.16 -21.26 -2.91
C ILE G 117 29.03 -22.05 -3.88
N ARG G 118 28.62 -22.10 -5.13
CA ARG G 118 29.49 -22.49 -6.24
C ARG G 118 29.97 -21.22 -6.96
N GLN G 119 31.27 -21.12 -7.16
CA GLN G 119 31.85 -19.94 -7.76
C GLN G 119 33.18 -20.26 -8.40
N ARG G 120 33.49 -19.56 -9.48
CA ARG G 120 34.78 -19.70 -10.16
C ARG G 120 35.74 -18.58 -9.77
N PHE G 121 37.02 -18.92 -9.68
CA PHE G 121 38.02 -17.94 -9.28
C PHE G 121 39.22 -17.95 -10.20
N SER G 122 39.92 -16.84 -10.24
CA SER G 122 41.21 -16.73 -10.89
C SER G 122 42.25 -16.77 -9.78
N CYS G 123 43.04 -17.83 -9.77
CA CYS G 123 44.09 -17.97 -8.76
C CYS G 123 45.17 -18.97 -9.22
N ASP G 124 46.20 -19.12 -8.39
CA ASP G 124 47.39 -19.95 -8.73
C ASP G 124 47.04 -21.44 -8.71
N VAL G 125 46.93 -22.02 -9.90
CA VAL G 125 46.63 -23.43 -10.08
C VAL G 125 47.91 -24.20 -10.38
N SER G 126 49.01 -23.50 -10.63
CA SER G 126 50.28 -24.17 -10.91
C SER G 126 50.61 -25.20 -9.83
N GLY G 127 51.17 -26.33 -10.25
CA GLY G 127 51.56 -27.42 -9.37
C GLY G 127 50.41 -28.26 -8.83
N VAL G 128 49.23 -28.14 -9.44
CA VAL G 128 48.06 -28.93 -9.02
C VAL G 128 48.31 -30.45 -9.14
N ASP G 129 49.14 -30.84 -10.09
CA ASP G 129 49.43 -32.26 -10.32
C ASP G 129 50.66 -32.76 -9.55
N THR G 130 51.13 -31.95 -8.61
CA THR G 130 52.30 -32.28 -7.81
C THR G 130 51.88 -32.77 -6.43
N GLU G 131 52.85 -33.37 -5.75
CA GLU G 131 52.78 -33.72 -4.34
C GLU G 131 52.54 -32.48 -3.45
N SER G 132 53.25 -31.38 -3.76
CA SER G 132 53.14 -30.11 -3.03
C SER G 132 51.76 -29.49 -3.23
N GLY G 133 51.22 -29.70 -4.42
CA GLY G 133 49.92 -29.23 -4.79
C GLY G 133 49.92 -27.78 -5.20
N ALA G 134 48.79 -27.34 -5.75
CA ALA G 134 48.55 -25.93 -6.04
C ALA G 134 48.09 -25.23 -4.78
N THR G 135 48.36 -23.94 -4.69
CA THR G 135 47.87 -23.11 -3.60
C THR G 135 47.08 -21.96 -4.20
N CYS G 136 45.76 -22.09 -4.11
CA CYS G 136 44.81 -21.14 -4.65
C CYS G 136 44.34 -20.22 -3.53
N ARG G 137 44.52 -18.91 -3.72
CA ARG G 137 44.17 -17.93 -2.71
C ARG G 137 42.92 -17.15 -3.11
N ILE G 138 41.92 -17.19 -2.24
CA ILE G 138 40.64 -16.53 -2.42
C ILE G 138 40.52 -15.43 -1.38
N LYS G 139 40.27 -14.20 -1.87
CA LYS G 139 40.20 -12.99 -1.05
C LYS G 139 38.75 -12.54 -0.91
N ILE G 140 38.29 -12.36 0.32
CA ILE G 140 36.93 -11.94 0.59
C ILE G 140 36.88 -10.79 1.54
N GLY G 141 36.16 -9.74 1.15
CA GLY G 141 35.97 -8.59 2.00
C GLY G 141 34.76 -7.80 1.63
N SER G 142 34.47 -6.76 2.41
CA SER G 142 33.38 -5.86 2.11
C SER G 142 33.71 -5.09 0.86
N TRP G 143 32.74 -4.95 -0.01
CA TRP G 143 32.93 -4.21 -1.24
C TRP G 143 32.85 -2.70 -1.07
N THR G 144 32.01 -2.20 -0.14
CA THR G 144 31.81 -0.71 -0.03
C THR G 144 32.06 -0.13 1.36
N HIS G 145 32.21 -1.01 2.35
CA HIS G 145 32.48 -0.55 3.70
C HIS G 145 33.95 -0.74 4.01
N HIS G 146 34.60 0.34 4.39
CA HIS G 146 35.96 0.32 4.84
C HIS G 146 36.06 -0.10 6.31
N SER G 147 37.28 -0.06 6.83
CA SER G 147 37.64 -0.74 8.09
C SER G 147 37.08 -0.11 9.35
N ARG G 148 36.68 1.15 9.29
CA ARG G 148 36.00 1.78 10.42
C ARG G 148 34.52 1.44 10.48
N GLU G 149 34.03 0.71 9.46
CA GLU G 149 32.62 0.28 9.37
C GLU G 149 32.41 -1.23 9.36
N ILE G 150 33.26 -1.94 8.64
CA ILE G 150 33.31 -3.42 8.73
C ILE G 150 34.75 -3.94 8.93
N SER G 151 34.88 -4.90 9.84
CA SER G 151 36.08 -5.68 9.97
C SER G 151 35.78 -7.12 9.61
N VAL G 152 36.72 -7.77 8.92
CA VAL G 152 36.58 -9.19 8.67
C VAL G 152 37.70 -9.91 9.38
N ASP G 153 37.37 -11.01 10.04
CA ASP G 153 38.34 -11.88 10.68
C ASP G 153 38.04 -13.33 10.32
N PRO G 154 38.99 -14.22 10.52
CA PRO G 154 38.69 -15.65 10.54
C PRO G 154 37.92 -16.12 11.80
N THR G 155 38.00 -17.42 12.05
CA THR G 155 37.52 -18.01 13.30
C THR G 155 38.59 -18.95 13.82
N THR G 156 38.20 -19.79 14.79
CA THR G 156 38.99 -20.96 15.20
C THR G 156 38.96 -22.04 14.09
N GLU G 157 40.15 -22.51 13.72
CA GLU G 157 40.35 -23.57 12.70
C GLU G 157 40.19 -25.00 13.31
N ASN G 158 39.24 -25.19 14.21
CA ASN G 158 38.96 -26.51 14.79
C ASN G 158 38.53 -27.53 13.72
N SER G 159 37.32 -27.31 13.15
CA SER G 159 36.74 -28.18 12.11
C SER G 159 37.73 -28.42 10.94
N ASP G 160 38.19 -29.66 10.82
CA ASP G 160 39.24 -30.04 9.85
C ASP G 160 38.98 -29.49 8.43
N ASP G 161 40.07 -29.29 7.68
CA ASP G 161 39.94 -28.84 6.28
C ASP G 161 38.95 -29.76 5.57
N SER G 162 39.24 -31.05 5.61
CA SER G 162 38.47 -32.07 4.88
C SER G 162 37.20 -32.62 5.58
N GLU G 163 36.81 -32.11 6.74
CA GLU G 163 35.63 -32.70 7.43
C GLU G 163 34.41 -32.70 6.51
N TYR G 164 34.31 -31.64 5.70
CA TYR G 164 33.12 -31.35 4.88
C TYR G 164 33.35 -31.62 3.40
N PHE G 165 34.58 -31.92 3.06
CA PHE G 165 34.98 -32.08 1.68
C PHE G 165 34.55 -33.43 1.10
N SER G 166 34.20 -33.42 -0.18
CA SER G 166 33.66 -34.61 -0.84
C SER G 166 34.76 -35.62 -1.09
N GLN G 167 34.55 -36.82 -0.60
CA GLN G 167 35.49 -37.92 -0.83
C GLN G 167 35.53 -38.34 -2.29
N TYR G 168 34.58 -37.85 -3.08
CA TYR G 168 34.41 -38.26 -4.48
C TYR G 168 34.97 -37.28 -5.48
N SER G 169 35.41 -36.12 -5.01
CA SER G 169 36.13 -35.17 -5.85
C SER G 169 37.38 -35.81 -6.45
N ARG G 170 37.77 -35.33 -7.63
CA ARG G 170 39.03 -35.76 -8.25
C ARG G 170 40.21 -35.24 -7.45
N PHE G 171 39.94 -34.24 -6.62
CA PHE G 171 40.99 -33.54 -5.86
C PHE G 171 40.88 -33.83 -4.37
N GLU G 172 41.97 -33.58 -3.66
CA GLU G 172 42.01 -33.64 -2.20
C GLU G 172 42.65 -32.39 -1.60
N ILE G 173 42.28 -32.08 -0.37
CA ILE G 173 42.78 -30.90 0.32
C ILE G 173 43.92 -31.24 1.25
N LEU G 174 45.08 -30.63 1.00
CA LEU G 174 46.25 -30.76 1.85
C LEU G 174 46.22 -29.82 3.04
N ASP G 175 45.79 -28.59 2.80
CA ASP G 175 45.77 -27.55 3.83
C ASP G 175 44.90 -26.36 3.48
N VAL G 176 44.27 -25.78 4.49
CA VAL G 176 43.47 -24.57 4.37
C VAL G 176 43.89 -23.63 5.49
N THR G 177 44.45 -22.48 5.12
CA THR G 177 44.81 -21.46 6.11
C THR G 177 44.07 -20.19 5.79
N GLN G 178 43.74 -19.44 6.84
CA GLN G 178 42.99 -18.19 6.71
C GLN G 178 43.70 -17.07 7.45
N LYS G 179 43.88 -15.93 6.82
CA LYS G 179 44.51 -14.81 7.52
C LYS G 179 43.92 -13.45 7.14
N LYS G 180 44.02 -12.50 8.05
CA LYS G 180 43.45 -11.17 7.90
C LYS G 180 44.47 -10.16 7.37
N ASN G 181 44.10 -9.52 6.27
CA ASN G 181 44.83 -8.38 5.70
C ASN G 181 44.04 -7.07 5.81
N SER G 182 44.74 -5.96 6.03
CA SER G 182 44.18 -4.62 5.94
C SER G 182 44.93 -3.91 4.81
N VAL G 183 44.26 -3.72 3.67
CA VAL G 183 44.89 -3.12 2.50
C VAL G 183 44.32 -1.75 2.21
N THR G 184 45.19 -0.78 1.95
CA THR G 184 44.80 0.50 1.40
C THR G 184 45.14 0.48 -0.10
N TYR G 185 44.11 0.66 -0.94
CA TYR G 185 44.28 0.76 -2.39
C TYR G 185 44.38 2.21 -2.92
N SER G 186 44.92 2.37 -4.13
CA SER G 186 45.12 3.71 -4.71
C SER G 186 43.78 4.39 -5.14
N CYS G 187 42.77 3.61 -5.49
CA CYS G 187 41.44 4.13 -5.83
C CYS G 187 40.73 4.86 -4.69
N CYS G 188 41.03 4.52 -3.44
CA CYS G 188 40.17 4.82 -2.30
C CYS G 188 41.01 5.14 -1.04
N PRO G 189 40.68 6.19 -0.31
CA PRO G 189 41.58 6.70 0.73
C PRO G 189 41.72 5.82 1.97
N GLU G 190 40.69 5.03 2.32
CA GLU G 190 40.69 4.21 3.55
C GLU G 190 41.07 2.74 3.32
N ALA G 191 41.27 2.00 4.41
CA ALA G 191 41.71 0.58 4.32
C ALA G 191 40.52 -0.31 4.26
N TYR G 192 40.58 -1.34 3.41
CA TYR G 192 39.54 -2.40 3.36
C TYR G 192 40.11 -3.74 3.81
N GLU G 193 39.38 -4.38 4.71
CA GLU G 193 39.89 -5.54 5.43
C GLU G 193 39.49 -6.76 4.67
N ASP G 194 40.31 -7.79 4.64
CA ASP G 194 39.86 -8.95 3.91
C ASP G 194 40.31 -10.17 4.61
N VAL G 195 39.67 -11.26 4.30
CA VAL G 195 40.18 -12.53 4.72
C VAL G 195 40.73 -13.24 3.51
N GLU G 196 41.96 -13.67 3.62
CA GLU G 196 42.62 -14.43 2.58
C GLU G 196 42.60 -15.91 2.93
N VAL G 197 41.93 -16.68 2.09
CA VAL G 197 41.80 -18.11 2.27
C VAL G 197 42.74 -18.84 1.32
N SER G 198 43.72 -19.55 1.88
CA SER G 198 44.66 -20.31 1.08
C SER G 198 44.31 -21.80 1.00
N LEU G 199 43.91 -22.21 -0.19
CA LEU G 199 43.48 -23.58 -0.47
C LEU G 199 44.62 -24.31 -1.14
N ASN G 200 45.37 -25.07 -0.34
CA ASN G 200 46.40 -25.94 -0.87
C ASN G 200 45.76 -27.29 -1.19
N PHE G 201 45.65 -27.59 -2.48
CA PHE G 201 45.01 -28.82 -2.96
C PHE G 201 45.79 -29.47 -4.10
N ARG G 202 45.38 -30.67 -4.45
CA ARG G 202 46.00 -31.39 -5.55
C ARG G 202 45.09 -32.46 -6.14
N LYS G 203 45.41 -32.87 -7.36
CA LYS G 203 44.80 -34.02 -8.01
C LYS G 203 45.18 -35.31 -7.29
N LYS G 204 44.22 -36.20 -7.06
CA LYS G 204 44.46 -37.48 -6.39
C LYS G 204 45.38 -38.34 -7.25
N GLY G 205 46.27 -39.10 -6.63
CA GLY G 205 47.28 -39.89 -7.35
C GLY G 205 46.79 -41.23 -7.86
N LEU H 1 22.75 13.71 12.08
CA LEU H 1 21.84 12.59 11.74
C LEU H 1 22.55 11.25 11.90
N ASP H 2 21.83 10.15 12.06
CA ASP H 2 22.52 8.85 12.00
C ASP H 2 22.37 8.16 10.61
N ARG H 3 23.07 7.06 10.48
CA ARG H 3 23.05 6.31 9.23
C ARG H 3 21.62 5.88 8.83
N ALA H 4 20.83 5.43 9.80
CA ALA H 4 19.49 4.93 9.52
C ALA H 4 18.59 6.04 8.98
N ASP H 5 18.67 7.22 9.57
CA ASP H 5 17.91 8.37 9.13
C ASP H 5 18.29 8.81 7.70
N ILE H 6 19.59 8.84 7.42
CA ILE H 6 20.05 9.25 6.11
C ILE H 6 19.55 8.30 5.04
N LEU H 7 19.57 7.00 5.34
CA LEU H 7 19.15 5.98 4.37
C LEU H 7 17.64 5.93 4.19
N TYR H 8 16.91 6.19 5.28
CA TYR H 8 15.46 6.34 5.22
C TYR H 8 15.10 7.52 4.30
N ASN H 9 15.73 8.66 4.54
CA ASN H 9 15.41 9.87 3.77
C ASN H 9 15.67 9.63 2.29
N ILE H 10 16.83 9.04 2.00
CA ILE H 10 17.18 8.72 0.61
C ILE H 10 16.15 7.78 -0.03
N ARG H 11 15.84 6.70 0.65
CA ARG H 11 14.90 5.71 0.13
C ARG H 11 13.52 6.36 -0.10
N GLN H 12 13.09 7.20 0.81
CA GLN H 12 11.75 7.77 0.77
C GLN H 12 11.59 8.81 -0.30
N THR H 13 12.66 9.49 -0.67
CA THR H 13 12.59 10.65 -1.56
C THR H 13 13.41 10.49 -2.83
N SER H 14 14.23 9.47 -2.88
CA SER H 14 15.10 9.40 -4.03
C SER H 14 14.17 9.04 -5.22
N ARG H 15 14.55 9.51 -6.41
CA ARG H 15 13.71 9.35 -7.59
C ARG H 15 14.57 8.67 -8.65
N PRO H 16 14.59 7.31 -8.65
CA PRO H 16 15.53 6.53 -9.48
C PRO H 16 15.34 6.76 -10.99
N ASP H 17 14.13 7.08 -11.38
CA ASP H 17 13.85 7.38 -12.79
C ASP H 17 14.21 8.85 -13.23
N VAL H 18 14.70 9.68 -12.29
CA VAL H 18 14.89 11.12 -12.54
C VAL H 18 16.35 11.55 -12.59
N ILE H 19 16.83 11.84 -13.78
CA ILE H 19 18.18 12.34 -13.94
C ILE H 19 18.38 13.64 -13.11
N PRO H 20 19.37 13.68 -12.23
CA PRO H 20 19.56 14.83 -11.34
C PRO H 20 20.24 15.97 -12.04
N THR H 21 19.56 16.46 -13.06
CA THR H 21 19.99 17.60 -13.85
C THR H 21 19.94 18.81 -12.92
N GLN H 22 21.03 19.60 -12.89
CA GLN H 22 21.15 20.73 -11.97
C GLN H 22 21.14 22.02 -12.76
N ARG H 23 19.96 22.64 -12.84
CA ARG H 23 19.71 23.77 -13.74
C ARG H 23 19.77 23.28 -15.20
N ASP H 24 20.04 24.19 -16.15
CA ASP H 24 20.24 23.82 -17.56
C ASP H 24 21.26 22.69 -17.87
N ARG H 25 22.17 22.38 -16.91
CA ARG H 25 23.39 21.61 -17.22
C ARG H 25 23.25 20.09 -17.35
N PRO H 26 24.12 19.51 -18.17
CA PRO H 26 24.23 18.05 -18.20
C PRO H 26 24.72 17.53 -16.86
N VAL H 27 24.36 16.31 -16.52
CA VAL H 27 24.97 15.62 -15.40
C VAL H 27 26.31 15.12 -15.85
N ALA H 28 27.36 15.59 -15.19
CA ALA H 28 28.74 15.19 -15.49
C ALA H 28 29.03 13.83 -14.88
N VAL H 29 29.08 12.80 -15.71
CA VAL H 29 29.37 11.44 -15.27
C VAL H 29 30.75 11.11 -15.70
N SER H 30 31.60 10.71 -14.77
CA SER H 30 32.95 10.29 -15.12
C SER H 30 33.03 8.76 -15.05
N VAL H 31 33.74 8.17 -16.01
CA VAL H 31 33.83 6.73 -16.16
C VAL H 31 35.29 6.35 -16.30
N SER H 32 35.67 5.26 -15.64
CA SER H 32 37.04 4.78 -15.70
C SER H 32 37.09 3.26 -15.44
N LEU H 33 37.67 2.52 -16.40
CA LEU H 33 37.76 1.06 -16.30
C LEU H 33 39.12 0.67 -15.73
N LYS H 34 39.08 -0.16 -14.70
CA LYS H 34 40.29 -0.74 -14.12
C LYS H 34 40.20 -2.22 -14.40
N PHE H 35 41.10 -2.70 -15.22
CA PHE H 35 41.05 -4.08 -15.66
C PHE H 35 41.62 -4.98 -14.58
N ILE H 36 40.85 -6.02 -14.27
CA ILE H 36 41.21 -7.03 -13.28
C ILE H 36 41.67 -8.32 -13.95
N ASN H 37 41.03 -8.69 -15.05
CA ASN H 37 41.37 -9.95 -15.74
C ASN H 37 40.96 -9.94 -17.18
N ILE H 38 41.67 -10.77 -17.95
CA ILE H 38 41.35 -11.06 -19.34
C ILE H 38 41.31 -12.56 -19.38
N LEU H 39 40.11 -13.10 -19.58
CA LEU H 39 39.83 -14.52 -19.33
C LEU H 39 39.81 -15.38 -20.56
N GLU H 40 39.41 -14.80 -21.68
CA GLU H 40 39.35 -15.56 -22.91
C GLU H 40 39.44 -14.62 -24.06
N VAL H 41 40.21 -15.05 -25.05
CA VAL H 41 40.52 -14.27 -26.21
C VAL H 41 40.42 -15.17 -27.43
N ASN H 42 39.93 -14.61 -28.53
CA ASN H 42 39.82 -15.32 -29.78
C ASN H 42 40.21 -14.40 -30.93
N GLU H 43 41.38 -14.64 -31.53
CA GLU H 43 41.91 -13.78 -32.60
C GLU H 43 41.15 -13.96 -33.91
N ILE H 44 40.55 -15.13 -34.08
CA ILE H 44 39.74 -15.47 -35.25
C ILE H 44 38.39 -14.73 -35.23
N THR H 45 37.66 -14.82 -34.12
CA THR H 45 36.33 -14.17 -34.02
C THR H 45 36.39 -12.70 -33.57
N ASN H 46 37.57 -12.23 -33.20
CA ASN H 46 37.73 -10.90 -32.62
C ASN H 46 36.79 -10.67 -31.43
N GLU H 47 36.86 -11.59 -30.48
CA GLU H 47 36.04 -11.53 -29.29
C GLU H 47 36.92 -11.68 -28.06
N VAL H 48 36.54 -10.96 -27.01
CA VAL H 48 37.32 -10.85 -25.81
C VAL H 48 36.38 -10.96 -24.59
N ASP H 49 36.88 -11.58 -23.55
CA ASP H 49 36.13 -11.83 -22.33
C ASP H 49 37.00 -11.29 -21.20
N VAL H 50 36.40 -10.42 -20.42
CA VAL H 50 37.16 -9.44 -19.66
C VAL H 50 36.45 -9.11 -18.33
N VAL H 51 37.22 -8.91 -17.28
CA VAL H 51 36.69 -8.50 -15.98
C VAL H 51 37.31 -7.18 -15.64
N PHE H 52 36.47 -6.22 -15.29
CA PHE H 52 36.93 -4.87 -14.97
C PHE H 52 36.02 -4.22 -13.91
N TRP H 53 36.60 -3.28 -13.16
CA TRP H 53 35.85 -2.42 -12.27
C TRP H 53 35.48 -1.19 -13.06
N GLN H 54 34.18 -0.89 -13.12
CA GLN H 54 33.68 0.23 -13.88
C GLN H 54 33.39 1.38 -12.91
N GLN H 55 34.44 2.12 -12.61
CA GLN H 55 34.37 3.23 -11.70
C GLN H 55 33.54 4.35 -12.31
N THR H 56 32.37 4.55 -11.73
CA THR H 56 31.44 5.55 -12.22
C THR H 56 31.15 6.51 -11.12
N THR H 57 31.22 7.78 -11.44
CA THR H 57 31.13 8.88 -10.49
C THR H 57 30.23 9.98 -11.03
N TRP H 58 29.38 10.54 -10.17
CA TRP H 58 28.52 11.65 -10.58
C TRP H 58 27.91 12.30 -9.36
N SER H 59 27.23 13.40 -9.61
CA SER H 59 26.59 14.22 -8.57
C SER H 59 25.07 14.12 -8.61
N ASP H 60 24.48 13.96 -7.44
CA ASP H 60 23.02 14.06 -7.25
C ASP H 60 22.76 14.87 -5.98
N ARG H 61 22.48 16.17 -6.14
CA ARG H 61 22.32 17.08 -5.01
C ARG H 61 21.14 16.70 -4.12
N THR H 62 20.15 15.98 -4.65
CA THR H 62 18.95 15.63 -3.87
C THR H 62 19.23 14.61 -2.80
N LEU H 63 20.39 13.95 -2.88
CA LEU H 63 20.80 12.95 -1.88
C LEU H 63 21.54 13.55 -0.70
N ALA H 64 21.92 14.81 -0.83
CA ALA H 64 22.76 15.52 0.17
C ALA H 64 22.12 15.63 1.54
N TRP H 65 22.96 15.66 2.56
CA TRP H 65 22.52 15.93 3.90
C TRP H 65 23.54 16.76 4.64
N ASN H 66 23.09 17.39 5.71
CA ASN H 66 23.98 18.15 6.59
C ASN H 66 24.85 17.17 7.42
N SER H 67 26.15 17.20 7.17
CA SER H 67 27.07 16.27 7.83
C SER H 67 27.72 16.85 9.10
N SER H 68 27.00 17.70 9.80
CA SER H 68 27.57 18.42 10.95
C SER H 68 27.96 17.41 12.06
N HIS H 69 26.96 16.68 12.53
CA HIS H 69 27.19 15.63 13.54
C HIS H 69 26.64 14.35 12.96
N SER H 70 27.15 14.01 11.79
CA SER H 70 26.63 12.89 11.01
C SER H 70 27.74 12.25 10.21
N PRO H 71 27.51 11.02 9.75
CA PRO H 71 28.48 10.34 8.91
C PRO H 71 28.71 11.05 7.60
N ASP H 72 29.94 11.03 7.12
CA ASP H 72 30.30 11.68 5.86
C ASP H 72 29.74 10.91 4.65
N GLN H 73 29.55 9.60 4.83
CA GLN H 73 29.21 8.70 3.75
C GLN H 73 28.34 7.55 4.17
N VAL H 74 27.49 7.07 3.26
CA VAL H 74 26.75 5.83 3.47
C VAL H 74 26.75 5.00 2.20
N SER H 75 26.53 3.72 2.37
CA SER H 75 26.36 2.78 1.25
C SER H 75 24.90 2.55 1.02
N VAL H 76 24.50 2.64 -0.23
CA VAL H 76 23.09 2.67 -0.62
C VAL H 76 22.84 1.70 -1.76
N PRO H 77 21.78 0.91 -1.71
CA PRO H 77 21.45 0.05 -2.86
C PRO H 77 21.20 0.90 -4.10
N ILE H 78 21.69 0.50 -5.26
CA ILE H 78 21.51 1.32 -6.45
C ILE H 78 20.06 1.43 -6.91
N SER H 79 19.25 0.46 -6.56
CA SER H 79 17.81 0.53 -6.77
C SER H 79 17.17 1.74 -6.11
N SER H 80 17.77 2.30 -5.06
CA SER H 80 17.27 3.53 -4.43
C SER H 80 17.86 4.83 -4.99
N LEU H 81 18.72 4.75 -6.01
CA LEU H 81 19.33 5.92 -6.63
C LEU H 81 19.10 5.97 -8.13
N TRP H 82 19.17 7.15 -8.67
CA TRP H 82 19.34 7.31 -10.10
C TRP H 82 20.76 6.92 -10.38
N VAL H 83 20.91 6.18 -11.46
CA VAL H 83 22.18 5.68 -11.96
C VAL H 83 22.21 5.98 -13.47
N PRO H 84 23.32 6.44 -13.99
CA PRO H 84 23.39 6.71 -15.42
C PRO H 84 23.19 5.43 -16.21
N ASP H 85 22.44 5.52 -17.29
CA ASP H 85 22.18 4.41 -18.17
C ASP H 85 23.36 4.09 -19.13
N LEU H 86 24.51 3.86 -18.57
CA LEU H 86 25.67 3.58 -19.38
C LEU H 86 25.58 2.21 -20.02
N ALA H 87 26.06 2.12 -21.25
CA ALA H 87 26.22 0.84 -21.92
C ALA H 87 27.52 0.81 -22.70
N ALA H 88 28.04 -0.39 -22.85
CA ALA H 88 29.16 -0.60 -23.72
C ALA H 88 28.68 -0.87 -25.15
N TYR H 89 28.88 0.08 -26.06
CA TYR H 89 28.35 0.01 -27.44
C TYR H 89 28.81 -1.22 -28.25
N ASN H 90 30.01 -1.75 -27.96
CA ASN H 90 30.58 -2.94 -28.62
C ASN H 90 30.55 -4.25 -27.75
N ALA H 91 29.68 -4.25 -26.76
CA ALA H 91 29.42 -5.42 -25.93
C ALA H 91 28.60 -6.49 -26.69
N ILE H 92 28.89 -7.76 -26.47
CA ILE H 92 28.13 -8.85 -27.11
C ILE H 92 27.57 -9.81 -26.08
N SER H 93 27.64 -9.41 -24.82
CA SER H 93 26.90 -10.08 -23.77
C SER H 93 26.45 -9.04 -22.78
N LYS H 94 25.42 -9.32 -22.00
CA LYS H 94 25.02 -8.37 -20.98
C LYS H 94 26.05 -8.36 -19.82
N PRO H 95 26.21 -7.22 -19.19
CA PRO H 95 27.17 -7.09 -18.10
C PRO H 95 26.83 -8.02 -16.97
N GLU H 96 27.73 -8.95 -16.63
CA GLU H 96 27.59 -9.85 -15.47
C GLU H 96 28.20 -9.06 -14.30
N VAL H 97 27.33 -8.55 -13.42
CA VAL H 97 27.78 -7.81 -12.24
C VAL H 97 28.14 -8.78 -11.14
N LEU H 98 29.43 -8.81 -10.77
CA LEU H 98 30.00 -9.78 -9.82
C LEU H 98 29.90 -9.33 -8.38
N THR H 99 29.72 -8.05 -8.16
CA THR H 99 29.78 -7.50 -6.82
C THR H 99 28.41 -7.04 -6.33
N PRO H 100 28.28 -6.82 -5.02
CA PRO H 100 27.06 -6.23 -4.43
C PRO H 100 26.73 -4.88 -5.03
N GLN H 101 25.45 -4.70 -5.28
CA GLN H 101 24.97 -3.59 -6.10
C GLN H 101 24.68 -2.41 -5.18
N LEU H 102 25.76 -1.88 -4.59
CA LEU H 102 25.67 -0.83 -3.60
C LEU H 102 26.55 0.22 -4.11
N ALA H 103 26.12 1.47 -3.97
CA ALA H 103 26.92 2.64 -4.30
C ALA H 103 27.24 3.34 -3.01
N ARG H 104 28.26 4.17 -3.07
CA ARG H 104 28.72 4.94 -1.95
C ARG H 104 28.29 6.37 -2.19
N VAL H 105 27.56 6.95 -1.24
CA VAL H 105 27.03 8.32 -1.36
C VAL H 105 27.66 9.19 -0.29
N VAL H 106 28.22 10.32 -0.71
CA VAL H 106 28.86 11.28 0.18
C VAL H 106 27.83 12.34 0.56
N SER H 107 28.02 12.99 1.70
CA SER H 107 27.06 13.96 2.24
C SER H 107 26.77 15.16 1.34
N ASP H 108 27.71 15.52 0.49
CA ASP H 108 27.51 16.60 -0.49
C ASP H 108 26.77 16.17 -1.77
N GLY H 109 26.44 14.89 -1.89
CA GLY H 109 25.65 14.38 -3.03
C GLY H 109 26.46 13.59 -4.06
N GLU H 110 27.76 13.49 -3.82
CA GLU H 110 28.65 12.78 -4.72
C GLU H 110 28.35 11.33 -4.61
N VAL H 111 28.24 10.66 -5.75
CA VAL H 111 27.99 9.21 -5.76
C VAL H 111 29.14 8.47 -6.42
N LEU H 112 29.54 7.37 -5.81
CA LEU H 112 30.64 6.55 -6.32
C LEU H 112 30.09 5.16 -6.48
N TYR H 113 30.14 4.61 -7.69
CA TYR H 113 29.62 3.23 -7.93
C TYR H 113 30.67 2.55 -8.74
N MET H 114 31.17 1.45 -8.22
CA MET H 114 32.28 0.76 -8.81
C MET H 114 32.02 -0.75 -8.80
N PRO H 115 31.11 -1.22 -9.66
CA PRO H 115 30.85 -2.65 -9.78
C PRO H 115 32.03 -3.35 -10.47
N SER H 116 32.19 -4.61 -10.15
CA SER H 116 33.09 -5.47 -10.93
C SER H 116 32.21 -6.17 -11.95
N ILE H 117 32.61 -6.07 -13.21
CA ILE H 117 31.81 -6.59 -14.31
C ILE H 117 32.64 -7.58 -15.14
N ARG H 118 32.05 -8.74 -15.43
CA ARG H 118 32.53 -9.62 -16.46
C ARG H 118 31.66 -9.41 -17.69
N GLN H 119 32.28 -9.20 -18.83
CA GLN H 119 31.57 -8.92 -20.07
C GLN H 119 32.44 -9.23 -21.28
N ARG H 120 31.79 -9.73 -22.34
CA ARG H 120 32.46 -10.04 -23.60
C ARG H 120 32.27 -8.88 -24.57
N PHE H 121 33.27 -8.66 -25.41
CA PHE H 121 33.27 -7.56 -26.37
C PHE H 121 33.75 -7.99 -27.74
N SER H 122 33.30 -7.28 -28.74
CA SER H 122 33.79 -7.44 -30.10
C SER H 122 34.76 -6.28 -30.34
N CYS H 123 36.04 -6.61 -30.54
CA CYS H 123 37.07 -5.62 -30.75
C CYS H 123 38.31 -6.23 -31.42
N ASP H 124 39.28 -5.37 -31.73
CA ASP H 124 40.49 -5.77 -32.43
C ASP H 124 41.45 -6.61 -31.57
N VAL H 125 41.44 -7.90 -31.83
CA VAL H 125 42.29 -8.86 -31.09
C VAL H 125 43.56 -9.20 -31.91
N SER H 126 43.60 -8.77 -33.17
CA SER H 126 44.77 -8.99 -34.00
C SER H 126 46.05 -8.54 -33.29
N GLY H 127 47.10 -9.34 -33.47
CA GLY H 127 48.40 -9.09 -32.86
C GLY H 127 48.51 -9.35 -31.35
N VAL H 128 47.55 -10.10 -30.81
CA VAL H 128 47.56 -10.46 -29.39
C VAL H 128 48.80 -11.29 -29.03
N ASP H 129 49.32 -12.06 -29.99
CA ASP H 129 50.50 -12.90 -29.75
C ASP H 129 51.83 -12.23 -30.11
N THR H 130 51.79 -10.91 -30.31
CA THR H 130 52.96 -10.13 -30.66
C THR H 130 53.48 -9.37 -29.45
N GLU H 131 54.69 -8.87 -29.60
CA GLU H 131 55.31 -7.90 -28.70
C GLU H 131 54.48 -6.61 -28.58
N SER H 132 53.99 -6.11 -29.72
CA SER H 132 53.17 -4.89 -29.80
C SER H 132 51.83 -5.10 -29.11
N GLY H 133 51.34 -6.33 -29.22
CA GLY H 133 50.10 -6.71 -28.59
C GLY H 133 48.88 -6.30 -29.39
N ALA H 134 47.74 -6.79 -28.95
CA ALA H 134 46.44 -6.37 -29.50
C ALA H 134 46.01 -5.09 -28.83
N THR H 135 45.23 -4.30 -29.54
CA THR H 135 44.63 -3.10 -28.95
C THR H 135 43.13 -3.20 -29.07
N CYS H 136 42.49 -3.52 -27.96
CA CYS H 136 41.04 -3.71 -27.91
C CYS H 136 40.36 -2.46 -27.36
N ARG H 137 39.45 -1.89 -28.14
CA ARG H 137 38.78 -0.65 -27.78
C ARG H 137 37.38 -0.91 -27.34
N ILE H 138 37.07 -0.48 -26.11
CA ILE H 138 35.75 -0.58 -25.52
C ILE H 138 35.15 0.83 -25.39
N LYS H 139 33.96 0.99 -25.96
CA LYS H 139 33.24 2.26 -26.03
C LYS H 139 32.07 2.23 -25.05
N ILE H 140 32.04 3.21 -24.14
CA ILE H 140 31.00 3.34 -23.12
C ILE H 140 30.38 4.72 -23.14
N GLY H 141 29.06 4.75 -23.20
CA GLY H 141 28.32 5.98 -23.05
C GLY H 141 26.87 5.75 -22.67
N SER H 142 26.14 6.84 -22.49
CA SER H 142 24.73 6.79 -22.17
C SER H 142 24.00 6.21 -23.36
N TRP H 143 23.07 5.31 -23.08
CA TRP H 143 22.25 4.69 -24.12
C TRP H 143 21.08 5.57 -24.58
N THR H 144 20.52 6.41 -23.71
CA THR H 144 19.34 7.24 -24.08
C THR H 144 19.43 8.74 -23.85
N HIS H 145 20.45 9.19 -23.15
CA HIS H 145 20.62 10.60 -22.90
C HIS H 145 21.69 11.14 -23.79
N HIS H 146 21.31 12.20 -24.48
CA HIS H 146 22.23 12.97 -25.31
C HIS H 146 23.08 13.91 -24.47
N SER H 147 23.97 14.65 -25.14
CA SER H 147 25.08 15.36 -24.49
C SER H 147 24.61 16.53 -23.62
N ARG H 148 23.43 17.06 -23.90
CA ARG H 148 22.88 18.15 -23.06
C ARG H 148 22.26 17.64 -21.76
N GLU H 149 22.27 16.33 -21.59
CA GLU H 149 21.74 15.69 -20.37
C GLU H 149 22.76 14.85 -19.60
N ILE H 150 23.58 14.09 -20.32
CA ILE H 150 24.71 13.40 -19.72
C ILE H 150 25.95 13.69 -20.51
N SER H 151 26.97 14.16 -19.79
CA SER H 151 28.30 14.21 -20.36
C SER H 151 28.97 12.99 -19.77
N VAL H 152 29.83 12.37 -20.58
CA VAL H 152 30.65 11.29 -20.13
C VAL H 152 32.08 11.73 -20.38
N ASP H 153 32.89 11.73 -19.33
CA ASP H 153 34.31 11.98 -19.46
C ASP H 153 35.05 10.85 -18.76
N PRO H 154 36.30 10.62 -19.14
CA PRO H 154 37.17 9.73 -18.38
C PRO H 154 37.87 10.51 -17.28
N THR H 155 38.21 9.85 -16.19
CA THR H 155 38.87 10.54 -15.07
C THR H 155 40.35 10.80 -15.39
N THR H 156 41.02 11.45 -14.44
CA THR H 156 42.48 11.44 -14.37
C THR H 156 42.83 10.30 -13.42
N GLU H 157 43.54 9.29 -13.94
CA GLU H 157 43.68 7.98 -13.29
C GLU H 157 45.16 7.64 -13.08
N ASN H 158 45.82 8.42 -12.23
CA ASN H 158 47.24 8.20 -11.87
C ASN H 158 47.69 6.71 -11.85
N SER H 159 46.81 5.84 -11.32
CA SER H 159 46.98 4.38 -11.21
C SER H 159 47.92 3.74 -12.22
N ASP H 160 48.64 2.70 -11.77
CA ASP H 160 49.31 1.77 -12.69
C ASP H 160 48.18 1.04 -13.42
N ASP H 161 48.38 0.77 -14.71
CA ASP H 161 47.34 0.12 -15.54
C ASP H 161 46.97 -1.27 -14.98
N SER H 162 48.02 -2.03 -14.67
CA SER H 162 47.92 -3.38 -14.14
C SER H 162 47.73 -3.39 -12.61
N GLU H 163 47.35 -2.26 -12.00
CA GLU H 163 47.48 -2.11 -10.55
C GLU H 163 46.70 -3.20 -9.78
N TYR H 164 45.48 -3.47 -10.22
CA TYR H 164 44.68 -4.55 -9.68
C TYR H 164 44.51 -5.67 -10.69
N PHE H 165 45.32 -5.67 -11.74
CA PHE H 165 45.28 -6.73 -12.72
C PHE H 165 45.87 -8.01 -12.14
N SER H 166 45.26 -9.13 -12.52
CA SER H 166 45.64 -10.43 -11.99
C SER H 166 46.97 -10.87 -12.54
N GLN H 167 47.91 -11.15 -11.64
CA GLN H 167 49.23 -11.65 -12.03
C GLN H 167 49.15 -13.06 -12.61
N TYR H 168 47.99 -13.70 -12.48
CA TYR H 168 47.78 -15.08 -12.88
C TYR H 168 47.07 -15.26 -14.21
N SER H 169 46.65 -14.16 -14.80
CA SER H 169 46.13 -14.17 -16.16
C SER H 169 47.17 -14.69 -17.14
N ARG H 170 46.69 -15.28 -18.23
CA ARG H 170 47.55 -15.68 -19.34
C ARG H 170 48.09 -14.46 -20.07
N PHE H 171 47.42 -13.33 -19.86
CA PHE H 171 47.72 -12.08 -20.54
C PHE H 171 48.31 -11.03 -19.59
N GLU H 172 48.96 -10.02 -20.17
CA GLU H 172 49.47 -8.86 -19.43
C GLU H 172 49.11 -7.57 -20.14
N ILE H 173 49.00 -6.51 -19.36
CA ILE H 173 48.62 -5.21 -19.89
C ILE H 173 49.81 -4.33 -20.15
N LEU H 174 49.96 -3.94 -21.42
CA LEU H 174 51.02 -3.01 -21.84
C LEU H 174 50.65 -1.56 -21.61
N ASP H 175 49.39 -1.22 -21.90
CA ASP H 175 48.90 0.16 -21.78
C ASP H 175 47.37 0.23 -21.76
N VAL H 176 46.85 1.21 -21.02
CA VAL H 176 45.42 1.53 -21.02
C VAL H 176 45.31 3.04 -21.17
N THR H 177 44.66 3.49 -22.23
CA THR H 177 44.41 4.92 -22.43
C THR H 177 42.91 5.14 -22.53
N GLN H 178 42.45 6.29 -22.07
CA GLN H 178 41.02 6.61 -22.05
C GLN H 178 40.79 7.96 -22.61
N LYS H 179 39.93 8.06 -23.59
CA LYS H 179 39.74 9.36 -24.19
C LYS H 179 38.27 9.56 -24.30
N LYS H 180 37.80 10.81 -24.35
CA LYS H 180 36.46 10.92 -24.81
C LYS H 180 36.46 11.02 -26.31
N ASN H 181 35.41 10.45 -26.87
CA ASN H 181 35.19 10.35 -28.29
C ASN H 181 33.68 10.52 -28.39
N SER H 182 33.15 10.23 -29.57
CA SER H 182 31.72 10.28 -29.80
C SER H 182 31.42 9.46 -31.04
N VAL H 183 30.18 8.99 -31.17
CA VAL H 183 29.74 8.20 -32.32
C VAL H 183 28.57 8.91 -32.96
N THR H 184 28.52 8.82 -34.28
CA THR H 184 27.49 9.50 -35.07
C THR H 184 26.80 8.55 -36.07
N TYR H 185 25.60 8.10 -35.68
CA TYR H 185 24.75 7.24 -36.51
C TYR H 185 23.49 7.99 -37.02
N SER H 186 22.87 7.50 -38.09
CA SER H 186 21.83 8.27 -38.80
C SER H 186 20.44 8.20 -38.15
N CYS H 187 20.27 7.27 -37.22
CA CYS H 187 19.03 7.05 -36.48
C CYS H 187 18.66 8.15 -35.45
N CYS H 188 19.55 9.11 -35.27
CA CYS H 188 19.64 9.85 -34.00
C CYS H 188 20.40 11.18 -34.22
N PRO H 189 19.72 12.34 -34.07
CA PRO H 189 20.25 13.61 -34.62
C PRO H 189 21.61 14.06 -34.01
N GLU H 190 21.84 13.74 -32.74
CA GLU H 190 22.97 14.25 -31.98
C GLU H 190 24.13 13.24 -31.93
N ALA H 191 25.38 13.71 -32.14
CA ALA H 191 26.53 12.96 -31.65
C ALA H 191 26.26 12.56 -30.21
N TYR H 192 26.65 11.33 -29.86
CA TYR H 192 26.53 10.83 -28.49
C TYR H 192 27.98 10.72 -27.92
N GLU H 193 28.19 11.28 -26.72
CA GLU H 193 29.48 11.23 -26.05
C GLU H 193 29.71 9.83 -25.47
N ASP H 194 30.94 9.36 -25.59
CA ASP H 194 31.38 8.14 -24.99
C ASP H 194 32.77 8.29 -24.41
N VAL H 195 33.13 7.34 -23.60
CA VAL H 195 34.52 7.19 -23.23
C VAL H 195 35.02 5.99 -23.99
N GLU H 196 36.10 6.19 -24.73
CA GLU H 196 36.77 5.10 -25.45
C GLU H 196 37.97 4.60 -24.65
N VAL H 197 37.93 3.34 -24.25
CA VAL H 197 38.97 2.74 -23.45
C VAL H 197 39.81 1.79 -24.32
N SER H 198 41.08 2.16 -24.55
CA SER H 198 42.00 1.36 -25.36
C SER H 198 42.88 0.41 -24.50
N LEU H 199 42.57 -0.87 -24.58
CA LEU H 199 43.27 -1.90 -23.85
C LEU H 199 44.32 -2.53 -24.75
N ASN H 200 45.56 -2.06 -24.62
CA ASN H 200 46.68 -2.69 -25.28
C ASN H 200 47.25 -3.81 -24.40
N PHE H 201 47.02 -5.04 -24.83
CA PHE H 201 47.41 -6.24 -24.08
C PHE H 201 48.01 -7.32 -24.97
N ARG H 202 48.62 -8.31 -24.34
CA ARG H 202 49.23 -9.44 -25.07
C ARG H 202 49.34 -10.74 -24.24
N LYS H 203 49.43 -11.85 -24.94
CA LYS H 203 49.75 -13.14 -24.32
C LYS H 203 51.19 -13.10 -23.74
N LYS H 204 51.34 -13.61 -22.52
CA LYS H 204 52.63 -13.67 -21.82
C LYS H 204 53.59 -14.64 -22.53
N GLY H 205 54.89 -14.40 -22.42
CA GLY H 205 55.90 -15.15 -23.16
C GLY H 205 56.69 -16.16 -22.35
N LEU I 1 6.49 22.74 -16.30
CA LEU I 1 6.86 21.35 -15.99
C LEU I 1 8.35 21.17 -16.16
N ASP I 2 8.96 20.52 -15.16
CA ASP I 2 10.34 20.00 -15.27
C ASP I 2 10.34 18.46 -15.50
N ARG I 3 11.53 17.90 -15.67
CA ARG I 3 11.70 16.47 -15.96
C ARG I 3 11.02 15.58 -14.88
N ALA I 4 11.19 15.95 -13.62
CA ALA I 4 10.66 15.15 -12.52
C ALA I 4 9.15 15.08 -12.58
N ASP I 5 8.52 16.19 -12.90
CA ASP I 5 7.07 16.28 -12.98
C ASP I 5 6.57 15.43 -14.11
N ILE I 6 7.21 15.53 -15.25
CA ILE I 6 6.79 14.76 -16.42
C ILE I 6 6.85 13.26 -16.10
N LEU I 7 7.94 12.85 -15.48
CA LEU I 7 8.15 11.41 -15.21
C LEU I 7 7.22 10.89 -14.12
N TYR I 8 6.92 11.73 -13.14
CA TYR I 8 5.92 11.45 -12.13
C TYR I 8 4.57 11.23 -12.81
N ASN I 9 4.14 12.17 -13.64
CA ASN I 9 2.84 12.08 -14.31
C ASN I 9 2.72 10.79 -15.13
N ILE I 10 3.77 10.50 -15.88
CA ILE I 10 3.81 9.32 -16.71
C ILE I 10 3.71 8.07 -15.85
N ARG I 11 4.53 7.97 -14.83
CA ARG I 11 4.53 6.82 -13.94
C ARG I 11 3.16 6.64 -13.26
N GLN I 12 2.55 7.73 -12.83
CA GLN I 12 1.28 7.68 -12.13
C GLN I 12 0.07 7.31 -13.00
N THR I 13 0.12 7.65 -14.27
CA THR I 13 -1.06 7.52 -15.13
C THR I 13 -0.82 6.64 -16.32
N SER I 14 0.40 6.22 -16.54
CA SER I 14 0.63 5.41 -17.72
C SER I 14 -0.04 4.05 -17.41
N ARG I 15 -0.38 3.38 -18.47
CA ARG I 15 -1.16 2.20 -18.39
C ARG I 15 -0.40 1.19 -19.22
N PRO I 16 0.65 0.61 -18.64
CA PRO I 16 1.60 -0.19 -19.42
C PRO I 16 0.90 -1.32 -20.15
N ASP I 17 -0.25 -1.74 -19.64
CA ASP I 17 -1.00 -2.90 -20.15
C ASP I 17 -2.09 -2.57 -21.18
N VAL I 18 -2.22 -1.29 -21.51
CA VAL I 18 -3.26 -0.75 -22.41
C VAL I 18 -2.67 -0.24 -23.73
N ILE I 19 -2.91 -0.98 -24.80
CA ILE I 19 -2.54 -0.54 -26.15
C ILE I 19 -3.16 0.85 -26.43
N PRO I 20 -2.35 1.86 -26.76
CA PRO I 20 -2.82 3.23 -26.99
C PRO I 20 -3.45 3.38 -28.37
N THR I 21 -4.51 2.62 -28.54
CA THR I 21 -5.35 2.72 -29.69
C THR I 21 -6.06 4.07 -29.66
N GLN I 22 -6.01 4.82 -30.75
CA GLN I 22 -6.78 6.06 -30.87
C GLN I 22 -7.81 5.81 -31.97
N ARG I 23 -9.07 6.18 -31.72
CA ARG I 23 -10.21 5.70 -32.53
C ARG I 23 -10.34 4.15 -32.40
N ASP I 24 -10.93 3.55 -33.43
CA ASP I 24 -10.96 2.11 -33.65
C ASP I 24 -9.68 1.63 -34.39
N ARG I 25 -8.60 2.41 -34.36
CA ARG I 25 -7.56 2.34 -35.38
C ARG I 25 -6.29 1.69 -34.88
N PRO I 26 -5.53 1.09 -35.78
CA PRO I 26 -4.37 0.36 -35.29
C PRO I 26 -3.29 1.29 -34.82
N VAL I 27 -2.53 0.85 -33.83
CA VAL I 27 -1.33 1.55 -33.44
C VAL I 27 -0.26 1.23 -34.46
N ALA I 28 0.23 2.27 -35.12
CA ALA I 28 1.26 2.15 -36.15
C ALA I 28 2.64 2.01 -35.47
N VAL I 29 3.15 0.81 -35.48
CA VAL I 29 4.46 0.52 -34.93
C VAL I 29 5.43 0.40 -36.09
N SER I 30 6.54 1.14 -36.05
CA SER I 30 7.60 0.92 -37.05
C SER I 30 8.79 0.20 -36.46
N VAL I 31 9.31 -0.78 -37.18
CA VAL I 31 10.38 -1.66 -36.73
C VAL I 31 11.51 -1.60 -37.75
N SER I 32 12.72 -1.56 -37.26
CA SER I 32 13.87 -1.59 -38.14
C SER I 32 15.06 -2.16 -37.37
N LEU I 33 15.68 -3.20 -37.92
CA LEU I 33 16.84 -3.83 -37.29
C LEU I 33 18.13 -3.27 -37.88
N LYS I 34 19.01 -2.78 -37.01
CA LYS I 34 20.36 -2.36 -37.39
C LYS I 34 21.31 -3.40 -36.82
N PHE I 35 21.99 -4.13 -37.71
CA PHE I 35 22.86 -5.24 -37.31
C PHE I 35 24.22 -4.71 -36.87
N ILE I 36 24.63 -5.15 -35.69
CA ILE I 36 25.89 -4.76 -35.06
C ILE I 36 26.92 -5.88 -35.22
N ASN I 37 26.47 -7.12 -35.08
CA ASN I 37 27.38 -8.24 -35.12
C ASN I 37 26.70 -9.54 -35.54
N ILE I 38 27.51 -10.41 -36.11
CA ILE I 38 27.11 -11.78 -36.40
C ILE I 38 28.19 -12.62 -35.72
N LEU I 39 27.80 -13.33 -34.67
CA LEU I 39 28.73 -13.94 -33.73
C LEU I 39 28.99 -15.42 -33.91
N GLU I 40 27.99 -16.11 -34.42
CA GLU I 40 28.13 -17.53 -34.67
C GLU I 40 27.14 -17.97 -35.74
N VAL I 41 27.64 -18.84 -36.60
CA VAL I 41 26.90 -19.29 -37.75
C VAL I 41 27.16 -20.77 -37.90
N ASN I 42 26.12 -21.50 -38.26
CA ASN I 42 26.20 -22.94 -38.50
C ASN I 42 25.42 -23.30 -39.77
N GLU I 43 26.12 -23.64 -40.83
CA GLU I 43 25.48 -23.96 -42.12
C GLU I 43 24.76 -25.31 -42.10
N ILE I 44 25.23 -26.20 -41.23
CA ILE I 44 24.63 -27.53 -41.04
C ILE I 44 23.26 -27.45 -40.31
N THR I 45 23.22 -26.76 -39.18
CA THR I 45 21.97 -26.63 -38.40
C THR I 45 21.10 -25.45 -38.82
N ASN I 46 21.59 -24.63 -39.73
CA ASN I 46 20.87 -23.44 -40.19
C ASN I 46 20.48 -22.55 -39.02
N GLU I 47 21.47 -22.25 -38.19
CA GLU I 47 21.28 -21.43 -37.00
C GLU I 47 22.25 -20.28 -37.02
N VAL I 48 21.81 -19.15 -36.51
CA VAL I 48 22.59 -17.94 -36.56
C VAL I 48 22.44 -17.22 -35.23
N ASP I 49 23.52 -16.58 -34.81
CA ASP I 49 23.61 -15.89 -33.53
C ASP I 49 24.05 -14.46 -33.85
N VAL I 50 23.28 -13.51 -33.40
CA VAL I 50 23.28 -12.19 -34.02
C VAL I 50 23.04 -11.11 -32.95
N VAL I 51 23.67 -9.96 -33.13
CA VAL I 51 23.42 -8.79 -32.29
C VAL I 51 22.91 -7.65 -33.17
N PHE I 52 21.77 -7.09 -32.77
CA PHE I 52 21.16 -6.01 -33.52
C PHE I 52 20.45 -5.04 -32.59
N TRP I 53 20.32 -3.79 -33.06
CA TRP I 53 19.51 -2.78 -32.42
C TRP I 53 18.14 -2.85 -33.04
N GLN I 54 17.12 -3.05 -32.21
CA GLN I 54 15.73 -3.18 -32.67
C GLN I 54 15.04 -1.82 -32.50
N GLN I 55 15.21 -0.97 -33.49
CA GLN I 55 14.64 0.36 -33.45
C GLN I 55 13.14 0.26 -33.64
N THR I 56 12.44 0.50 -32.53
CA THR I 56 10.99 0.41 -32.49
C THR I 56 10.43 1.81 -32.21
N THR I 57 9.40 2.17 -32.94
CA THR I 57 8.83 3.50 -32.86
C THR I 57 7.31 3.39 -32.86
N TRP I 58 6.64 4.19 -32.04
CA TRP I 58 5.18 4.26 -32.05
C TRP I 58 4.66 5.47 -31.31
N SER I 59 3.37 5.68 -31.42
CA SER I 59 2.70 6.80 -30.76
C SER I 59 1.85 6.33 -29.56
N ASP I 60 1.94 7.06 -28.46
CA ASP I 60 1.04 6.96 -27.33
C ASP I 60 0.71 8.39 -26.87
N ARG I 61 -0.46 8.90 -27.26
CA ARG I 61 -0.90 10.26 -26.97
C ARG I 61 -1.08 10.54 -25.44
N THR I 62 -1.32 9.49 -24.64
CA THR I 62 -1.56 9.67 -23.20
C THR I 62 -0.29 10.12 -22.45
N LEU I 63 0.87 9.98 -23.10
CA LEU I 63 2.14 10.35 -22.51
C LEU I 63 2.45 11.81 -22.73
N ALA I 64 1.71 12.44 -23.64
CA ALA I 64 2.01 13.79 -24.10
C ALA I 64 1.93 14.85 -23.00
N TRP I 65 2.74 15.87 -23.15
CA TRP I 65 2.68 16.99 -22.26
C TRP I 65 2.92 18.27 -23.07
N ASN I 66 2.49 19.39 -22.47
CA ASN I 66 2.75 20.72 -23.02
C ASN I 66 4.24 21.09 -22.85
N SER I 67 4.94 21.19 -23.96
CA SER I 67 6.38 21.46 -23.96
C SER I 67 6.73 22.93 -24.10
N SER I 68 5.88 23.81 -23.59
CA SER I 68 6.06 25.25 -23.77
C SER I 68 7.35 25.71 -23.09
N HIS I 69 7.41 25.53 -21.78
CA HIS I 69 8.60 25.87 -20.99
C HIS I 69 9.06 24.60 -20.33
N SER I 70 9.29 23.57 -21.13
CA SER I 70 9.58 22.24 -20.59
C SER I 70 10.47 21.47 -21.55
N PRO I 71 11.10 20.42 -21.07
CA PRO I 71 11.93 19.58 -21.96
C PRO I 71 11.13 18.99 -23.11
N ASP I 72 11.78 18.84 -24.25
CA ASP I 72 11.14 18.23 -25.42
C ASP I 72 11.02 16.70 -25.25
N GLN I 73 11.90 16.11 -24.45
CA GLN I 73 12.02 14.66 -24.37
C GLN I 73 12.46 14.20 -23.01
N VAL I 74 12.02 13.01 -22.62
CA VAL I 74 12.56 12.36 -21.44
C VAL I 74 12.84 10.89 -21.72
N SER I 75 13.70 10.29 -20.90
CA SER I 75 13.93 8.85 -20.90
C SER I 75 13.13 8.23 -19.78
N VAL I 76 12.45 7.14 -20.11
CA VAL I 76 11.49 6.53 -19.23
C VAL I 76 11.70 5.03 -19.21
N PRO I 77 11.68 4.40 -18.03
CA PRO I 77 11.76 2.92 -17.96
C PRO I 77 10.62 2.28 -18.73
N ILE I 78 10.89 1.25 -19.52
CA ILE I 78 9.81 0.65 -20.30
C ILE I 78 8.69 0.02 -19.47
N SER I 79 9.01 -0.34 -18.22
CA SER I 79 8.03 -0.87 -17.27
C SER I 79 6.96 0.17 -16.94
N SER I 80 7.23 1.45 -17.17
CA SER I 80 6.22 2.50 -17.05
C SER I 80 5.48 2.86 -18.34
N LEU I 81 5.71 2.12 -19.43
CA LEU I 81 5.05 2.39 -20.71
C LEU I 81 4.45 1.16 -21.31
N TRP I 82 3.41 1.37 -22.11
CA TRP I 82 2.98 0.33 -23.01
C TRP I 82 4.04 0.15 -24.08
N VAL I 83 4.37 -1.09 -24.34
CA VAL I 83 5.34 -1.47 -25.35
C VAL I 83 4.67 -2.50 -26.28
N PRO I 84 4.89 -2.41 -27.56
CA PRO I 84 4.31 -3.44 -28.43
C PRO I 84 4.90 -4.82 -28.11
N ASP I 85 4.05 -5.85 -28.14
CA ASP I 85 4.45 -7.22 -27.84
C ASP I 85 5.10 -7.90 -29.03
N LEU I 86 6.15 -7.29 -29.57
CA LEU I 86 6.79 -7.82 -30.75
C LEU I 86 7.60 -9.06 -30.40
N ALA I 87 7.56 -10.02 -31.30
CA ALA I 87 8.37 -11.21 -31.21
C ALA I 87 8.90 -11.53 -32.59
N ALA I 88 10.12 -12.01 -32.62
CA ALA I 88 10.72 -12.54 -33.83
C ALA I 88 10.30 -14.02 -33.98
N TYR I 89 9.47 -14.32 -34.98
CA TYR I 89 8.86 -15.66 -35.18
C TYR I 89 9.83 -16.84 -35.30
N ASN I 90 10.92 -16.64 -35.99
CA ASN I 90 11.92 -17.69 -36.22
C ASN I 90 13.07 -17.64 -35.21
N ALA I 91 12.88 -16.95 -34.09
CA ALA I 91 13.83 -17.00 -33.01
C ALA I 91 13.79 -18.37 -32.27
N ILE I 92 14.95 -18.80 -31.79
CA ILE I 92 15.10 -20.07 -31.10
C ILE I 92 15.78 -19.85 -29.75
N SER I 93 15.92 -18.61 -29.36
CA SER I 93 16.30 -18.27 -27.99
C SER I 93 15.51 -17.03 -27.58
N LYS I 94 15.39 -16.78 -26.29
CA LYS I 94 14.75 -15.53 -25.88
C LYS I 94 15.70 -14.33 -26.10
N PRO I 95 15.14 -13.18 -26.40
CA PRO I 95 15.97 -12.01 -26.68
C PRO I 95 16.78 -11.65 -25.44
N GLU I 96 18.10 -11.65 -25.57
CA GLU I 96 19.00 -11.18 -24.51
C GLU I 96 19.15 -9.66 -24.71
N VAL I 97 18.50 -8.89 -23.87
CA VAL I 97 18.60 -7.43 -23.94
C VAL I 97 19.88 -6.99 -23.26
N LEU I 98 20.77 -6.36 -24.04
CA LEU I 98 22.10 -5.99 -23.58
C LEU I 98 22.12 -4.63 -22.92
N THR I 99 21.14 -3.81 -23.25
CA THR I 99 21.18 -2.37 -22.94
C THR I 99 20.18 -2.02 -21.83
N PRO I 100 20.38 -0.86 -21.19
CA PRO I 100 19.35 -0.33 -20.27
C PRO I 100 17.95 -0.20 -20.90
N GLN I 101 16.95 -0.58 -20.11
CA GLN I 101 15.58 -0.76 -20.56
C GLN I 101 14.84 0.54 -20.42
N LEU I 102 15.28 1.53 -21.19
CA LEU I 102 14.75 2.88 -21.12
C LEU I 102 14.35 3.22 -22.53
N ALA I 103 13.22 3.90 -22.66
CA ALA I 103 12.72 4.39 -23.93
C ALA I 103 12.73 5.90 -23.87
N ARG I 104 12.79 6.49 -25.04
CA ARG I 104 12.84 7.91 -25.17
C ARG I 104 11.44 8.35 -25.57
N VAL I 105 10.86 9.26 -24.81
CA VAL I 105 9.50 9.76 -25.03
C VAL I 105 9.57 11.22 -25.38
N VAL I 106 8.92 11.61 -26.47
CA VAL I 106 8.87 12.99 -26.94
C VAL I 106 7.57 13.60 -26.45
N SER I 107 7.55 14.92 -26.24
CA SER I 107 6.42 15.65 -25.68
C SER I 107 5.10 15.48 -26.43
N ASP I 108 5.16 15.17 -27.72
CA ASP I 108 3.93 14.91 -28.51
C ASP I 108 3.43 13.45 -28.39
N GLY I 109 4.13 12.62 -27.63
CA GLY I 109 3.71 11.25 -27.37
C GLY I 109 4.44 10.16 -28.15
N GLU I 110 5.35 10.58 -29.01
CA GLU I 110 6.14 9.66 -29.83
C GLU I 110 7.11 8.92 -28.91
N VAL I 111 7.27 7.62 -29.11
CA VAL I 111 8.16 6.79 -28.32
C VAL I 111 9.21 6.17 -29.26
N LEU I 112 10.46 6.21 -28.86
CA LEU I 112 11.54 5.48 -29.51
C LEU I 112 12.15 4.54 -28.47
N TYR I 113 12.00 3.24 -28.69
CA TYR I 113 12.72 2.23 -27.94
C TYR I 113 13.65 1.49 -28.91
N MET I 114 14.92 1.41 -28.55
CA MET I 114 15.95 0.78 -29.38
C MET I 114 16.91 0.03 -28.47
N PRO I 115 16.50 -1.14 -28.08
CA PRO I 115 17.39 -2.03 -27.32
C PRO I 115 18.37 -2.71 -28.22
N SER I 116 19.53 -3.04 -27.67
CA SER I 116 20.46 -3.92 -28.35
C SER I 116 20.10 -5.30 -27.87
N ILE I 117 19.93 -6.20 -28.83
CA ILE I 117 19.51 -7.55 -28.56
C ILE I 117 20.49 -8.56 -29.18
N ARG I 118 20.90 -9.54 -28.39
CA ARG I 118 21.55 -10.73 -28.89
C ARG I 118 20.53 -11.85 -28.89
N GLN I 119 20.41 -12.52 -30.01
CA GLN I 119 19.38 -13.54 -30.18
C GLN I 119 19.76 -14.49 -31.30
N ARG I 120 19.43 -15.77 -31.12
CA ARG I 120 19.68 -16.81 -32.11
C ARG I 120 18.44 -17.09 -32.95
N PHE I 121 18.64 -17.40 -34.22
CA PHE I 121 17.54 -17.62 -35.15
C PHE I 121 17.77 -18.87 -35.96
N SER I 122 16.66 -19.41 -36.46
CA SER I 122 16.65 -20.48 -37.44
C SER I 122 16.33 -19.83 -38.77
N CYS I 123 17.28 -19.87 -39.68
CA CYS I 123 17.10 -19.30 -41.01
C CYS I 123 18.11 -19.85 -42.05
N ASP I 124 17.96 -19.43 -43.30
CA ASP I 124 18.78 -19.96 -44.38
C ASP I 124 20.22 -19.46 -44.30
N VAL I 125 21.12 -20.37 -43.91
CA VAL I 125 22.54 -20.05 -43.78
C VAL I 125 23.30 -20.60 -44.98
N SER I 126 22.64 -21.40 -45.81
CA SER I 126 23.27 -21.93 -47.00
C SER I 126 23.92 -20.80 -47.80
N GLY I 127 25.09 -21.11 -48.36
CA GLY I 127 25.87 -20.20 -49.19
C GLY I 127 26.57 -19.09 -48.42
N VAL I 128 26.75 -19.27 -47.12
CA VAL I 128 27.44 -18.29 -46.29
C VAL I 128 28.89 -18.13 -46.68
N ASP I 129 29.48 -19.19 -47.19
CA ASP I 129 30.88 -19.15 -47.62
C ASP I 129 31.06 -18.80 -49.08
N THR I 130 30.00 -18.29 -49.70
CA THR I 130 30.03 -17.89 -51.11
C THR I 130 30.15 -16.37 -51.26
N GLU I 131 30.49 -15.98 -52.48
CA GLU I 131 30.42 -14.59 -52.94
C GLU I 131 28.98 -14.02 -52.79
N SER I 132 27.99 -14.81 -53.19
CA SER I 132 26.58 -14.41 -53.15
C SER I 132 26.11 -14.26 -51.71
N GLY I 133 26.69 -15.08 -50.85
CA GLY I 133 26.41 -15.04 -49.43
C GLY I 133 25.13 -15.79 -49.07
N ALA I 134 24.94 -15.96 -47.78
CA ALA I 134 23.69 -16.49 -47.26
C ALA I 134 22.69 -15.36 -47.15
N THR I 135 21.42 -15.71 -47.26
CA THR I 135 20.34 -14.75 -47.00
C THR I 135 19.46 -15.27 -45.86
N CYS I 136 19.64 -14.67 -44.68
CA CYS I 136 18.94 -15.07 -43.47
C CYS I 136 17.77 -14.13 -43.23
N ARG I 137 16.57 -14.68 -43.19
CA ARG I 137 15.35 -13.88 -43.04
C ARG I 137 14.79 -13.97 -41.63
N ILE I 138 14.63 -12.80 -41.00
CA ILE I 138 14.09 -12.67 -39.65
C ILE I 138 12.70 -11.99 -39.70
N LYS I 139 11.70 -12.65 -39.14
CA LYS I 139 10.33 -12.17 -39.15
C LYS I 139 9.95 -11.60 -37.79
N ILE I 140 9.46 -10.37 -37.77
CA ILE I 140 9.08 -9.75 -36.53
C ILE I 140 7.68 -9.18 -36.62
N GLY I 141 6.85 -9.55 -35.66
CA GLY I 141 5.52 -8.99 -35.55
C GLY I 141 4.93 -9.10 -34.16
N SER I 142 3.73 -8.54 -33.99
CA SER I 142 3.02 -8.61 -32.73
C SER I 142 2.59 -10.01 -32.47
N TRP I 143 2.78 -10.46 -31.26
CA TRP I 143 2.42 -11.83 -30.96
C TRP I 143 0.93 -11.99 -30.69
N THR I 144 0.26 -10.98 -30.13
CA THR I 144 -1.18 -11.16 -29.76
C THR I 144 -2.14 -10.13 -30.32
N HIS I 145 -1.60 -9.07 -30.94
CA HIS I 145 -2.44 -8.03 -31.55
C HIS I 145 -2.43 -8.21 -33.07
N HIS I 146 -3.61 -8.47 -33.62
CA HIS I 146 -3.84 -8.56 -35.05
C HIS I 146 -3.79 -7.17 -35.71
N SER I 147 -4.06 -7.12 -37.00
CA SER I 147 -3.77 -5.96 -37.84
C SER I 147 -4.71 -4.78 -37.64
N ARG I 148 -5.88 -5.01 -37.07
CA ARG I 148 -6.75 -3.89 -36.69
C ARG I 148 -6.30 -3.19 -35.39
N GLU I 149 -5.29 -3.75 -34.74
CA GLU I 149 -4.80 -3.23 -33.46
C GLU I 149 -3.34 -2.81 -33.49
N ILE I 150 -2.51 -3.58 -34.20
CA ILE I 150 -1.13 -3.18 -34.46
C ILE I 150 -0.79 -3.42 -35.94
N SER I 151 -0.23 -2.41 -36.58
CA SER I 151 0.34 -2.52 -37.89
C SER I 151 1.84 -2.36 -37.72
N VAL I 152 2.64 -3.05 -38.52
CA VAL I 152 4.08 -2.91 -38.40
C VAL I 152 4.64 -2.51 -39.74
N ASP I 153 5.65 -1.64 -39.75
CA ASP I 153 6.24 -1.14 -40.97
C ASP I 153 7.71 -0.89 -40.77
N PRO I 154 8.50 -1.17 -41.80
CA PRO I 154 9.92 -0.86 -41.73
C PRO I 154 10.12 0.65 -41.65
N THR I 155 11.23 1.08 -41.04
CA THR I 155 11.75 2.45 -41.21
C THR I 155 12.06 2.73 -42.73
N THR I 156 12.15 4.01 -43.10
CA THR I 156 12.54 4.41 -44.47
C THR I 156 13.82 3.67 -44.95
N GLU I 157 13.82 3.23 -46.21
CA GLU I 157 14.97 2.56 -46.83
C GLU I 157 15.86 3.60 -47.58
N ASN I 158 16.54 4.49 -46.81
CA ASN I 158 17.55 5.44 -47.38
C ASN I 158 18.86 5.59 -46.54
N SER I 159 18.94 4.90 -45.39
CA SER I 159 20.19 4.82 -44.61
C SER I 159 21.15 3.72 -45.14
N ASP I 160 22.40 3.75 -44.66
CA ASP I 160 23.33 2.64 -44.85
C ASP I 160 23.17 1.63 -43.70
N ASP I 161 23.55 0.39 -43.98
CA ASP I 161 23.29 -0.77 -43.09
C ASP I 161 24.56 -1.22 -42.31
N SER I 162 25.73 -0.83 -42.86
CA SER I 162 27.04 -1.24 -42.38
C SER I 162 27.84 -0.09 -41.73
N GLU I 163 27.18 1.03 -41.44
CA GLU I 163 27.76 2.04 -40.56
C GLU I 163 27.63 1.61 -39.09
N TYR I 164 26.80 0.59 -38.84
CA TYR I 164 26.50 0.09 -37.50
C TYR I 164 27.24 -1.20 -37.15
N PHE I 165 27.71 -1.86 -38.18
CA PHE I 165 28.23 -3.20 -38.07
C PHE I 165 29.70 -3.23 -37.68
N SER I 166 30.07 -4.26 -36.91
CA SER I 166 31.42 -4.40 -36.35
C SER I 166 32.38 -4.76 -37.45
N GLN I 167 33.43 -3.96 -37.60
CA GLN I 167 34.48 -4.24 -38.58
C GLN I 167 35.29 -5.48 -38.21
N TYR I 168 35.12 -5.95 -36.97
CA TYR I 168 35.91 -7.05 -36.43
C TYR I 168 35.21 -8.43 -36.53
N SER I 169 33.93 -8.43 -36.93
CA SER I 169 33.23 -9.67 -37.20
C SER I 169 33.95 -10.50 -38.24
N ARG I 170 33.79 -11.82 -38.14
CA ARG I 170 34.29 -12.74 -39.14
C ARG I 170 33.53 -12.55 -40.44
N PHE I 171 32.33 -11.97 -40.32
CA PHE I 171 31.39 -11.82 -41.43
C PHE I 171 31.28 -10.37 -41.87
N GLU I 172 30.71 -10.18 -43.07
CA GLU I 172 30.39 -8.85 -43.58
C GLU I 172 28.97 -8.83 -44.19
N ILE I 173 28.37 -7.66 -44.19
CA ILE I 173 27.02 -7.49 -44.70
C ILE I 173 27.03 -6.98 -46.15
N LEU I 174 26.45 -7.77 -47.03
CA LEU I 174 26.25 -7.39 -48.43
C LEU I 174 25.01 -6.52 -48.64
N ASP I 175 23.93 -6.89 -47.97
CA ASP I 175 22.65 -6.19 -48.12
C ASP I 175 21.64 -6.48 -47.02
N VAL I 176 20.84 -5.48 -46.68
CA VAL I 176 19.76 -5.62 -45.70
C VAL I 176 18.51 -5.00 -46.29
N THR I 177 17.50 -5.81 -46.57
CA THR I 177 16.22 -5.30 -47.08
C THR I 177 15.08 -5.66 -46.15
N GLN I 178 14.10 -4.77 -46.05
CA GLN I 178 13.01 -4.91 -45.10
C GLN I 178 11.69 -4.87 -45.87
N LYS I 179 10.82 -5.84 -45.63
CA LYS I 179 9.57 -5.96 -46.40
C LYS I 179 8.44 -6.30 -45.45
N LYS I 180 7.24 -5.80 -45.73
CA LYS I 180 6.12 -5.99 -44.82
C LYS I 180 5.17 -7.08 -45.35
N ASN I 181 4.58 -7.88 -44.45
CA ASN I 181 3.57 -8.91 -44.81
C ASN I 181 2.28 -8.83 -43.94
N SER I 182 1.13 -9.12 -44.57
CA SER I 182 -0.15 -9.32 -43.88
C SER I 182 -0.57 -10.80 -44.04
N VAL I 183 -0.65 -11.55 -42.94
CA VAL I 183 -0.75 -13.03 -43.00
C VAL I 183 -1.83 -13.60 -42.09
N THR I 184 -2.66 -14.48 -42.60
CA THR I 184 -3.74 -15.10 -41.86
C THR I 184 -3.40 -16.60 -41.74
N TYR I 185 -3.10 -17.03 -40.51
CA TYR I 185 -2.80 -18.41 -40.15
C TYR I 185 -4.12 -19.12 -39.84
N SER I 186 -4.11 -20.47 -39.88
CA SER I 186 -5.34 -21.25 -39.68
C SER I 186 -5.74 -21.36 -38.21
N CYS I 187 -4.83 -21.02 -37.30
CA CYS I 187 -5.11 -21.00 -35.89
C CYS I 187 -6.04 -19.85 -35.50
N CYS I 188 -6.02 -18.79 -36.30
CA CYS I 188 -6.52 -17.50 -35.87
C CYS I 188 -7.28 -16.76 -36.98
N PRO I 189 -8.47 -16.25 -36.67
CA PRO I 189 -9.41 -15.76 -37.69
C PRO I 189 -8.96 -14.49 -38.39
N GLU I 190 -7.96 -13.80 -37.82
CA GLU I 190 -7.54 -12.48 -38.26
C GLU I 190 -6.07 -12.42 -38.71
N ALA I 191 -5.78 -11.43 -39.55
CA ALA I 191 -4.45 -11.20 -40.09
C ALA I 191 -3.50 -10.53 -39.13
N TYR I 192 -2.24 -10.94 -39.21
CA TYR I 192 -1.17 -10.42 -38.38
C TYR I 192 -0.05 -9.86 -39.22
N GLU I 193 0.40 -8.66 -38.93
CA GLU I 193 1.40 -8.07 -39.77
C GLU I 193 2.78 -8.50 -39.33
N ASP I 194 3.71 -8.42 -40.27
CA ASP I 194 5.09 -8.60 -39.90
C ASP I 194 6.00 -7.73 -40.73
N VAL I 195 7.21 -7.54 -40.19
CA VAL I 195 8.29 -7.04 -40.98
C VAL I 195 9.27 -8.17 -41.15
N GLU I 196 9.58 -8.44 -42.41
CA GLU I 196 10.58 -9.43 -42.79
C GLU I 196 11.89 -8.73 -43.17
N VAL I 197 12.92 -9.06 -42.39
CA VAL I 197 14.25 -8.49 -42.53
C VAL I 197 15.14 -9.53 -43.20
N SER I 198 15.62 -9.19 -44.39
CA SER I 198 16.52 -10.08 -45.14
C SER I 198 17.97 -9.70 -45.00
N LEU I 199 18.71 -10.50 -44.23
CA LEU I 199 20.12 -10.25 -43.96
C LEU I 199 20.96 -11.08 -44.92
N ASN I 200 21.43 -10.44 -45.99
CA ASN I 200 22.38 -11.06 -46.93
C ASN I 200 23.81 -10.81 -46.47
N PHE I 201 24.48 -11.85 -46.00
CA PHE I 201 25.81 -11.73 -45.41
C PHE I 201 26.70 -12.87 -45.82
N ARG I 202 27.98 -12.76 -45.51
CA ARG I 202 28.94 -13.82 -45.85
C ARG I 202 30.19 -13.79 -44.98
N LYS I 203 30.90 -14.90 -44.95
CA LYS I 203 32.23 -14.98 -44.35
C LYS I 203 33.23 -14.15 -45.18
N LYS I 204 34.09 -13.40 -44.49
CA LYS I 204 35.11 -12.57 -45.12
C LYS I 204 36.10 -13.48 -45.84
N GLY I 205 36.52 -13.16 -47.06
CA GLY I 205 37.38 -14.06 -47.81
C GLY I 205 37.69 -13.68 -49.26
N LEU J 1 -17.76 -0.19 -22.71
CA LEU J 1 -16.48 0.03 -21.99
C LEU J 1 -15.40 0.21 -23.01
N ASP J 2 -14.28 0.80 -22.63
CA ASP J 2 -13.11 0.80 -23.50
C ASP J 2 -12.06 -0.22 -23.01
N ARG J 3 -11.02 -0.36 -23.81
CA ARG J 3 -9.94 -1.28 -23.51
C ARG J 3 -9.35 -1.02 -22.10
N ALA J 4 -9.11 0.23 -21.77
CA ALA J 4 -8.46 0.56 -20.52
C ALA J 4 -9.33 0.13 -19.33
N ASP J 5 -10.62 0.35 -19.43
CA ASP J 5 -11.54 -0.04 -18.36
C ASP J 5 -11.58 -1.55 -18.18
N ILE J 6 -11.59 -2.26 -19.29
CA ILE J 6 -11.64 -3.72 -19.24
C ILE J 6 -10.41 -4.26 -18.56
N LEU J 7 -9.26 -3.72 -18.90
CA LEU J 7 -7.99 -4.21 -18.34
C LEU J 7 -7.84 -3.85 -16.87
N TYR J 8 -8.33 -2.67 -16.50
CA TYR J 8 -8.34 -2.23 -15.12
C TYR J 8 -9.19 -3.18 -14.29
N ASN J 9 -10.40 -3.46 -14.76
CA ASN J 9 -11.30 -4.36 -14.04
C ASN J 9 -10.68 -5.73 -13.82
N ILE J 10 -10.06 -6.26 -14.88
CA ILE J 10 -9.43 -7.57 -14.85
C ILE J 10 -8.29 -7.58 -13.85
N ARG J 11 -7.46 -6.56 -13.94
CA ARG J 11 -6.30 -6.45 -13.06
C ARG J 11 -6.72 -6.35 -11.61
N GLN J 12 -7.77 -5.58 -11.36
CA GLN J 12 -8.22 -5.30 -9.99
C GLN J 12 -8.94 -6.48 -9.34
N THR J 13 -9.56 -7.33 -10.15
CA THR J 13 -10.44 -8.38 -9.62
C THR J 13 -10.03 -9.78 -10.01
N SER J 14 -9.08 -9.90 -10.92
CA SER J 14 -8.72 -11.23 -11.32
C SER J 14 -7.99 -11.89 -10.11
N ARG J 15 -8.20 -13.20 -9.99
CA ARG J 15 -7.67 -13.96 -8.91
C ARG J 15 -6.76 -14.97 -9.60
N PRO J 16 -5.51 -14.61 -9.83
CA PRO J 16 -4.59 -15.47 -10.62
C PRO J 16 -4.31 -16.83 -9.97
N ASP J 17 -4.44 -16.83 -8.67
CA ASP J 17 -4.28 -17.98 -7.81
C ASP J 17 -5.49 -18.94 -7.72
N VAL J 18 -6.63 -18.55 -8.29
CA VAL J 18 -7.92 -19.23 -8.15
C VAL J 18 -8.38 -19.92 -9.43
N ILE J 19 -8.38 -21.24 -9.43
CA ILE J 19 -8.92 -22.00 -10.55
C ILE J 19 -10.42 -21.59 -10.79
N PRO J 20 -10.78 -21.19 -12.00
CA PRO J 20 -12.14 -20.73 -12.29
C PRO J 20 -13.09 -21.89 -12.50
N THR J 21 -13.19 -22.68 -11.46
CA THR J 21 -14.11 -23.78 -11.41
C THR J 21 -15.55 -23.26 -11.38
N GLN J 22 -16.40 -23.96 -12.12
CA GLN J 22 -17.82 -23.65 -12.22
C GLN J 22 -18.59 -24.91 -11.79
N ARG J 23 -19.07 -24.91 -10.55
CA ARG J 23 -19.82 -26.05 -9.95
C ARG J 23 -18.87 -27.07 -9.28
N ASP J 24 -19.31 -28.32 -9.14
CA ASP J 24 -18.39 -29.42 -8.83
C ASP J 24 -17.60 -29.84 -10.09
N ARG J 25 -17.66 -29.02 -11.16
CA ARG J 25 -17.19 -29.42 -12.50
C ARG J 25 -15.78 -28.89 -12.84
N PRO J 26 -15.03 -29.66 -13.62
CA PRO J 26 -13.64 -29.34 -13.97
C PRO J 26 -13.53 -28.23 -14.99
N VAL J 27 -12.43 -27.49 -14.90
CA VAL J 27 -12.13 -26.50 -15.93
C VAL J 27 -11.62 -27.27 -17.15
N ALA J 28 -12.32 -27.12 -18.26
CA ALA J 28 -11.95 -27.77 -19.50
C ALA J 28 -10.81 -27.02 -20.19
N VAL J 29 -9.60 -27.56 -20.11
CA VAL J 29 -8.43 -26.95 -20.71
C VAL J 29 -8.08 -27.72 -21.98
N SER J 30 -8.03 -27.04 -23.12
CA SER J 30 -7.61 -27.70 -24.35
C SER J 30 -6.17 -27.32 -24.69
N VAL J 31 -5.39 -28.32 -25.08
CA VAL J 31 -3.97 -28.20 -25.34
C VAL J 31 -3.65 -28.76 -26.70
N SER J 32 -2.87 -28.03 -27.48
CA SER J 32 -2.49 -28.47 -28.82
C SER J 32 -1.13 -27.88 -29.16
N LEU J 33 -0.17 -28.76 -29.51
CA LEU J 33 1.20 -28.35 -29.85
C LEU J 33 1.34 -28.22 -31.34
N LYS J 34 1.81 -27.07 -31.79
CA LYS J 34 2.16 -26.84 -33.21
C LYS J 34 3.66 -26.72 -33.24
N PHE J 35 4.29 -27.66 -33.92
CA PHE J 35 5.75 -27.70 -33.95
C PHE J 35 6.30 -26.70 -34.95
N ILE J 36 7.24 -25.91 -34.48
CA ILE J 36 7.93 -24.89 -35.28
C ILE J 36 9.30 -25.33 -35.73
N ASN J 37 10.00 -26.01 -34.82
CA ASN J 37 11.38 -26.44 -35.12
C ASN J 37 11.79 -27.67 -34.32
N ILE J 38 12.74 -28.40 -34.89
CA ILE J 38 13.44 -29.46 -34.17
C ILE J 38 14.93 -29.15 -34.34
N LEU J 39 15.58 -28.80 -33.24
CA LEU J 39 16.86 -28.12 -33.29
C LEU J 39 18.04 -29.01 -33.03
N GLU J 40 17.83 -30.02 -32.22
CA GLU J 40 18.90 -30.93 -31.86
C GLU J 40 18.31 -32.25 -31.42
N VAL J 41 18.95 -33.31 -31.88
CA VAL J 41 18.49 -34.66 -31.67
C VAL J 41 19.71 -35.51 -31.33
N ASN J 42 19.50 -36.46 -30.43
CA ASN J 42 20.53 -37.40 -30.03
C ASN J 42 19.91 -38.80 -29.86
N GLU J 43 20.23 -39.68 -30.79
CA GLU J 43 19.67 -41.05 -30.80
C GLU J 43 20.29 -41.93 -29.69
N ILE J 44 21.50 -41.59 -29.28
CA ILE J 44 22.20 -42.28 -28.20
C ILE J 44 21.58 -41.95 -26.83
N THR J 45 21.41 -40.68 -26.52
CA THR J 45 20.85 -40.26 -25.22
C THR J 45 19.32 -40.19 -25.19
N ASN J 46 18.68 -40.40 -26.34
CA ASN J 46 17.22 -40.27 -26.48
C ASN J 46 16.73 -38.92 -25.93
N GLU J 47 17.36 -37.87 -26.44
CA GLU J 47 17.05 -36.51 -26.08
C GLU J 47 16.76 -35.67 -27.32
N VAL J 48 15.81 -34.76 -27.17
CA VAL J 48 15.33 -33.98 -28.27
C VAL J 48 15.19 -32.53 -27.78
N ASP J 49 15.47 -31.60 -28.68
CA ASP J 49 15.39 -30.18 -28.40
C ASP J 49 14.48 -29.60 -29.45
N VAL J 50 13.48 -28.86 -29.01
CA VAL J 50 12.30 -28.65 -29.82
C VAL J 50 11.68 -27.29 -29.56
N VAL J 51 11.12 -26.67 -30.60
CA VAL J 51 10.39 -25.41 -30.46
C VAL J 51 8.97 -25.68 -30.90
N PHE J 52 8.01 -25.31 -30.06
CA PHE J 52 6.60 -25.46 -30.37
C PHE J 52 5.74 -24.36 -29.72
N TRP J 53 4.63 -24.05 -30.39
CA TRP J 53 3.59 -23.19 -29.86
C TRP J 53 2.69 -24.11 -29.04
N GLN J 54 2.46 -23.77 -27.79
CA GLN J 54 1.61 -24.56 -26.93
C GLN J 54 0.28 -23.86 -26.81
N GLN J 55 -0.59 -24.13 -27.77
CA GLN J 55 -1.91 -23.52 -27.85
C GLN J 55 -2.81 -24.04 -26.72
N THR J 56 -3.06 -23.15 -25.76
CA THR J 56 -3.82 -23.49 -24.55
C THR J 56 -5.07 -22.64 -24.52
N THR J 57 -6.18 -23.26 -24.25
CA THR J 57 -7.47 -22.60 -24.28
C THR J 57 -8.30 -23.04 -23.10
N TRP J 58 -9.02 -22.11 -22.50
CA TRP J 58 -9.92 -22.42 -21.39
C TRP J 58 -10.89 -21.27 -21.11
N SER J 59 -11.80 -21.51 -20.19
CA SER J 59 -12.83 -20.54 -19.83
C SER J 59 -12.66 -20.05 -18.40
N ASP J 60 -12.75 -18.73 -18.23
CA ASP J 60 -12.80 -18.07 -16.91
C ASP J 60 -13.90 -17.00 -16.96
N ARG J 61 -15.08 -17.37 -16.49
CA ARG J 61 -16.24 -16.47 -16.56
C ARG J 61 -16.04 -15.15 -15.78
N THR J 62 -15.11 -15.11 -14.83
CA THR J 62 -14.93 -13.91 -13.97
C THR J 62 -14.26 -12.79 -14.73
N LEU J 63 -13.67 -13.10 -15.88
CA LEU J 63 -13.04 -12.10 -16.75
C LEU J 63 -14.02 -11.47 -17.73
N ALA J 64 -15.22 -12.03 -17.83
CA ALA J 64 -16.21 -11.58 -18.82
C ALA J 64 -16.67 -10.16 -18.63
N TRP J 65 -17.02 -9.54 -19.74
CA TRP J 65 -17.63 -8.21 -19.74
C TRP J 65 -18.71 -8.12 -20.82
N ASN J 66 -19.58 -7.14 -20.64
CA ASN J 66 -20.60 -6.84 -21.63
C ASN J 66 -19.97 -6.14 -22.85
N SER J 67 -20.01 -6.83 -23.99
CA SER J 67 -19.35 -6.34 -25.22
C SER J 67 -20.28 -5.56 -26.13
N SER J 68 -21.28 -4.90 -25.58
CA SER J 68 -22.29 -4.25 -26.40
C SER J 68 -21.65 -3.15 -27.25
N HIS J 69 -21.03 -2.18 -26.59
CA HIS J 69 -20.35 -1.10 -27.29
C HIS J 69 -18.92 -1.10 -26.81
N SER J 70 -18.29 -2.25 -27.00
CA SER J 70 -16.99 -2.51 -26.39
C SER J 70 -16.21 -3.48 -27.24
N PRO J 71 -14.87 -3.49 -27.10
CA PRO J 71 -14.04 -4.43 -27.83
C PRO J 71 -14.38 -5.87 -27.48
N ASP J 72 -14.31 -6.74 -28.49
CA ASP J 72 -14.62 -8.16 -28.33
C ASP J 72 -13.50 -8.87 -27.57
N GLN J 73 -12.29 -8.32 -27.61
CA GLN J 73 -11.10 -9.01 -27.06
C GLN J 73 -10.05 -8.04 -26.57
N VAL J 74 -9.29 -8.46 -25.59
CA VAL J 74 -8.10 -7.71 -25.17
C VAL J 74 -6.94 -8.66 -24.93
N SER J 75 -5.74 -8.11 -24.96
CA SER J 75 -4.55 -8.83 -24.58
C SER J 75 -4.27 -8.47 -23.14
N VAL J 76 -3.93 -9.48 -22.33
CA VAL J 76 -3.72 -9.36 -20.93
C VAL J 76 -2.45 -10.10 -20.47
N PRO J 77 -1.64 -9.49 -19.62
CA PRO J 77 -0.46 -10.19 -19.08
C PRO J 77 -0.89 -11.44 -18.30
N ILE J 78 -0.23 -12.57 -18.48
CA ILE J 78 -0.65 -13.77 -17.78
C ILE J 78 -0.51 -13.69 -16.25
N SER J 79 0.32 -12.78 -15.78
CA SER J 79 0.43 -12.54 -14.33
C SER J 79 -0.86 -11.98 -13.74
N SER J 80 -1.73 -11.42 -14.58
CA SER J 80 -3.07 -10.96 -14.14
C SER J 80 -4.20 -11.99 -14.33
N LEU J 81 -3.88 -13.19 -14.78
CA LEU J 81 -4.87 -14.24 -14.98
C LEU J 81 -4.51 -15.54 -14.28
N TRP J 82 -5.51 -16.32 -13.96
CA TRP J 82 -5.26 -17.70 -13.64
C TRP J 82 -4.90 -18.41 -14.95
N VAL J 83 -3.86 -19.23 -14.84
CA VAL J 83 -3.32 -20.02 -15.93
C VAL J 83 -3.24 -21.45 -15.44
N PRO J 84 -3.60 -22.41 -16.28
CA PRO J 84 -3.45 -23.81 -15.86
C PRO J 84 -1.99 -24.15 -15.62
N ASP J 85 -1.73 -24.91 -14.56
CA ASP J 85 -0.39 -25.31 -14.18
C ASP J 85 0.06 -26.54 -15.01
N LEU J 86 0.06 -26.38 -16.31
CA LEU J 86 0.48 -27.44 -17.21
C LEU J 86 1.99 -27.68 -17.12
N ALA J 87 2.39 -28.94 -17.20
CA ALA J 87 3.80 -29.28 -17.27
C ALA J 87 3.98 -30.46 -18.19
N ALA J 88 5.13 -30.48 -18.85
CA ALA J 88 5.52 -31.59 -19.69
C ALA J 88 6.28 -32.65 -18.84
N TYR J 89 5.65 -33.79 -18.56
CA TYR J 89 6.15 -34.83 -17.64
C TYR J 89 7.51 -35.42 -18.03
N ASN J 90 7.76 -35.51 -19.33
CA ASN J 90 9.05 -36.00 -19.83
C ASN J 90 10.02 -34.91 -20.27
N ALA J 91 9.78 -33.68 -19.84
CA ALA J 91 10.71 -32.57 -20.07
C ALA J 91 11.94 -32.71 -19.18
N ILE J 92 13.09 -32.33 -19.72
CA ILE J 92 14.37 -32.43 -19.00
C ILE J 92 15.04 -31.05 -18.94
N SER J 93 14.31 -30.03 -19.35
CA SER J 93 14.71 -28.64 -19.10
C SER J 93 13.47 -27.80 -18.84
N LYS J 94 13.64 -26.65 -18.19
CA LYS J 94 12.45 -25.83 -17.93
C LYS J 94 12.08 -25.15 -19.22
N PRO J 95 10.78 -24.92 -19.42
CA PRO J 95 10.31 -24.30 -20.66
C PRO J 95 10.91 -22.93 -20.82
N GLU J 96 11.66 -22.71 -21.90
CA GLU J 96 12.17 -21.40 -22.30
C GLU J 96 11.04 -20.75 -23.12
N VAL J 97 10.36 -19.77 -22.54
CA VAL J 97 9.28 -19.07 -23.23
C VAL J 97 9.89 -17.95 -24.07
N LEU J 98 9.73 -18.05 -25.38
CA LEU J 98 10.36 -17.16 -26.36
C LEU J 98 9.53 -15.91 -26.66
N THR J 99 8.24 -15.96 -26.36
CA THR J 99 7.32 -14.92 -26.78
C THR J 99 6.80 -14.13 -25.60
N PRO J 100 6.25 -12.95 -25.87
CA PRO J 100 5.64 -12.12 -24.83
C PRO J 100 4.55 -12.88 -24.07
N GLN J 101 4.51 -12.67 -22.77
CA GLN J 101 3.67 -13.46 -21.87
C GLN J 101 2.29 -12.87 -21.74
N LEU J 102 1.58 -12.84 -22.85
CA LEU J 102 0.32 -12.14 -22.94
C LEU J 102 -0.66 -13.15 -23.44
N ALA J 103 -1.86 -13.13 -22.88
CA ALA J 103 -2.92 -14.01 -23.31
C ALA J 103 -3.99 -13.15 -23.91
N ARG J 104 -4.79 -13.75 -24.74
CA ARG J 104 -5.88 -13.08 -25.38
C ARG J 104 -7.15 -13.48 -24.61
N VAL J 105 -7.90 -12.51 -24.15
CA VAL J 105 -9.15 -12.76 -23.43
C VAL J 105 -10.33 -12.19 -24.23
N VAL J 106 -11.32 -13.04 -24.48
CA VAL J 106 -12.53 -12.69 -25.22
C VAL J 106 -13.58 -12.26 -24.20
N SER J 107 -14.52 -11.43 -24.64
CA SER J 107 -15.56 -10.84 -23.77
C SER J 107 -16.45 -11.83 -23.04
N ASP J 108 -16.63 -13.04 -23.57
CA ASP J 108 -17.39 -14.09 -22.89
C ASP J 108 -16.58 -14.84 -21.84
N GLY J 109 -15.28 -14.54 -21.70
CA GLY J 109 -14.42 -15.20 -20.72
C GLY J 109 -13.48 -16.28 -21.24
N GLU J 110 -13.56 -16.60 -22.51
CA GLU J 110 -12.60 -17.47 -23.11
C GLU J 110 -11.22 -16.83 -23.00
N VAL J 111 -10.24 -17.64 -22.65
CA VAL J 111 -8.83 -17.23 -22.67
C VAL J 111 -8.12 -18.17 -23.64
N LEU J 112 -7.25 -17.59 -24.45
CA LEU J 112 -6.43 -18.29 -25.43
C LEU J 112 -4.99 -17.83 -25.13
N TYR J 113 -4.08 -18.75 -24.87
CA TYR J 113 -2.70 -18.38 -24.57
C TYR J 113 -1.84 -19.29 -25.43
N MET J 114 -1.03 -18.69 -26.32
CA MET J 114 -0.19 -19.46 -27.22
C MET J 114 1.29 -19.09 -27.16
N PRO J 115 2.01 -19.44 -26.11
CA PRO J 115 3.44 -19.15 -26.07
C PRO J 115 4.22 -20.04 -27.01
N SER J 116 5.28 -19.50 -27.57
CA SER J 116 6.27 -20.32 -28.26
C SER J 116 7.28 -20.73 -27.19
N ILE J 117 7.55 -22.03 -27.16
CA ILE J 117 8.41 -22.64 -26.16
C ILE J 117 9.51 -23.48 -26.79
N ARG J 118 10.76 -23.22 -26.40
CA ARG J 118 11.87 -24.12 -26.63
C ARG J 118 12.06 -24.98 -25.38
N GLN J 119 12.17 -26.28 -25.56
CA GLN J 119 12.28 -27.19 -24.44
C GLN J 119 12.89 -28.53 -24.89
N ARG J 120 13.67 -29.14 -24.01
CA ARG J 120 14.26 -30.44 -24.27
C ARG J 120 13.46 -31.53 -23.59
N PHE J 121 13.39 -32.68 -24.25
CA PHE J 121 12.61 -33.82 -23.77
C PHE J 121 13.39 -35.11 -23.86
N SER J 122 13.01 -36.04 -23.00
CA SER J 122 13.49 -37.40 -23.04
C SER J 122 12.37 -38.21 -23.67
N CYS J 123 12.64 -38.77 -24.86
CA CYS J 123 11.67 -39.57 -25.61
C CYS J 123 12.36 -40.42 -26.68
N ASP J 124 11.56 -41.29 -27.33
CA ASP J 124 12.07 -42.28 -28.28
C ASP J 124 12.56 -41.62 -29.56
N VAL J 125 13.89 -41.56 -29.69
CA VAL J 125 14.54 -40.98 -30.86
C VAL J 125 15.00 -42.08 -31.84
N SER J 126 14.90 -43.34 -31.41
CA SER J 126 15.28 -44.43 -32.29
C SER J 126 14.59 -44.34 -33.64
N GLY J 127 15.32 -44.68 -34.68
CA GLY J 127 14.82 -44.66 -36.04
C GLY J 127 14.66 -43.28 -36.65
N VAL J 128 15.31 -42.28 -36.08
CA VAL J 128 15.26 -40.91 -36.63
C VAL J 128 15.86 -40.84 -38.04
N ASP J 129 16.84 -41.69 -38.32
CA ASP J 129 17.50 -41.68 -39.63
C ASP J 129 16.86 -42.63 -40.64
N THR J 130 15.66 -43.10 -40.33
CA THR J 130 14.94 -44.03 -41.18
C THR J 130 13.84 -43.30 -41.94
N GLU J 131 13.32 -43.99 -42.94
CA GLU J 131 12.09 -43.63 -43.65
C GLU J 131 10.86 -43.53 -42.69
N SER J 132 10.74 -44.52 -41.81
CA SER J 132 9.64 -44.59 -40.84
C SER J 132 9.72 -43.45 -39.84
N GLY J 133 10.95 -43.07 -39.53
CA GLY J 133 11.24 -41.97 -38.64
C GLY J 133 11.17 -42.37 -37.19
N ALA J 134 11.61 -41.45 -36.33
CA ALA J 134 11.42 -41.60 -34.89
C ALA J 134 10.03 -41.13 -34.48
N THR J 135 9.50 -41.70 -33.41
CA THR J 135 8.25 -41.22 -32.83
C THR J 135 8.50 -40.78 -31.39
N CYS J 136 8.54 -39.47 -31.21
CA CYS J 136 8.83 -38.86 -29.91
C CYS J 136 7.53 -38.42 -29.26
N ARG J 137 7.22 -38.99 -28.10
CA ARG J 137 5.96 -38.72 -27.40
C ARG J 137 6.19 -37.73 -26.26
N ILE J 138 5.46 -36.60 -26.30
CA ILE J 138 5.47 -35.57 -25.27
C ILE J 138 4.13 -35.58 -24.50
N LYS J 139 4.22 -35.72 -23.19
CA LYS J 139 3.07 -35.85 -22.28
C LYS J 139 2.89 -34.52 -21.53
N ILE J 140 1.70 -33.94 -21.62
CA ILE J 140 1.42 -32.66 -20.96
C ILE J 140 0.15 -32.73 -20.18
N GLY J 141 0.22 -32.29 -18.92
CA GLY J 141 -0.95 -32.19 -18.07
C GLY J 141 -0.80 -31.27 -16.88
N SER J 142 -1.86 -31.13 -16.10
CA SER J 142 -1.79 -30.32 -14.90
C SER J 142 -0.89 -31.01 -13.87
N TRP J 143 -0.06 -30.23 -13.21
CA TRP J 143 0.87 -30.77 -12.23
C TRP J 143 0.26 -30.99 -10.89
N THR J 144 -0.76 -30.19 -10.50
CA THR J 144 -1.37 -30.33 -9.15
C THR J 144 -2.89 -30.45 -9.11
N HIS J 145 -3.55 -30.27 -10.24
CA HIS J 145 -5.00 -30.41 -10.28
C HIS J 145 -5.35 -31.72 -10.97
N HIS J 146 -6.10 -32.53 -10.24
CA HIS J 146 -6.61 -33.81 -10.72
C HIS J 146 -7.83 -33.59 -11.62
N SER J 147 -8.43 -34.67 -12.08
CA SER J 147 -9.38 -34.65 -13.19
C SER J 147 -10.74 -34.03 -12.87
N ARG J 148 -11.11 -34.00 -11.59
CA ARG J 148 -12.33 -33.31 -11.14
C ARG J 148 -12.15 -31.80 -11.11
N GLU J 149 -10.93 -31.33 -11.33
CA GLU J 149 -10.59 -29.88 -11.31
C GLU J 149 -10.07 -29.36 -12.66
N ILE J 150 -9.20 -30.13 -13.30
CA ILE J 150 -8.78 -29.84 -14.67
C ILE J 150 -8.88 -31.09 -15.57
N SER J 151 -9.50 -30.94 -16.73
CA SER J 151 -9.50 -31.96 -17.77
C SER J 151 -8.71 -31.39 -18.93
N VAL J 152 -7.74 -32.12 -19.45
CA VAL J 152 -7.08 -31.66 -20.66
C VAL J 152 -7.66 -32.39 -21.87
N ASP J 153 -7.71 -31.73 -23.01
CA ASP J 153 -8.22 -32.37 -24.22
C ASP J 153 -7.58 -31.80 -25.46
N PRO J 154 -7.15 -32.65 -26.37
CA PRO J 154 -6.53 -32.17 -27.60
C PRO J 154 -7.58 -31.63 -28.57
N THR J 155 -7.11 -30.86 -29.54
CA THR J 155 -7.99 -30.22 -30.52
C THR J 155 -7.35 -30.28 -31.89
N THR J 156 -7.97 -31.07 -32.78
CA THR J 156 -7.50 -31.26 -34.15
C THR J 156 -8.42 -30.53 -35.15
N GLU J 157 -7.86 -29.51 -35.80
CA GLU J 157 -8.60 -28.64 -36.75
C GLU J 157 -8.62 -29.08 -38.23
N ASN J 158 -7.75 -30.03 -38.61
CA ASN J 158 -7.48 -30.42 -40.04
C ASN J 158 -6.33 -29.55 -40.63
N SER J 159 -5.72 -28.66 -39.82
CA SER J 159 -4.60 -27.86 -40.31
C SER J 159 -3.32 -28.70 -40.33
N ASP J 160 -2.58 -28.62 -41.44
CA ASP J 160 -1.30 -29.34 -41.65
C ASP J 160 -0.33 -29.26 -40.46
N ASP J 161 0.40 -30.36 -40.22
CA ASP J 161 1.33 -30.47 -39.09
C ASP J 161 2.60 -29.61 -39.30
N SER J 162 2.90 -29.29 -40.56
CA SER J 162 4.06 -28.49 -40.91
C SER J 162 3.67 -27.06 -41.27
N GLU J 163 2.43 -26.62 -41.04
CA GLU J 163 2.01 -25.28 -41.47
C GLU J 163 2.92 -24.19 -40.91
N TYR J 164 3.41 -24.41 -39.70
CA TYR J 164 4.30 -23.50 -39.04
C TYR J 164 5.69 -24.09 -38.85
N PHE J 165 5.93 -25.27 -39.41
CA PHE J 165 7.22 -25.90 -39.24
C PHE J 165 8.24 -25.28 -40.19
N SER J 166 9.46 -25.14 -39.68
CA SER J 166 10.54 -24.46 -40.39
C SER J 166 11.02 -25.33 -41.52
N GLN J 167 10.97 -24.79 -42.73
CA GLN J 167 11.46 -25.49 -43.93
C GLN J 167 12.98 -25.66 -43.86
N TYR J 168 13.62 -24.95 -42.93
CA TYR J 168 15.09 -24.91 -42.83
C TYR J 168 15.67 -25.81 -41.73
N SER J 169 14.80 -26.45 -40.97
CA SER J 169 15.23 -27.52 -40.06
C SER J 169 15.90 -28.66 -40.82
N ARG J 170 16.83 -29.34 -40.14
CA ARG J 170 17.46 -30.54 -40.67
C ARG J 170 16.44 -31.67 -40.77
N PHE J 171 15.37 -31.54 -40.00
CA PHE J 171 14.33 -32.57 -39.86
C PHE J 171 13.02 -32.17 -40.54
N GLU J 172 12.20 -33.18 -40.83
CA GLU J 172 10.84 -32.98 -41.35
C GLU J 172 9.81 -33.80 -40.57
N ILE J 173 8.56 -33.31 -40.58
CA ILE J 173 7.48 -33.94 -39.83
C ILE J 173 6.65 -34.82 -40.73
N LEU J 174 6.62 -36.11 -40.40
CA LEU J 174 5.77 -37.08 -41.07
C LEU J 174 4.34 -37.07 -40.56
N ASP J 175 4.19 -36.96 -39.24
CA ASP J 175 2.87 -37.02 -38.62
C ASP J 175 2.86 -36.51 -37.16
N VAL J 176 1.77 -35.87 -36.79
CA VAL J 176 1.56 -35.43 -35.43
C VAL J 176 0.17 -35.92 -35.04
N THR J 177 0.08 -36.77 -34.03
CA THR J 177 -1.21 -37.18 -33.46
C THR J 177 -1.29 -36.82 -31.99
N GLN J 178 -2.50 -36.52 -31.54
CA GLN J 178 -2.74 -36.08 -30.16
C GLN J 178 -3.84 -36.92 -29.52
N LYS J 179 -3.58 -37.51 -28.35
CA LYS J 179 -4.61 -38.22 -27.59
C LYS J 179 -4.59 -37.88 -26.08
N LYS J 180 -5.73 -38.00 -25.40
CA LYS J 180 -5.76 -37.78 -23.95
C LYS J 180 -5.63 -39.08 -23.19
N ASN J 181 -5.05 -39.01 -21.98
CA ASN J 181 -5.08 -40.12 -21.03
C ASN J 181 -5.41 -39.62 -19.63
N SER J 182 -5.89 -40.53 -18.78
CA SER J 182 -6.18 -40.31 -17.37
C SER J 182 -5.41 -41.35 -16.57
N VAL J 183 -4.42 -40.90 -15.80
CA VAL J 183 -3.46 -41.79 -15.13
C VAL J 183 -3.48 -41.65 -13.62
N THR J 184 -3.46 -42.80 -12.92
CA THR J 184 -3.35 -42.80 -11.47
C THR J 184 -1.90 -43.08 -11.08
N TYR J 185 -1.32 -42.15 -10.31
CA TYR J 185 0.06 -42.24 -9.82
C TYR J 185 0.06 -42.61 -8.34
N SER J 186 1.03 -43.42 -7.90
CA SER J 186 1.22 -43.80 -6.48
C SER J 186 1.04 -42.69 -5.42
N CYS J 187 1.59 -41.50 -5.68
CA CYS J 187 1.62 -40.38 -4.74
C CYS J 187 0.27 -39.98 -4.20
N CYS J 188 -0.70 -39.88 -5.10
CA CYS J 188 -1.93 -39.19 -4.81
C CYS J 188 -3.09 -40.10 -5.22
N PRO J 189 -4.23 -40.06 -4.53
CA PRO J 189 -5.30 -41.02 -4.84
C PRO J 189 -6.10 -40.73 -6.14
N GLU J 190 -6.19 -39.47 -6.55
CA GLU J 190 -6.96 -39.09 -7.75
C GLU J 190 -6.20 -39.40 -9.05
N ALA J 191 -6.91 -39.31 -10.17
CA ALA J 191 -6.29 -39.38 -11.49
C ALA J 191 -6.01 -38.00 -12.05
N TYR J 192 -4.89 -37.88 -12.74
CA TYR J 192 -4.53 -36.67 -13.39
C TYR J 192 -4.55 -36.91 -14.90
N GLU J 193 -5.03 -35.92 -15.63
CA GLU J 193 -5.16 -36.06 -17.06
C GLU J 193 -3.94 -35.49 -17.73
N ASP J 194 -3.68 -36.03 -18.91
CA ASP J 194 -2.67 -35.52 -19.81
C ASP J 194 -3.12 -35.64 -21.28
N VAL J 195 -2.46 -34.84 -22.13
CA VAL J 195 -2.51 -34.97 -23.56
C VAL J 195 -1.17 -35.52 -23.98
N GLU J 196 -1.22 -36.59 -24.76
CA GLU J 196 -0.04 -37.20 -25.33
C GLU J 196 0.11 -36.81 -26.80
N VAL J 197 1.19 -36.13 -27.10
CA VAL J 197 1.48 -35.63 -28.43
C VAL J 197 2.57 -36.48 -29.08
N SER J 198 2.21 -37.19 -30.13
CA SER J 198 3.15 -38.07 -30.84
C SER J 198 3.74 -37.40 -32.08
N LEU J 199 5.02 -37.06 -31.98
CA LEU J 199 5.78 -36.40 -33.04
C LEU J 199 6.55 -37.45 -33.79
N ASN J 200 6.00 -37.89 -34.92
CA ASN J 200 6.72 -38.75 -35.87
C ASN J 200 7.52 -37.86 -36.83
N PHE J 201 8.83 -37.89 -36.70
CA PHE J 201 9.71 -37.08 -37.52
C PHE J 201 10.93 -37.86 -38.00
N ARG J 202 11.68 -37.25 -38.90
CA ARG J 202 12.94 -37.83 -39.38
C ARG J 202 13.93 -36.81 -39.94
N LYS J 203 15.20 -37.24 -40.03
CA LYS J 203 16.24 -36.49 -40.73
C LYS J 203 15.94 -36.42 -42.22
N LYS J 204 16.12 -35.25 -42.83
CA LYS J 204 15.87 -35.07 -44.27
C LYS J 204 16.89 -35.82 -45.07
N GLY J 205 16.49 -36.28 -46.27
CA GLY J 205 17.34 -37.12 -47.10
C GLY J 205 17.62 -38.47 -46.44
N1 CCE K . -36.89 0.71 4.46
C2 CCE K . -36.07 0.07 3.42
C3 CCE K . -35.41 1.03 2.43
O4 CCE K . -34.67 0.31 1.43
C5 CCE K . -33.25 0.59 1.17
O7 CCE K . -32.72 -0.04 0.28
C8 CCE K . -36.15 1.80 5.16
C9 CCE K . -38.15 1.22 3.87
C10 CCE K . -37.19 -0.33 5.47
N6 CCE K . -32.59 1.51 1.88
N1 CCE L . -25.43 25.99 -8.63
C2 CCE L . -24.31 25.46 -9.44
C3 CCE L . -22.92 25.89 -8.97
O4 CCE L . -21.98 25.26 -9.83
C5 CCE L . -20.75 24.65 -9.31
O7 CCE L . -19.83 24.45 -10.09
C8 CCE L . -25.19 25.77 -7.19
C9 CCE L . -25.67 27.42 -8.95
C10 CCE L . -26.62 25.20 -9.00
N6 CCE L . -20.66 24.30 -8.03
N1 CCE M . 1.54 -35.53 -10.47
C2 CCE M . 0.79 -34.83 -9.39
C3 CCE M . 1.63 -34.41 -8.17
O4 CCE M . 0.76 -33.78 -7.21
C5 CCE M . 1.10 -32.52 -6.58
O7 CCE M . 0.51 -32.28 -5.54
C8 CCE M . 2.77 -34.79 -10.82
C9 CCE M . 1.84 -36.92 -10.05
C10 CCE M . 0.67 -35.55 -11.67
N6 CCE M . 2.01 -31.70 -7.13
#